data_6X0N
#
_entry.id   6X0N
#
_cell.length_a   1.00
_cell.length_b   1.00
_cell.length_c   1.00
_cell.angle_alpha   90.00
_cell.angle_beta   90.00
_cell.angle_gamma   90.00
#
_symmetry.space_group_name_H-M   'P 1'
#
loop_
_entity.id
_entity.type
_entity.pdbx_description
1 polymer 'Histone H3.2'
2 polymer 'Histone H4'
3 polymer 'Histone H2A'
4 polymer 'Histone H2B 1.1'
5 polymer 'DNA (167-MER)'
6 polymer 'DNA (167-MER)'
7 polymer 'Histone PARylation factor 1'
8 polymer 'Poly [ADP-ribose] polymerase 2'
#
loop_
_entity_poly.entity_id
_entity_poly.type
_entity_poly.pdbx_seq_one_letter_code
_entity_poly.pdbx_strand_id
1 'polypeptide(L)'
;ARTKQTARKSTGGKAPRKQLATKAARKSAPATGGVKKPHRYRPGTVALREIRRYQKSTELLIRKLPFQRLVREIAQDFKT
DLRFQSSAVMALQEASEAYLVALFEDTNLCAIHAKRVTIMPKDIQLARRIRGERA
;
A,E,a,e
2 'polypeptide(L)'
;SGRGKGGKGLGKGGAKRHRKVLRDNIQGITKPAIRRLARRGGVKRISGLIYEETRGVLKVFLENVIRDAVTYTEHAKRKT
VTAMDVVYALKRQGRTLYGFGG
;
B,F,b,f
3 'polypeptide(L)'
;SGRGKQGGKTRAKAKTRSSRAGLQFPVGRVHRLLRKGNYAERVGAGAPVYLAAVLEYLTAEILELAGNAARDNKKTRIIP
RHLQLAVRNDEELNKLLGRVTIAQGGVLPNIQSVLLPKKTESSKSAKSK
;
C,G,c,g
4 'polypeptide(L)'
;AKSAPAPKKGSKKAVTKTQKKDGKKRRKTRKESYAIYVYKVLKQVHPDTGISSKAMSIMNSFVNDVFERIAGEASRLAHY
NKRSTITSREIQTAVRLLLPGELAKHAVSEGTKAVTKYTSAK
;
D,H,d,h
5 'polydeoxyribonucleotide'
;(DC)(DA)(DA)(DT)(DA)(DC)(DA)(DT)(DG)(DC)(DA)(DC)(DA)(DG)(DG)(DA)(DT)(DG)(DT)(DA)
(DT)(DA)(DT)(DA)(DT)(DC)(DT)(DG)(DA)(DC)(DA)(DC)(DG)(DT)(DG)(DC)(DC)(DT)(DG)(DG)
(DA)(DG)(DA)(DC)(DT)(DA)(DG)(DG)(DG)(DA)(DG)(DT)(DA)(DA)(DT)(DC)(DC)(DC)(DC)(DT)
(DT)(DG)(DG)(DC)(DG)(DG)(DT)(DT)(DA)(DA)(DA)(DA)(DC)(DG)(DC)(DG)(DG)(DG)(DG)(DG)
(DA)(DC)(DA)(DG)(DC)(DG)(DC)(DG)(DT)(DA)(DC)(DG)(DT)(DG)(DC)(DG)(DT)(DT)(DT)(DA)
(DA)(DG)(DC)(DG)(DG)(DT)(DG)(DC)(DT)(DA)(DG)(DA)(DG)(DC)(DT)(DG)(DT)(DC)(DT)(DA)
(DC)(DG)(DA)(DC)(DC)(DA)(DA)(DT)(DT)(DG)(DA)(DG)(DC)(DG)(DG)(DC)(DC)(DT)(DC)(DG)
(DG)(DC)(DA)(DC)(DC)(DG)(DG)(DG)(DA)(DT)(DT)(DC)(DT)(DC)(DC)(DA)(DG)(DG)(DG)(DC)
(DA)(DT)(DC)(DA)(DT)(DA)(DG)
;
I,i
6 'polydeoxyribonucleotide'
;(DC)(DT)(DA)(DT)(DG)(DA)(DT)(DG)(DC)(DC)(DC)(DT)(DG)(DG)(DA)(DG)(DA)(DA)(DT)(DC)
(DC)(DC)(DG)(DG)(DT)(DG)(DC)(DC)(DG)(DA)(DG)(DG)(DC)(DC)(DG)(DC)(DT)(DC)(DA)(DA)
(DT)(DT)(DG)(DG)(DT)(DC)(DG)(DT)(DA)(DG)(DA)(DC)(DA)(DG)(DC)(DT)(DC)(DT)(DA)(DG)
(DC)(DA)(DC)(DC)(DG)(DC)(DT)(DT)(DA)(DA)(DA)(DC)(DG)(DC)(DA)(DC)(DG)(DT)(DA)(DC)
(DG)(DC)(DG)(DC)(DT)(DG)(DT)(DC)(DC)(DC)(DC)(DC)(DG)(DC)(DG)(DT)(DT)(DT)(DT)(DA)
(DA)(DC)(DC)(DG)(DC)(DC)(DA)(DA)(DG)(DG)(DG)(DG)(DA)(DT)(DT)(DA)(DC)(DT)(DC)(DC)
(DC)(DT)(DA)(DG)(DT)(DC)(DT)(DC)(DC)(DA)(DG)(DG)(DC)(DA)(DC)(DG)(DT)(DG)(DT)(DC)
(DA)(DG)(DA)(DT)(DA)(DT)(DA)(DT)(DA)(DC)(DA)(DT)(DC)(DC)(DT)(DG)(DT)(DG)(DC)(DA)
(DT)(DG)(DT)(DA)(DT)(DT)(DG)
;
J,j
7 'polypeptide(L)'
;MGHHHHHHGGMVGGGGKRRPGGEGPQCEKTTDVKKSKFCEADVSSDLRKEVENHYKLSLPEDFYHFWKFCEELDPEKPSD
SLSASLGLQLVGPYDILAGKHKTKKKSTGLNFNLHWRFYYDPPEFQTIIIGDNKTQYHMGYFRDSPDEFPVYVGINEAKK
NCIIVPNGDNVFAAVKLFLTKKLKEITDKKKINLLKNIDEKLTEAARELGYSLEQRTVKMKQRDKKVVTKTFHGAGLVVP
VDKNDVGYRELPETDADLKRICKTIVEAASDEERLKAFAPIQEMMTFVQFANDECDYGMGLELGMDLFCYGSHYFHKVAG
QLLPLAYNLLKRNLFAEIIEEHLANRSQENIDQLAA
;
O
8 'polypeptide(L)'
;MGSSHHHHHHSSGLVPRGSHMAARRRRSTGGGRARALNESKRVNNGNTAPEDSSPAKKTRRCQRQESKKMPVAGGKANKD
RTEDKQDESVKALLLKGKAPVDPECTAKVGKAHVYCEGNDVYDVMLNQTNLQFNNNKYYLIQLLEDDAQRNFSVWMRWGR
VGKMGQHSLVACSGNLNKAKEIFQKKFLDKTKNNWEDREKFEKVPGKYDMLQMDYATNTQDEEETKKEESLKSPLKPESQ
LDLRVQELIKLICNVQAMEEMMMEMKYNTKKAPLGKLTVAQIKAGYQSLKKIEDCIRAGQHGRALMEACNEFYTRIPHDF
GLRTPPLIRTQKELSEKIQLLEALGDIEIAIKLVKTELQSPEHPLDQHYRNLHCALRPLDHESYEFKVISQYLQSTHAPT
HSDYTMTLLDLFEVEKDGEKEAFREDLHNRMLLWHGSRMSNWVGILSHGLRIAPPEAPITGYMFGKGIYFADMSSKSANY
CFASRLKNTGLLLLSEVALGQCNELLEANPKAEGLLQGKHSTKGLGKMAPSSAHFVTLNGSTVPLGPASDTGILNPDGYT
LNYNEYIVYNPNQVRMRYLLKVQFNFLQLW
;
P,R
#
# COMPACT_ATOMS: atom_id res chain seq x y z
N LYS A 37 43.74 38.83 -5.07
CA LYS A 37 45.12 39.27 -5.25
C LYS A 37 45.38 40.71 -4.80
N PRO A 38 44.62 41.69 -5.28
CA PRO A 38 44.78 43.04 -4.73
C PRO A 38 44.49 42.96 -3.25
N HIS A 39 45.47 43.34 -2.45
CA HIS A 39 45.42 43.00 -1.04
C HIS A 39 44.08 43.38 -0.50
N ARG A 40 43.49 42.48 0.28
CA ARG A 40 42.23 42.79 0.91
C ARG A 40 42.33 42.35 2.34
N TYR A 41 41.96 43.24 3.24
CA TYR A 41 41.73 42.84 4.61
C TYR A 41 40.37 42.16 4.66
N ARG A 42 40.19 41.30 5.64
CA ARG A 42 38.91 40.64 5.74
C ARG A 42 37.90 41.64 6.30
N PRO A 43 36.60 41.39 6.12
CA PRO A 43 35.59 42.39 6.48
C PRO A 43 35.39 42.60 7.97
N GLY A 44 36.15 43.54 8.53
CA GLY A 44 36.02 43.94 9.93
C GLY A 44 37.34 44.35 10.57
N THR A 45 38.45 43.92 9.95
CA THR A 45 39.78 44.29 10.40
C THR A 45 40.03 45.80 10.34
N VAL A 46 39.67 46.43 9.21
CA VAL A 46 39.93 47.85 9.07
C VAL A 46 39.00 48.67 9.95
N ALA A 47 37.81 48.17 10.25
CA ALA A 47 36.94 48.88 11.18
C ALA A 47 37.56 48.93 12.57
N LEU A 48 38.13 47.82 13.03
CA LEU A 48 38.82 47.82 14.32
C LEU A 48 40.06 48.69 14.28
N ARG A 49 40.77 48.70 13.15
CA ARG A 49 41.91 49.60 12.99
C ARG A 49 41.49 51.05 13.15
N GLU A 50 40.39 51.43 12.51
CA GLU A 50 39.88 52.80 12.62
C GLU A 50 39.44 53.10 14.05
N ILE A 51 38.84 52.11 14.71
CA ILE A 51 38.47 52.28 16.12
C ILE A 51 39.69 52.62 16.95
N ARG A 52 40.75 51.83 16.78
CA ARG A 52 41.97 52.06 17.55
C ARG A 52 42.54 53.44 17.25
N ARG A 53 42.53 53.82 15.99
CA ARG A 53 43.08 55.12 15.59
C ARG A 53 42.30 56.26 16.23
N TYR A 54 40.97 56.23 16.08
CA TYR A 54 40.17 57.34 16.56
C TYR A 54 39.99 57.34 18.08
N GLN A 55 40.27 56.23 18.74
CA GLN A 55 40.33 56.24 20.19
C GLN A 55 41.70 56.62 20.70
N LYS A 56 42.74 56.43 19.88
CA LYS A 56 44.04 57.00 20.17
C LYS A 56 44.02 58.50 19.99
N SER A 57 43.34 58.99 18.97
CA SER A 57 43.39 60.38 18.57
C SER A 57 42.45 61.21 19.43
N THR A 58 42.56 62.54 19.31
CA THR A 58 41.70 63.46 20.05
C THR A 58 41.11 64.57 19.19
N GLU A 59 41.47 64.62 17.90
CA GLU A 59 41.00 65.70 17.05
C GLU A 59 39.53 65.54 16.71
N LEU A 60 38.90 66.66 16.36
CA LEU A 60 37.51 66.61 15.97
C LEU A 60 37.34 65.82 14.67
N LEU A 61 36.19 65.15 14.55
CA LEU A 61 35.92 64.20 13.47
C LEU A 61 34.85 64.66 12.49
N ILE A 62 34.15 65.74 12.81
CA ILE A 62 33.18 66.38 11.93
C ILE A 62 33.90 67.48 11.16
N ARG A 63 33.44 67.75 9.95
CA ARG A 63 34.04 68.83 9.19
C ARG A 63 33.65 70.17 9.80
N LYS A 64 34.66 71.03 9.98
CA LYS A 64 34.50 72.30 10.68
C LYS A 64 33.50 73.21 9.99
N LEU A 65 33.68 73.41 8.68
CA LEU A 65 32.84 74.37 7.97
C LEU A 65 31.39 73.92 7.92
N PRO A 66 31.07 72.66 7.60
CA PRO A 66 29.66 72.23 7.72
C PRO A 66 29.12 72.40 9.13
N PHE A 67 29.90 72.08 10.15
CA PHE A 67 29.40 72.25 11.51
C PHE A 67 29.11 73.71 11.82
N GLN A 68 29.99 74.62 11.38
CA GLN A 68 29.80 76.04 11.65
C GLN A 68 28.61 76.59 10.90
N ARG A 69 28.47 76.19 9.64
CA ARG A 69 27.30 76.59 8.86
C ARG A 69 26.02 76.06 9.51
N LEU A 70 26.07 74.82 9.98
CA LEU A 70 24.95 74.24 10.71
C LEU A 70 24.62 75.05 11.95
N VAL A 71 25.66 75.43 12.70
CA VAL A 71 25.49 76.17 13.94
C VAL A 71 24.83 77.52 13.67
N ARG A 72 25.31 78.23 12.65
CA ARG A 72 24.73 79.53 12.32
C ARG A 72 23.30 79.36 11.83
N GLU A 73 23.06 78.27 11.10
CA GLU A 73 21.72 77.97 10.62
C GLU A 73 20.77 77.71 11.77
N ILE A 74 21.22 76.94 12.76
CA ILE A 74 20.40 76.65 13.94
C ILE A 74 20.13 77.92 14.74
N ALA A 75 21.14 78.80 14.86
CA ALA A 75 20.94 80.00 15.66
C ALA A 75 20.07 81.01 14.95
N GLN A 76 20.03 80.96 13.62
CA GLN A 76 19.11 81.81 12.87
C GLN A 76 17.71 81.67 13.42
N ASP A 77 17.34 80.45 13.83
CA ASP A 77 16.00 80.13 14.31
C ASP A 77 15.76 80.70 15.71
N PHE A 78 16.83 81.04 16.41
CA PHE A 78 16.77 81.64 17.74
C PHE A 78 16.91 83.16 17.70
N LYS A 79 17.75 83.67 16.80
CA LYS A 79 17.97 85.10 16.64
C LYS A 79 18.64 85.30 15.29
N THR A 80 18.16 86.30 14.55
CA THR A 80 18.67 86.58 13.22
C THR A 80 19.89 87.49 13.30
N ASP A 81 20.69 87.47 12.23
CA ASP A 81 21.86 88.33 12.10
C ASP A 81 22.82 88.06 13.25
N LEU A 82 22.78 86.83 13.73
CA LEU A 82 23.66 86.43 14.81
C LEU A 82 25.08 86.33 14.29
N ARG A 83 26.02 86.66 15.16
CA ARG A 83 27.42 86.45 14.88
C ARG A 83 27.91 85.36 15.82
N PHE A 84 28.98 84.70 15.41
CA PHE A 84 29.53 83.62 16.22
C PHE A 84 31.00 83.87 16.40
N GLN A 85 31.45 83.70 17.64
CA GLN A 85 32.86 83.58 17.89
C GLN A 85 33.34 82.27 17.28
N SER A 86 34.56 82.29 16.74
CA SER A 86 35.15 81.06 16.23
C SER A 86 35.21 80.03 17.35
N SER A 87 35.55 80.49 18.56
CA SER A 87 35.63 79.64 19.73
C SER A 87 34.26 79.14 20.14
N ALA A 88 33.19 79.90 19.88
CA ALA A 88 31.86 79.38 20.16
C ALA A 88 31.55 78.18 19.26
N VAL A 89 31.81 78.32 17.95
CA VAL A 89 31.59 77.20 17.04
C VAL A 89 32.48 76.01 17.42
N MET A 90 33.73 76.27 17.80
CA MET A 90 34.63 75.18 18.17
C MET A 90 34.20 74.50 19.47
N ALA A 91 33.74 75.28 20.45
CA ALA A 91 33.23 74.70 21.69
C ALA A 91 32.01 73.85 21.39
N LEU A 92 31.13 74.35 20.53
CA LEU A 92 29.97 73.57 20.11
C LEU A 92 30.40 72.26 19.45
N GLN A 93 31.39 72.31 18.57
CA GLN A 93 31.82 71.11 17.88
C GLN A 93 32.48 70.12 18.84
N GLU A 94 33.32 70.60 19.75
CA GLU A 94 33.93 69.71 20.73
C GLU A 94 32.87 69.04 21.60
N ALA A 95 31.92 69.83 22.11
CA ALA A 95 30.84 69.26 22.91
C ALA A 95 30.03 68.26 22.12
N SER A 96 29.68 68.63 20.88
CA SER A 96 28.86 67.78 20.04
C SER A 96 29.56 66.46 19.74
N GLU A 97 30.84 66.52 19.40
CA GLU A 97 31.55 65.29 19.06
C GLU A 97 31.77 64.41 20.29
N ALA A 98 32.06 65.01 21.45
CA ALA A 98 32.13 64.20 22.67
C ALA A 98 30.79 63.54 22.91
N TYR A 99 29.71 64.29 22.71
CA TYR A 99 28.36 63.79 22.88
C TYR A 99 28.10 62.62 21.94
N LEU A 100 28.47 62.76 20.68
CA LEU A 100 28.23 61.71 19.69
C LEU A 100 29.10 60.50 19.96
N VAL A 101 30.34 60.70 20.44
CA VAL A 101 31.21 59.56 20.72
C VAL A 101 30.66 58.76 21.89
N ALA A 102 30.18 59.47 22.92
CA ALA A 102 29.55 58.77 24.04
C ALA A 102 28.28 58.08 23.59
N LEU A 103 27.53 58.71 22.69
CA LEU A 103 26.32 58.12 22.16
C LEU A 103 26.63 56.85 21.38
N PHE A 104 27.72 56.84 20.61
CA PHE A 104 28.08 55.65 19.87
C PHE A 104 28.60 54.55 20.78
N GLU A 105 29.29 54.91 21.85
CA GLU A 105 29.66 53.93 22.86
C GLU A 105 28.43 53.27 23.48
N ASP A 106 27.46 54.09 23.89
CA ASP A 106 26.24 53.56 24.48
C ASP A 106 25.44 52.75 23.48
N THR A 107 25.41 53.19 22.22
CA THR A 107 24.71 52.45 21.19
C THR A 107 25.38 51.09 20.96
N ASN A 108 26.70 51.05 20.99
CA ASN A 108 27.40 49.78 20.88
C ASN A 108 27.06 48.86 22.04
N LEU A 109 26.96 49.43 23.26
CA LEU A 109 26.54 48.62 24.40
C LEU A 109 25.12 48.10 24.21
N CYS A 110 24.23 48.94 23.68
CA CYS A 110 22.86 48.52 23.41
C CYS A 110 22.84 47.39 22.39
N ALA A 111 23.70 47.49 21.37
CA ALA A 111 23.76 46.49 20.33
C ALA A 111 24.29 45.18 20.89
N ILE A 112 25.32 45.25 21.73
CA ILE A 112 25.85 44.05 22.37
C ILE A 112 24.78 43.43 23.25
N HIS A 113 23.95 44.27 23.88
CA HIS A 113 22.83 43.74 24.65
C HIS A 113 21.91 42.93 23.77
N ALA A 114 21.71 43.39 22.53
CA ALA A 114 20.91 42.67 21.56
C ALA A 114 21.75 41.67 20.79
N LYS A 115 22.90 41.25 21.34
CA LYS A 115 23.72 40.18 20.77
C LYS A 115 24.26 40.54 19.39
N ARG A 116 24.48 41.83 19.14
CA ARG A 116 25.06 42.25 17.87
C ARG A 116 26.41 42.91 18.05
N VAL A 117 27.12 43.03 16.93
CA VAL A 117 28.32 43.85 16.82
C VAL A 117 28.10 45.04 15.92
N THR A 118 26.86 45.23 15.47
CA THR A 118 26.47 46.28 14.53
C THR A 118 25.53 47.20 15.28
N ILE A 119 25.87 48.48 15.34
CA ILE A 119 24.98 49.41 16.03
C ILE A 119 23.80 49.72 15.13
N MET A 120 22.63 49.84 15.74
CA MET A 120 21.39 50.06 15.02
C MET A 120 20.59 51.20 15.64
N PRO A 121 19.65 51.77 14.89
CA PRO A 121 18.79 52.83 15.46
C PRO A 121 18.08 52.43 16.73
N LYS A 122 17.67 51.16 16.88
CA LYS A 122 17.01 50.75 18.11
C LYS A 122 17.97 50.74 19.28
N ASP A 123 19.26 50.50 19.03
CA ASP A 123 20.25 50.65 20.08
C ASP A 123 20.34 52.10 20.54
N ILE A 124 20.36 53.03 19.58
CA ILE A 124 20.38 54.46 19.91
C ILE A 124 19.14 54.81 20.72
N GLN A 125 17.97 54.34 20.28
CA GLN A 125 16.71 54.66 20.93
C GLN A 125 16.67 54.11 22.35
N LEU A 126 17.16 52.89 22.55
CA LEU A 126 17.19 52.31 23.87
C LEU A 126 18.13 53.08 24.79
N ALA A 127 19.32 53.42 24.28
CA ALA A 127 20.25 54.18 25.10
C ALA A 127 19.64 55.51 25.52
N ARG A 128 19.01 56.21 24.59
CA ARG A 128 18.45 57.51 24.95
C ARG A 128 17.23 57.39 25.85
N ARG A 129 16.47 56.31 25.72
CA ARG A 129 15.34 56.13 26.63
C ARG A 129 15.81 55.80 28.04
N ILE A 130 16.79 54.92 28.17
CA ILE A 130 17.30 54.57 29.48
C ILE A 130 17.97 55.77 30.13
N ARG A 131 18.71 56.54 29.32
CA ARG A 131 19.32 57.75 29.81
C ARG A 131 18.27 58.71 30.32
N GLY A 132 17.08 58.68 29.72
CA GLY A 132 16.00 59.59 30.04
C GLY A 132 16.00 60.73 29.06
N GLU A 133 16.04 60.38 27.78
CA GLU A 133 16.05 61.36 26.71
C GLU A 133 14.89 61.22 25.74
N ARG A 134 13.98 60.27 25.97
CA ARG A 134 12.84 60.08 25.10
C ARG A 134 11.73 59.33 25.84
N VAL B 21 21.29 82.99 5.10
CA VAL B 21 20.59 81.86 5.66
C VAL B 21 21.21 80.55 5.19
N LEU B 22 21.57 79.69 6.13
CA LEU B 22 22.20 78.42 5.84
C LEU B 22 21.14 77.31 5.83
N ARG B 23 21.41 76.27 5.04
CA ARG B 23 20.47 75.17 4.89
C ARG B 23 21.24 73.91 4.51
N ASP B 24 20.65 72.76 4.84
CA ASP B 24 21.17 71.44 4.44
C ASP B 24 22.66 71.32 4.75
N ASN B 25 23.08 71.85 5.90
CA ASN B 25 24.48 71.77 6.23
C ASN B 25 24.79 70.52 7.04
N ILE B 26 23.74 69.81 7.50
CA ILE B 26 23.96 68.59 8.25
C ILE B 26 24.59 67.52 7.35
N GLN B 27 24.30 67.55 6.05
CA GLN B 27 24.96 66.61 5.17
C GLN B 27 26.45 66.87 5.09
N GLY B 28 26.91 68.03 5.57
CA GLY B 28 28.32 68.26 5.70
C GLY B 28 28.92 67.42 6.79
N ILE B 29 28.06 66.85 7.64
CA ILE B 29 28.45 65.85 8.62
C ILE B 29 28.37 64.54 7.84
N THR B 30 29.49 64.13 7.28
CA THR B 30 29.41 63.11 6.26
C THR B 30 29.30 61.72 6.87
N LYS B 31 28.90 60.77 6.02
CA LYS B 31 28.88 59.37 6.45
C LYS B 31 30.27 58.93 6.90
N PRO B 32 31.36 59.26 6.19
CA PRO B 32 32.69 58.94 6.74
C PRO B 32 32.96 59.68 8.03
N ALA B 33 32.44 60.90 8.18
CA ALA B 33 32.64 61.62 9.43
C ALA B 33 31.93 60.91 10.57
N ILE B 34 30.70 60.46 10.32
CA ILE B 34 29.94 59.70 11.30
C ILE B 34 30.65 58.39 11.62
N ARG B 35 31.23 57.77 10.59
CA ARG B 35 31.99 56.54 10.79
C ARG B 35 33.22 56.79 11.65
N ARG B 36 33.88 57.93 11.44
CA ARG B 36 35.05 58.26 12.25
C ARG B 36 34.65 58.44 13.71
N LEU B 37 33.51 59.11 13.93
CA LEU B 37 33.00 59.28 15.27
C LEU B 37 32.66 57.95 15.92
N ALA B 38 32.00 57.05 15.17
CA ALA B 38 31.64 55.76 15.73
C ALA B 38 32.88 54.91 16.01
N ARG B 39 33.91 55.05 15.19
CA ARG B 39 35.16 54.35 15.45
C ARG B 39 35.77 54.87 16.74
N ARG B 40 35.78 56.18 16.93
CA ARG B 40 36.22 56.74 18.20
C ARG B 40 35.31 56.31 19.33
N GLY B 41 34.03 56.08 19.02
CA GLY B 41 33.12 55.51 19.98
C GLY B 41 33.24 54.02 20.12
N GLY B 42 34.22 53.42 19.45
CA GLY B 42 34.44 51.99 19.55
C GLY B 42 33.55 51.13 18.71
N VAL B 43 32.72 51.70 17.86
CA VAL B 43 31.81 50.91 17.04
C VAL B 43 32.58 50.23 15.92
N LYS B 44 32.26 48.94 15.69
CA LYS B 44 32.93 48.14 14.68
C LYS B 44 32.13 47.98 13.40
N ARG B 45 30.81 47.93 13.49
CA ARG B 45 30.00 47.68 12.32
C ARG B 45 28.81 48.61 12.41
N ILE B 46 28.50 49.28 11.31
CA ILE B 46 27.61 50.41 11.32
C ILE B 46 26.52 50.17 10.30
N SER B 47 25.28 50.10 10.76
CA SER B 47 24.15 50.05 9.85
C SER B 47 24.17 51.29 8.97
N GLY B 48 23.65 51.16 7.75
CA GLY B 48 23.58 52.30 6.87
C GLY B 48 22.58 53.34 7.35
N LEU B 49 21.64 52.95 8.21
CA LEU B 49 20.64 53.83 8.77
C LEU B 49 21.13 54.61 9.98
N ILE B 50 22.35 54.33 10.45
CA ILE B 50 22.84 54.97 11.67
C ILE B 50 23.08 56.46 11.42
N TYR B 51 23.37 56.82 10.17
CA TYR B 51 23.86 58.16 9.85
C TYR B 51 22.76 59.21 9.96
N GLU B 52 21.56 58.89 9.48
CA GLU B 52 20.45 59.83 9.61
C GLU B 52 20.03 60.03 11.06
N GLU B 53 19.98 58.94 11.84
CA GLU B 53 19.67 59.07 13.25
C GLU B 53 20.70 59.92 14.00
N THR B 54 21.99 59.69 13.73
CA THR B 54 23.02 60.47 14.42
C THR B 54 22.95 61.93 14.02
N ARG B 55 22.69 62.22 12.73
CA ARG B 55 22.52 63.60 12.32
C ARG B 55 21.34 64.25 13.03
N GLY B 56 20.20 63.55 13.10
CA GLY B 56 19.06 64.10 13.82
C GLY B 56 19.33 64.39 15.28
N VAL B 57 20.00 63.46 15.98
CA VAL B 57 20.31 63.67 17.39
C VAL B 57 21.26 64.87 17.53
N LEU B 58 22.28 64.94 16.68
CA LEU B 58 23.21 66.04 16.78
C LEU B 58 22.50 67.36 16.51
N LYS B 59 21.53 67.36 15.60
CA LYS B 59 20.78 68.57 15.32
C LYS B 59 19.92 69.00 16.50
N VAL B 60 19.26 68.06 17.17
CA VAL B 60 18.47 68.43 18.35
C VAL B 60 19.38 68.97 19.44
N PHE B 61 20.53 68.32 19.65
CA PHE B 61 21.50 68.76 20.65
C PHE B 61 21.97 70.18 20.37
N LEU B 62 22.36 70.45 19.13
CA LEU B 62 22.83 71.78 18.78
C LEU B 62 21.71 72.80 18.91
N GLU B 63 20.49 72.43 18.54
CA GLU B 63 19.37 73.36 18.69
C GLU B 63 19.18 73.74 20.14
N ASN B 64 19.22 72.77 21.05
CA ASN B 64 19.07 73.09 22.47
C ASN B 64 20.19 73.99 22.96
N VAL B 65 21.44 73.60 22.70
CA VAL B 65 22.57 74.37 23.21
C VAL B 65 22.54 75.79 22.65
N ILE B 66 22.27 75.92 21.36
CA ILE B 66 22.31 77.22 20.72
C ILE B 66 21.11 78.06 21.14
N ARG B 67 19.96 77.44 21.38
CA ARG B 67 18.83 78.17 21.93
C ARG B 67 19.18 78.78 23.27
N ASP B 68 19.80 77.99 24.15
CA ASP B 68 20.19 78.54 25.45
C ASP B 68 21.23 79.64 25.28
N ALA B 69 22.18 79.44 24.37
CA ALA B 69 23.23 80.43 24.17
C ALA B 69 22.66 81.74 23.66
N VAL B 70 21.72 81.65 22.70
CA VAL B 70 21.10 82.84 22.14
C VAL B 70 20.17 83.50 23.14
N THR B 71 19.54 82.73 24.04
CA THR B 71 18.80 83.36 25.13
C THR B 71 19.73 84.19 26.00
N TYR B 72 20.90 83.64 26.32
CA TYR B 72 21.89 84.41 27.07
C TYR B 72 22.31 85.65 26.29
N THR B 73 22.52 85.50 24.99
CA THR B 73 22.91 86.62 24.15
C THR B 73 21.86 87.72 24.17
N GLU B 74 20.58 87.35 24.02
CA GLU B 74 19.52 88.35 24.02
C GLU B 74 19.39 89.02 25.37
N HIS B 75 19.48 88.26 26.46
CA HIS B 75 19.46 88.88 27.78
C HIS B 75 20.65 89.81 27.94
N ALA B 76 21.82 89.36 27.49
CA ALA B 76 23.03 90.16 27.51
C ALA B 76 22.97 91.31 26.52
N LYS B 77 21.86 91.45 25.79
CA LYS B 77 21.70 92.49 24.78
C LYS B 77 22.76 92.43 23.68
N ARG B 78 23.35 91.25 23.48
CA ARG B 78 24.36 91.09 22.44
C ARG B 78 23.73 90.66 21.12
N LYS B 79 24.53 90.76 20.05
CA LYS B 79 24.17 90.24 18.74
C LYS B 79 25.08 89.12 18.28
N THR B 80 26.02 88.69 19.12
CA THR B 80 27.00 87.69 18.77
C THR B 80 26.96 86.53 19.77
N VAL B 81 26.73 85.32 19.27
CA VAL B 81 26.81 84.17 20.16
C VAL B 81 28.27 83.97 20.50
N THR B 82 28.58 83.97 21.78
CA THR B 82 29.94 83.84 22.25
C THR B 82 30.24 82.44 22.76
N ALA B 83 31.54 82.15 22.85
CA ALA B 83 31.97 80.89 23.44
C ALA B 83 31.44 80.76 24.85
N MET B 84 31.33 81.88 25.56
CA MET B 84 30.76 81.86 26.91
C MET B 84 29.26 81.56 26.86
N ASP B 85 28.55 82.07 25.86
CA ASP B 85 27.14 81.71 25.74
C ASP B 85 26.98 80.20 25.56
N VAL B 86 27.81 79.60 24.70
CA VAL B 86 27.76 78.16 24.50
C VAL B 86 28.17 77.43 25.76
N VAL B 87 29.20 77.92 26.46
CA VAL B 87 29.68 77.22 27.65
C VAL B 87 28.65 77.28 28.75
N TYR B 88 27.97 78.43 28.89
CA TYR B 88 26.90 78.54 29.87
C TYR B 88 25.72 77.66 29.49
N ALA B 89 25.40 77.58 28.20
CA ALA B 89 24.34 76.67 27.77
C ALA B 89 24.67 75.23 28.14
N LEU B 90 25.90 74.80 27.83
CA LEU B 90 26.32 73.44 28.14
C LEU B 90 26.32 73.18 29.64
N LYS B 91 26.89 74.10 30.41
CA LYS B 91 26.91 73.96 31.86
C LYS B 91 25.49 73.92 32.41
N ARG B 92 24.61 74.71 31.80
CA ARG B 92 23.20 74.71 32.17
C ARG B 92 22.58 73.38 31.83
N GLN B 93 22.98 72.80 30.70
CA GLN B 93 22.57 71.48 30.26
C GLN B 93 23.41 70.37 30.90
N GLY B 94 24.15 70.67 31.96
CA GLY B 94 24.91 69.64 32.65
C GLY B 94 26.08 69.12 31.84
N ARG B 95 26.68 69.96 31.01
CA ARG B 95 27.80 69.56 30.18
C ARG B 95 28.95 70.54 30.30
N THR B 96 29.34 70.84 31.54
CA THR B 96 30.46 71.75 31.79
C THR B 96 31.61 71.44 30.85
N LEU B 97 32.23 72.48 30.30
CA LEU B 97 33.27 72.31 29.29
C LEU B 97 34.51 73.11 29.66
N TYR B 98 35.61 72.42 29.91
CA TYR B 98 36.87 73.11 30.18
C TYR B 98 37.60 73.41 28.88
N GLY B 99 38.35 74.49 28.88
CA GLY B 99 39.22 74.85 27.79
C GLY B 99 38.68 75.97 26.91
N PHE B 100 37.60 76.63 27.33
CA PHE B 100 37.02 77.75 26.62
C PHE B 100 36.59 78.85 27.58
N GLY B 101 37.21 78.92 28.75
CA GLY B 101 36.88 79.93 29.74
C GLY B 101 35.95 79.39 30.81
N THR C 10 -0.97 110.41 57.91
CA THR C 10 -1.38 109.01 57.95
C THR C 10 -0.96 108.30 56.68
N ARG C 11 -0.49 107.07 56.85
CA ARG C 11 -0.11 106.26 55.70
C ARG C 11 -1.34 105.77 54.96
N ALA C 12 -1.12 105.31 53.74
CA ALA C 12 -2.17 104.63 53.00
C ALA C 12 -2.49 103.30 53.64
N LYS C 13 -3.63 102.74 53.27
CA LYS C 13 -4.01 101.41 53.70
C LYS C 13 -2.88 100.42 53.45
N ALA C 14 -2.57 99.59 54.44
CA ALA C 14 -1.61 98.53 54.19
C ALA C 14 -2.21 97.57 53.18
N LYS C 15 -1.79 97.72 51.92
CA LYS C 15 -2.40 97.02 50.79
C LYS C 15 -1.34 96.19 50.10
N THR C 16 -1.57 94.88 50.03
CA THR C 16 -0.51 94.00 49.59
C THR C 16 -0.10 94.29 48.15
N ARG C 17 1.18 94.04 47.87
CA ARG C 17 1.74 94.20 46.55
C ARG C 17 1.15 93.18 45.58
N SER C 18 0.66 92.05 46.09
CA SER C 18 -0.01 91.07 45.25
C SER C 18 -1.28 91.63 44.64
N SER C 19 -1.98 92.50 45.37
CA SER C 19 -3.18 93.09 44.79
C SER C 19 -2.78 94.13 43.75
N ARG C 20 -1.70 94.84 44.01
CA ARG C 20 -1.19 95.81 43.04
C ARG C 20 -0.72 95.10 41.77
N ALA C 21 -0.09 93.94 41.91
CA ALA C 21 0.37 93.14 40.78
C ALA C 21 -0.74 92.27 40.20
N GLY C 22 -1.92 92.26 40.82
CA GLY C 22 -3.00 91.39 40.40
C GLY C 22 -2.67 89.93 40.53
N LEU C 23 -2.18 89.52 41.70
CA LEU C 23 -1.75 88.16 41.95
C LEU C 23 -2.46 87.60 43.18
N GLN C 24 -2.38 86.28 43.33
CA GLN C 24 -2.82 85.65 44.56
C GLN C 24 -1.64 85.27 45.42
N PHE C 25 -0.47 85.19 44.83
CA PHE C 25 0.73 84.84 45.55
C PHE C 25 1.33 86.12 46.12
N PRO C 26 2.00 86.06 47.27
CA PRO C 26 2.39 87.29 47.97
C PRO C 26 3.58 87.97 47.33
N VAL C 27 3.32 89.06 46.62
CA VAL C 27 4.39 89.81 45.96
C VAL C 27 5.33 90.44 46.98
N GLY C 28 4.79 90.97 48.07
CA GLY C 28 5.67 91.58 49.06
C GLY C 28 6.53 90.52 49.72
N ARG C 29 5.93 89.38 50.04
CA ARG C 29 6.68 88.27 50.61
C ARG C 29 7.70 87.75 49.60
N VAL C 30 7.34 87.69 48.31
CA VAL C 30 8.28 87.25 47.28
C VAL C 30 9.44 88.23 47.20
N HIS C 31 9.17 89.52 47.31
CA HIS C 31 10.22 90.53 47.34
C HIS C 31 11.14 90.29 48.53
N ARG C 32 10.55 89.98 49.67
CA ARG C 32 11.36 89.72 50.85
C ARG C 32 12.22 88.48 50.65
N LEU C 33 11.64 87.40 50.11
CA LEU C 33 12.41 86.19 49.86
C LEU C 33 13.48 86.38 48.81
N LEU C 34 13.26 87.25 47.83
CA LEU C 34 14.31 87.53 46.86
C LEU C 34 15.41 88.33 47.53
N ARG C 35 15.02 89.34 48.31
CA ARG C 35 16.00 90.16 49.01
C ARG C 35 16.73 89.31 50.04
N LYS C 36 16.02 88.38 50.67
CA LYS C 36 16.56 87.59 51.78
C LYS C 36 16.96 86.20 51.34
N GLY C 37 17.04 85.98 50.04
CA GLY C 37 17.42 84.68 49.52
C GLY C 37 18.84 84.65 49.04
N ASN C 38 19.54 85.78 49.19
CA ASN C 38 20.92 85.90 48.71
C ASN C 38 20.95 85.57 47.22
N TYR C 39 20.15 86.32 46.46
CA TYR C 39 20.08 86.16 45.02
C TYR C 39 20.78 87.26 44.26
N ALA C 40 20.74 88.48 44.77
CA ALA C 40 21.44 89.60 44.17
C ALA C 40 21.60 90.67 45.23
N GLU C 41 22.35 91.71 44.89
CA GLU C 41 22.49 92.83 45.81
C GLU C 41 21.17 93.57 45.94
N ARG C 42 20.43 93.68 44.84
CA ARG C 42 19.19 94.43 44.81
C ARG C 42 18.16 93.59 44.09
N VAL C 43 16.90 93.87 44.36
CA VAL C 43 15.79 93.21 43.68
C VAL C 43 14.93 94.33 43.11
N GLY C 44 14.69 94.29 41.81
CA GLY C 44 13.83 95.28 41.20
C GLY C 44 12.41 95.11 41.68
N ALA C 45 11.60 96.15 41.47
CA ALA C 45 10.24 96.05 41.98
C ALA C 45 9.44 95.04 41.18
N GLY C 46 9.78 94.88 39.91
CA GLY C 46 9.08 93.95 39.06
C GLY C 46 9.62 92.54 39.15
N ALA C 47 10.84 92.35 39.64
CA ALA C 47 11.36 90.99 39.74
C ALA C 47 10.50 90.09 40.62
N PRO C 48 10.15 90.47 41.85
CA PRO C 48 9.32 89.58 42.67
C PRO C 48 7.94 89.43 42.11
N VAL C 49 7.45 90.48 41.47
CA VAL C 49 6.14 90.44 40.83
C VAL C 49 6.14 89.42 39.71
N TYR C 50 7.16 89.50 38.85
CA TYR C 50 7.33 88.58 37.75
C TYR C 50 7.42 87.15 38.29
N LEU C 51 8.18 86.98 39.37
CA LEU C 51 8.39 85.66 39.93
C LEU C 51 7.12 85.12 40.56
N ALA C 52 6.36 85.98 41.23
CA ALA C 52 5.09 85.55 41.80
C ALA C 52 4.11 85.17 40.72
N ALA C 53 4.10 85.93 39.62
CA ALA C 53 3.25 85.60 38.48
C ALA C 53 3.62 84.24 37.90
N VAL C 54 4.91 83.98 37.74
CA VAL C 54 5.33 82.70 37.15
C VAL C 54 5.00 81.55 38.08
N LEU C 55 5.31 81.71 39.37
CA LEU C 55 5.00 80.68 40.35
C LEU C 55 3.50 80.41 40.41
N GLU C 56 2.70 81.48 40.36
CA GLU C 56 1.25 81.34 40.40
C GLU C 56 0.74 80.65 39.14
N TYR C 57 1.31 80.98 37.98
CA TYR C 57 0.87 80.34 36.76
C TYR C 57 1.19 78.85 36.77
N LEU C 58 2.40 78.50 37.19
CA LEU C 58 2.76 77.09 37.25
C LEU C 58 1.93 76.36 38.28
N THR C 59 1.67 77.00 39.41
CA THR C 59 0.78 76.44 40.43
C THR C 59 -0.61 76.22 39.89
N ALA C 60 -1.15 77.21 39.17
CA ALA C 60 -2.49 77.09 38.60
C ALA C 60 -2.54 75.98 37.57
N GLU C 61 -1.48 75.83 36.79
CA GLU C 61 -1.43 74.75 35.82
C GLU C 61 -1.49 73.40 36.52
N ILE C 62 -0.61 73.21 37.51
CA ILE C 62 -0.58 71.95 38.24
C ILE C 62 -1.90 71.71 38.95
N LEU C 63 -2.47 72.74 39.57
CA LEU C 63 -3.70 72.55 40.32
C LEU C 63 -4.86 72.25 39.40
N GLU C 64 -4.88 72.86 38.22
CA GLU C 64 -5.92 72.54 37.25
C GLU C 64 -5.82 71.08 36.83
N LEU C 65 -4.62 70.65 36.44
CA LEU C 65 -4.43 69.27 36.03
C LEU C 65 -4.69 68.29 37.17
N ALA C 66 -4.27 68.65 38.39
CA ALA C 66 -4.46 67.76 39.53
C ALA C 66 -5.91 67.68 39.93
N GLY C 67 -6.67 68.77 39.76
CA GLY C 67 -8.09 68.71 40.00
C GLY C 67 -8.76 67.87 38.94
N ASN C 68 -8.27 67.96 37.71
CA ASN C 68 -8.71 67.06 36.67
C ASN C 68 -8.46 65.60 37.06
N ALA C 69 -7.26 65.31 37.56
CA ALA C 69 -6.92 63.95 37.95
C ALA C 69 -7.74 63.49 39.14
N ALA C 70 -8.07 64.40 40.05
CA ALA C 70 -8.94 64.06 41.18
C ALA C 70 -10.34 63.76 40.70
N ARG C 71 -10.84 64.58 39.79
CA ARG C 71 -12.16 64.36 39.21
C ARG C 71 -12.18 63.07 38.43
N ASP C 72 -11.05 62.71 37.80
CA ASP C 72 -10.95 61.48 37.03
C ASP C 72 -10.91 60.26 37.92
N ASN C 73 -10.84 60.45 39.24
CA ASN C 73 -10.97 59.38 40.22
C ASN C 73 -12.24 59.55 41.05
N LYS C 74 -13.18 60.39 40.60
CA LYS C 74 -14.43 60.66 41.30
C LYS C 74 -14.19 61.27 42.67
N LYS C 75 -13.03 61.89 42.84
CA LYS C 75 -12.70 62.60 44.06
C LYS C 75 -12.94 64.09 43.89
N THR C 76 -13.21 64.74 45.01
CA THR C 76 -13.37 66.18 45.07
C THR C 76 -12.14 66.83 45.69
N ARG C 77 -11.26 66.03 46.28
CA ARG C 77 -10.05 66.49 46.91
C ARG C 77 -8.84 65.95 46.17
N ILE C 78 -7.91 66.83 45.81
CA ILE C 78 -6.68 66.42 45.14
C ILE C 78 -5.82 65.62 46.11
N ILE C 79 -5.25 64.52 45.63
CA ILE C 79 -4.32 63.73 46.44
C ILE C 79 -3.04 63.55 45.63
N PRO C 80 -1.96 63.04 46.24
CA PRO C 80 -0.73 62.82 45.48
C PRO C 80 -0.94 62.01 44.23
N ARG C 81 -1.88 61.05 44.25
CA ARG C 81 -2.18 60.31 43.03
C ARG C 81 -2.68 61.24 41.95
N HIS C 82 -3.55 62.17 42.31
CA HIS C 82 -4.06 63.12 41.33
C HIS C 82 -2.94 64.03 40.83
N LEU C 83 -2.06 64.46 41.74
CA LEU C 83 -0.92 65.25 41.33
C LEU C 83 -0.03 64.48 40.37
N GLN C 84 0.22 63.22 40.66
CA GLN C 84 1.08 62.41 39.80
C GLN C 84 0.43 62.18 38.45
N LEU C 85 -0.87 61.89 38.44
CA LEU C 85 -1.57 61.73 37.18
C LEU C 85 -1.46 63.01 36.35
N ALA C 86 -1.74 64.14 36.99
CA ALA C 86 -1.63 65.43 36.32
C ALA C 86 -0.25 65.67 35.74
N VAL C 87 0.78 65.54 36.57
CA VAL C 87 2.13 65.87 36.16
C VAL C 87 2.60 64.93 35.05
N ARG C 88 2.44 63.63 35.27
CA ARG C 88 2.96 62.65 34.33
C ARG C 88 2.10 62.61 33.08
N ASN C 89 0.90 63.17 33.13
CA ASN C 89 0.08 63.30 31.94
C ASN C 89 0.36 64.56 31.18
N ASP C 90 0.81 65.62 31.84
CA ASP C 90 1.17 66.83 31.12
C ASP C 90 2.62 66.73 30.67
N GLU C 91 2.87 67.01 29.40
CA GLU C 91 4.20 66.75 28.87
C GLU C 91 5.21 67.72 29.45
N GLU C 92 4.87 69.01 29.46
CA GLU C 92 5.84 69.98 29.94
C GLU C 92 5.96 69.90 31.45
N LEU C 93 4.86 69.64 32.16
CA LEU C 93 4.94 69.43 33.59
C LEU C 93 5.71 68.16 33.92
N ASN C 94 5.53 67.11 33.12
CA ASN C 94 6.31 65.89 33.30
C ASN C 94 7.78 66.15 33.01
N LYS C 95 8.05 67.09 32.11
CA LYS C 95 9.43 67.48 31.84
C LYS C 95 10.00 68.29 32.99
N LEU C 96 9.20 69.18 33.53
CA LEU C 96 9.63 70.02 34.64
C LEU C 96 9.87 69.19 35.89
N LEU C 97 9.03 68.18 36.11
CA LEU C 97 9.18 67.26 37.23
C LEU C 97 9.72 65.91 36.79
N GLY C 98 10.65 65.91 35.83
CA GLY C 98 11.16 64.67 35.29
C GLY C 98 11.90 63.87 36.35
N ARG C 99 12.66 64.54 37.20
CA ARG C 99 13.40 63.90 38.28
C ARG C 99 12.77 64.25 39.62
N VAL C 100 11.45 64.36 39.64
CA VAL C 100 10.69 64.60 40.87
C VAL C 100 9.89 63.35 41.17
N THR C 101 9.83 63.00 42.45
CA THR C 101 9.02 61.91 42.96
C THR C 101 7.89 62.47 43.81
N ILE C 102 6.65 62.14 43.46
CA ILE C 102 5.50 62.59 44.23
C ILE C 102 5.18 61.48 45.22
N ALA C 103 5.29 61.78 46.51
CA ALA C 103 5.02 60.76 47.51
C ALA C 103 3.55 60.40 47.43
N GLN C 104 3.27 59.11 47.43
CA GLN C 104 1.89 58.61 47.33
C GLN C 104 1.26 59.00 46.01
N GLY C 105 2.09 59.29 45.01
CA GLY C 105 1.56 59.73 43.75
C GLY C 105 1.31 58.49 42.92
N GLY C 106 2.05 57.44 43.27
CA GLY C 106 2.01 56.22 42.53
C GLY C 106 2.71 56.42 41.20
N VAL C 107 2.31 55.60 40.24
CA VAL C 107 2.85 55.65 38.89
C VAL C 107 1.68 55.57 37.91
N LEU C 108 2.01 55.65 36.64
CA LEU C 108 0.99 55.47 35.62
C LEU C 108 0.82 53.99 35.31
N PRO C 109 -0.41 53.57 35.00
CA PRO C 109 -0.64 52.17 34.64
C PRO C 109 -0.13 51.80 33.26
N ASN C 110 1.14 51.41 33.17
CA ASN C 110 1.79 51.14 31.89
C ASN C 110 2.37 49.73 31.92
N ILE C 111 1.84 48.88 31.05
CA ILE C 111 2.31 47.50 30.88
C ILE C 111 2.91 47.37 29.48
N GLN C 112 4.14 46.86 29.42
CA GLN C 112 4.80 46.66 28.13
C GLN C 112 4.07 45.62 27.28
N SER C 113 3.84 45.97 26.02
CA SER C 113 2.99 45.18 25.13
C SER C 113 3.53 43.78 24.88
N VAL C 114 4.84 43.57 25.01
CA VAL C 114 5.39 42.23 24.82
C VAL C 114 4.96 41.31 25.94
N LEU C 115 4.40 41.86 27.01
CA LEU C 115 3.95 41.08 28.14
C LEU C 115 2.49 40.71 28.03
N LEU C 116 1.76 41.33 27.12
CA LEU C 116 0.34 41.06 27.01
C LEU C 116 0.12 39.66 26.44
N PRO C 117 -0.95 38.98 26.85
CA PRO C 117 -1.16 37.60 26.39
C PRO C 117 -1.43 37.57 24.90
N LYS C 118 -1.11 36.44 24.28
CA LYS C 118 -1.30 36.31 22.85
C LYS C 118 -2.79 36.21 22.56
N LYS C 119 -3.43 37.38 22.47
CA LYS C 119 -4.88 37.48 22.36
C LYS C 119 -5.59 36.73 23.48
N LYS D 25 0.48 74.32 75.02
CA LYS D 25 0.89 75.49 75.78
C LYS D 25 1.02 76.72 74.88
N ARG D 26 2.18 76.81 74.24
CA ARG D 26 2.54 77.96 73.43
C ARG D 26 2.03 77.75 72.02
N ARG D 27 1.37 78.77 71.47
CA ARG D 27 1.15 78.75 70.03
C ARG D 27 2.48 78.52 69.35
N LYS D 28 2.63 77.32 68.80
CA LYS D 28 3.84 77.00 68.08
C LYS D 28 4.14 78.11 67.09
N THR D 29 5.40 78.56 67.08
CA THR D 29 5.79 79.79 66.39
C THR D 29 5.18 79.84 64.99
N ARG D 30 4.69 81.02 64.59
CA ARG D 30 3.96 81.08 63.33
C ARG D 30 4.90 80.86 62.15
N LYS D 31 4.43 80.07 61.20
CA LYS D 31 5.20 79.60 60.04
C LYS D 31 4.52 79.91 58.73
N GLU D 32 5.14 80.78 57.93
CA GLU D 32 4.49 81.20 56.69
C GLU D 32 4.62 80.07 55.67
N SER D 33 3.54 79.85 54.92
CA SER D 33 3.53 78.87 53.83
C SER D 33 2.76 79.43 52.66
N TYR D 34 2.71 78.63 51.58
CA TYR D 34 1.94 79.00 50.41
C TYR D 34 0.58 78.32 50.42
N ALA D 35 0.16 77.81 51.57
CA ALA D 35 -1.01 76.94 51.60
C ALA D 35 -2.25 77.73 51.20
N ILE D 36 -2.40 78.93 51.77
CA ILE D 36 -3.58 79.74 51.48
C ILE D 36 -3.54 80.21 50.04
N TYR D 37 -2.33 80.45 49.51
CA TYR D 37 -2.21 80.91 48.14
C TYR D 37 -2.47 79.78 47.17
N VAL D 38 -1.90 78.60 47.44
CA VAL D 38 -2.21 77.42 46.64
C VAL D 38 -3.70 77.12 46.69
N TYR D 39 -4.33 77.33 47.85
CA TYR D 39 -5.75 77.04 47.96
C TYR D 39 -6.59 78.06 47.21
N LYS D 40 -6.16 79.33 47.21
CA LYS D 40 -6.83 80.33 46.41
C LYS D 40 -6.71 79.99 44.93
N VAL D 41 -5.52 79.59 44.51
CA VAL D 41 -5.30 79.19 43.13
C VAL D 41 -6.12 77.95 42.78
N LEU D 42 -6.25 77.00 43.72
CA LEU D 42 -7.05 75.82 43.47
C LEU D 42 -8.53 76.15 43.34
N LYS D 43 -9.04 77.04 44.20
CA LYS D 43 -10.42 77.45 44.10
C LYS D 43 -10.63 78.34 42.87
N GLN D 44 -9.56 78.89 42.33
CA GLN D 44 -9.64 79.59 41.06
C GLN D 44 -9.75 78.58 39.92
N VAL D 45 -8.87 77.58 39.93
CA VAL D 45 -8.81 76.65 38.82
C VAL D 45 -9.89 75.59 38.97
N HIS D 46 -10.21 75.21 40.21
CA HIS D 46 -11.25 74.23 40.48
C HIS D 46 -12.09 74.70 41.66
N PRO D 47 -13.14 75.48 41.43
CA PRO D 47 -13.86 76.09 42.56
C PRO D 47 -14.48 75.07 43.49
N ASP D 48 -14.73 73.85 43.02
CA ASP D 48 -15.39 72.82 43.80
C ASP D 48 -14.42 71.75 44.29
N THR D 49 -13.22 71.72 43.74
CA THR D 49 -12.24 70.70 44.08
C THR D 49 -11.47 71.13 45.31
N GLY D 50 -11.17 70.16 46.17
CA GLY D 50 -10.32 70.37 47.31
C GLY D 50 -8.97 69.72 47.09
N ILE D 51 -8.22 69.62 48.18
CA ILE D 51 -6.85 69.13 48.10
C ILE D 51 -6.50 68.51 49.43
N SER D 52 -5.79 67.40 49.39
CA SER D 52 -5.38 66.71 50.61
C SER D 52 -4.18 67.40 51.21
N SER D 53 -3.90 67.05 52.46
CA SER D 53 -2.73 67.64 53.11
C SER D 53 -1.46 67.20 52.42
N LYS D 54 -1.41 65.95 51.94
CA LYS D 54 -0.23 65.52 51.22
C LYS D 54 -0.13 66.23 49.88
N ALA D 55 -1.26 66.40 49.20
CA ALA D 55 -1.24 67.13 47.95
C ALA D 55 -0.94 68.61 48.15
N MET D 56 -1.43 69.20 49.24
CA MET D 56 -1.08 70.58 49.53
C MET D 56 0.39 70.74 49.87
N SER D 57 0.94 69.76 50.59
CA SER D 57 2.37 69.75 50.87
C SER D 57 3.18 69.62 49.59
N ILE D 58 2.72 68.78 48.67
CA ILE D 58 3.38 68.64 47.38
C ILE D 58 3.34 69.98 46.64
N MET D 59 2.19 70.64 46.65
CA MET D 59 2.08 71.92 45.97
C MET D 59 2.99 72.96 46.60
N ASN D 60 3.07 72.97 47.93
CA ASN D 60 3.94 73.91 48.62
C ASN D 60 5.40 73.66 48.27
N SER D 61 5.82 72.39 48.27
CA SER D 61 7.19 72.07 47.89
C SER D 61 7.44 72.44 46.44
N PHE D 62 6.40 72.31 45.60
CA PHE D 62 6.51 72.71 44.21
C PHE D 62 6.74 74.20 44.08
N VAL D 63 5.96 75.00 44.81
CA VAL D 63 6.14 76.44 44.77
C VAL D 63 7.52 76.82 45.26
N ASN D 64 7.96 76.21 46.37
CA ASN D 64 9.29 76.50 46.89
C ASN D 64 10.36 76.14 45.88
N ASP D 65 10.22 74.99 45.24
CA ASP D 65 11.23 74.55 44.30
C ASP D 65 11.29 75.46 43.08
N VAL D 66 10.13 75.81 42.51
CA VAL D 66 10.14 76.68 41.34
C VAL D 66 10.68 78.05 41.70
N PHE D 67 10.28 78.60 42.85
CA PHE D 67 10.85 79.87 43.29
C PHE D 67 12.37 79.78 43.37
N GLU D 68 12.86 78.73 44.00
CA GLU D 68 14.30 78.56 44.17
C GLU D 68 15.00 78.46 42.83
N ARG D 69 14.44 77.68 41.91
CA ARG D 69 15.01 77.50 40.59
C ARG D 69 15.06 78.81 39.82
N ILE D 70 13.95 79.54 39.79
CA ILE D 70 13.87 80.77 39.01
C ILE D 70 14.78 81.83 39.60
N ALA D 71 14.84 81.89 40.94
CA ALA D 71 15.67 82.89 41.58
C ALA D 71 17.14 82.57 41.39
N GLY D 72 17.50 81.28 41.41
CA GLY D 72 18.87 80.92 41.11
C GLY D 72 19.25 81.30 39.69
N GLU D 73 18.34 81.07 38.74
CA GLU D 73 18.62 81.42 37.36
C GLU D 73 18.72 82.93 37.18
N ALA D 74 17.86 83.70 37.84
CA ALA D 74 17.92 85.15 37.76
C ALA D 74 19.20 85.67 38.38
N SER D 75 19.60 85.06 39.51
CA SER D 75 20.88 85.40 40.13
C SER D 75 22.02 85.17 39.16
N ARG D 76 22.07 83.98 38.57
CA ARG D 76 23.12 83.66 37.61
C ARG D 76 23.10 84.61 36.42
N LEU D 77 21.91 84.94 35.93
CA LEU D 77 21.78 85.92 34.84
C LEU D 77 22.39 87.26 35.23
N ALA D 78 22.06 87.74 36.44
CA ALA D 78 22.62 89.01 36.90
C ALA D 78 24.13 88.93 37.07
N HIS D 79 24.63 87.78 37.51
CA HIS D 79 26.08 87.63 37.66
C HIS D 79 26.77 87.60 36.31
N TYR D 80 26.24 86.81 35.37
CA TYR D 80 26.83 86.72 34.04
C TYR D 80 26.87 88.10 33.40
N ASN D 81 25.88 88.92 33.70
CA ASN D 81 25.76 90.26 33.15
C ASN D 81 26.27 91.29 34.14
N LYS D 82 26.97 90.85 35.18
CA LYS D 82 27.56 91.75 36.18
C LYS D 82 26.52 92.71 36.73
N ARG D 83 25.36 92.20 37.09
CA ARG D 83 24.34 93.04 37.68
C ARG D 83 24.22 92.76 39.18
N SER D 84 23.80 93.80 39.89
CA SER D 84 23.58 93.72 41.32
C SER D 84 22.11 93.51 41.64
N THR D 85 21.24 93.68 40.65
CA THR D 85 19.81 93.73 40.85
C THR D 85 19.17 92.62 40.06
N ILE D 86 18.20 91.95 40.67
CA ILE D 86 17.31 91.06 39.93
C ILE D 86 16.09 91.87 39.54
N THR D 87 15.85 91.98 38.25
CA THR D 87 14.77 92.80 37.72
C THR D 87 13.77 91.90 37.02
N SER D 88 12.70 92.52 36.52
CA SER D 88 11.77 91.80 35.67
C SER D 88 12.46 91.15 34.49
N ARG D 89 13.50 91.79 33.94
CA ARG D 89 14.18 91.23 32.78
C ARG D 89 14.96 89.98 33.13
N GLU D 90 15.69 90.02 34.25
CA GLU D 90 16.35 88.83 34.74
C GLU D 90 15.35 87.71 34.98
N ILE D 91 14.22 88.04 35.61
CA ILE D 91 13.23 87.02 35.91
C ILE D 91 12.69 86.44 34.61
N GLN D 92 12.43 87.31 33.63
CA GLN D 92 11.88 86.90 32.34
C GLN D 92 12.84 85.99 31.58
N THR D 93 14.12 86.35 31.58
CA THR D 93 15.11 85.51 30.93
C THR D 93 15.27 84.18 31.66
N ALA D 94 15.20 84.21 32.99
CA ALA D 94 15.24 82.98 33.76
C ALA D 94 14.07 82.08 33.42
N VAL D 95 12.90 82.68 33.25
CA VAL D 95 11.72 81.91 32.88
C VAL D 95 11.87 81.31 31.49
N ARG D 96 12.45 82.08 30.56
CA ARG D 96 12.64 81.54 29.22
C ARG D 96 13.72 80.46 29.20
N LEU D 97 14.66 80.53 30.15
CA LEU D 97 15.70 79.51 30.24
C LEU D 97 15.21 78.24 30.95
N LEU D 98 14.27 78.38 31.87
CA LEU D 98 13.87 77.26 32.73
C LEU D 98 12.61 76.56 32.29
N LEU D 99 11.79 77.19 31.68
CA LEU D 99 10.59 76.45 31.37
C LEU D 99 10.64 75.98 29.93
N PRO D 100 10.04 74.83 29.62
CA PRO D 100 10.13 74.30 28.25
C PRO D 100 9.08 74.95 27.37
N GLY D 101 9.53 75.66 26.33
CA GLY D 101 8.67 76.07 25.26
C GLY D 101 7.46 76.84 25.74
N GLU D 102 6.30 76.20 25.68
CA GLU D 102 5.07 76.90 26.00
C GLU D 102 5.04 77.30 27.46
N LEU D 103 5.53 76.44 28.35
CA LEU D 103 5.65 76.87 29.74
C LEU D 103 6.50 78.12 29.86
N ALA D 104 7.60 78.19 29.10
CA ALA D 104 8.46 79.37 29.21
C ALA D 104 7.74 80.61 28.70
N LYS D 105 7.09 80.52 27.55
CA LYS D 105 6.45 81.70 27.00
C LYS D 105 5.24 82.12 27.84
N HIS D 106 4.47 81.16 28.36
CA HIS D 106 3.33 81.52 29.19
C HIS D 106 3.76 82.09 30.54
N ALA D 107 4.78 81.50 31.16
CA ALA D 107 5.29 82.07 32.40
C ALA D 107 5.88 83.45 32.17
N VAL D 108 6.56 83.66 31.04
CA VAL D 108 7.09 84.97 30.73
C VAL D 108 5.96 85.96 30.56
N SER D 109 4.89 85.54 29.88
CA SER D 109 3.75 86.41 29.69
C SER D 109 3.10 86.75 31.03
N GLU D 110 2.95 85.75 31.90
CA GLU D 110 2.41 85.98 33.24
C GLU D 110 3.27 86.96 34.01
N GLY D 111 4.59 86.78 33.96
CA GLY D 111 5.48 87.66 34.69
C GLY D 111 5.43 89.09 34.18
N THR D 112 5.49 89.26 32.85
CA THR D 112 5.44 90.60 32.29
C THR D 112 4.09 91.26 32.59
N LYS D 113 3.01 90.48 32.52
CA LYS D 113 1.69 91.02 32.83
C LYS D 113 1.59 91.47 34.27
N ALA D 114 2.09 90.65 35.20
CA ALA D 114 2.03 90.99 36.61
C ALA D 114 2.89 92.21 36.89
N VAL D 115 4.04 92.30 36.23
CA VAL D 115 4.92 93.43 36.49
C VAL D 115 4.32 94.71 35.94
N THR D 116 3.70 94.63 34.75
CA THR D 116 3.01 95.79 34.23
C THR D 116 1.91 96.24 35.16
N LYS D 117 1.09 95.30 35.65
CA LYS D 117 0.02 95.68 36.58
C LYS D 117 0.58 96.23 37.89
N TYR D 118 1.66 95.64 38.39
CA TYR D 118 2.28 96.08 39.64
C TYR D 118 2.84 97.48 39.52
N THR D 119 3.56 97.75 38.43
CA THR D 119 4.16 99.07 38.27
C THR D 119 3.10 100.10 37.93
N SER D 120 2.02 99.70 37.25
CA SER D 120 0.94 100.63 37.00
C SER D 120 0.17 100.94 38.28
N ALA D 121 0.11 99.99 39.22
CA ALA D 121 -0.63 100.23 40.45
C ALA D 121 0.13 101.20 41.36
N LYS D 122 1.32 100.82 41.80
CA LYS D 122 2.26 101.69 42.51
C LYS D 122 3.67 101.10 42.46
N LYS E 37 -10.03 19.01 37.23
CA LYS E 37 -9.15 20.16 37.13
C LYS E 37 -9.66 21.35 37.92
N PRO E 38 -9.00 21.67 39.02
CA PRO E 38 -9.26 22.96 39.67
C PRO E 38 -8.91 24.05 38.67
N HIS E 39 -9.66 25.14 38.73
CA HIS E 39 -9.31 26.24 37.85
C HIS E 39 -7.85 26.56 38.05
N ARG E 40 -7.17 26.79 36.95
CA ARG E 40 -5.79 27.25 36.97
C ARG E 40 -5.71 28.28 35.87
N TYR E 41 -5.25 29.46 36.24
CA TYR E 41 -4.93 30.41 35.21
C TYR E 41 -3.66 29.94 34.54
N ARG E 42 -3.48 30.33 33.30
CA ARG E 42 -2.30 29.90 32.60
C ARG E 42 -1.12 30.75 33.07
N PRO E 43 0.09 30.27 32.89
CA PRO E 43 1.23 30.96 33.51
C PRO E 43 1.55 32.31 32.87
N GLY E 44 0.97 33.37 33.45
CA GLY E 44 1.20 34.73 33.00
C GLY E 44 0.01 35.68 33.15
N THR E 45 -1.18 35.10 33.28
CA THR E 45 -2.40 35.90 33.46
C THR E 45 -2.44 36.66 34.79
N VAL E 46 -2.20 35.96 35.89
CA VAL E 46 -2.21 36.59 37.20
C VAL E 46 -1.07 37.59 37.32
N ALA E 47 0.05 37.37 36.63
CA ALA E 47 1.13 38.34 36.67
C ALA E 47 0.69 39.67 36.06
N LEU E 48 0.00 39.62 34.92
CA LEU E 48 -0.51 40.84 34.30
C LEU E 48 -1.58 41.48 35.17
N ARG E 49 -2.40 40.67 35.82
CA ARG E 49 -3.40 41.18 36.76
C ARG E 49 -2.71 41.95 37.89
N GLU E 50 -1.60 41.41 38.40
CA GLU E 50 -0.83 42.09 39.43
C GLU E 50 -0.27 43.40 38.90
N ILE E 51 0.25 43.38 37.67
CA ILE E 51 0.77 44.59 37.05
C ILE E 51 -0.31 45.67 37.05
N ARG E 52 -1.51 45.30 36.61
CA ARG E 52 -2.61 46.25 36.55
C ARG E 52 -2.93 46.78 37.93
N ARG E 53 -2.98 45.89 38.91
CA ARG E 53 -3.30 46.30 40.27
C ARG E 53 -2.30 47.30 40.82
N TYR E 54 -1.01 46.97 40.72
CA TYR E 54 0.00 47.80 41.36
C TYR E 54 0.31 49.06 40.57
N GLN E 55 0.03 49.06 39.27
CA GLN E 55 0.10 50.30 38.52
C GLN E 55 -1.13 51.15 38.68
N LYS E 56 -2.23 50.57 39.17
CA LYS E 56 -3.40 51.36 39.51
C LYS E 56 -3.26 52.02 40.87
N SER E 57 -2.63 51.34 41.82
CA SER E 57 -2.54 51.81 43.19
C SER E 57 -1.31 52.69 43.39
N THR E 58 -1.25 53.32 44.57
CA THR E 58 -0.15 54.21 44.93
C THR E 58 0.51 53.82 46.24
N GLU E 59 -0.02 52.83 46.96
CA GLU E 59 0.50 52.50 48.27
C GLU E 59 1.91 51.95 48.15
N LEU E 60 2.65 52.07 49.25
CA LEU E 60 3.99 51.52 49.25
C LEU E 60 3.91 50.00 49.17
N LEU E 61 4.92 49.39 48.55
CA LEU E 61 4.89 47.97 48.25
C LEU E 61 5.89 47.16 49.05
N ILE E 62 6.82 47.81 49.73
CA ILE E 62 7.77 47.18 50.63
C ILE E 62 7.25 47.26 52.06
N ARG E 63 7.57 46.26 52.86
CA ARG E 63 7.16 46.27 54.25
C ARG E 63 7.89 47.35 55.04
N LYS E 64 7.12 48.08 55.84
CA LYS E 64 7.58 49.29 56.50
C LYS E 64 8.57 48.99 57.63
N LEU E 65 8.27 47.99 58.45
CA LEU E 65 9.17 47.65 59.54
C LEU E 65 10.50 47.10 59.04
N PRO E 66 10.55 46.17 58.09
CA PRO E 66 11.85 45.82 57.52
C PRO E 66 12.59 47.01 56.94
N PHE E 67 11.90 47.89 56.23
CA PHE E 67 12.57 49.05 55.66
C PHE E 67 13.12 49.99 56.73
N GLN E 68 12.37 50.19 57.81
CA GLN E 68 12.85 51.07 58.87
C GLN E 68 14.03 50.44 59.59
N ARG E 69 13.97 49.14 59.83
CA ARG E 69 15.09 48.44 60.44
C ARG E 69 16.32 48.55 59.56
N LEU E 70 16.12 48.41 58.25
CA LEU E 70 17.20 48.57 57.29
C LEU E 70 17.78 49.98 57.33
N VAL E 71 16.90 50.99 57.39
CA VAL E 71 17.34 52.38 57.41
C VAL E 71 18.19 52.65 58.66
N ARG E 72 17.72 52.22 59.82
CA ARG E 72 18.48 52.45 61.04
C ARG E 72 19.79 51.69 61.00
N GLU E 73 19.78 50.50 60.41
CA GLU E 73 20.99 49.69 60.30
C GLU E 73 22.01 50.37 59.41
N ILE E 74 21.56 50.94 58.28
CA ILE E 74 22.44 51.66 57.39
C ILE E 74 23.00 52.92 58.07
N ALA E 75 22.14 53.65 58.79
CA ALA E 75 22.62 54.87 59.42
C ALA E 75 23.56 54.59 60.58
N GLN E 76 23.47 53.40 61.15
CA GLN E 76 24.40 53.00 62.20
C GLN E 76 25.84 53.12 61.72
N ASP E 77 26.07 52.89 60.42
CA ASP E 77 27.41 52.91 59.85
C ASP E 77 27.96 54.32 59.70
N PHE E 78 27.11 55.34 59.80
CA PHE E 78 27.52 56.73 59.65
C PHE E 78 27.62 57.45 60.98
N LYS E 79 26.79 57.05 61.93
CA LYS E 79 26.78 57.59 63.28
C LYS E 79 25.91 56.69 64.13
N THR E 80 26.37 56.39 65.34
CA THR E 80 25.69 55.47 66.23
C THR E 80 24.61 56.21 67.03
N ASP E 81 23.58 55.47 67.43
CA ASP E 81 22.50 56.01 68.28
C ASP E 81 21.77 57.12 67.55
N LEU E 82 21.64 56.96 66.24
CA LEU E 82 20.92 57.94 65.46
C LEU E 82 19.44 57.76 65.69
N ARG E 83 18.74 58.88 65.82
CA ARG E 83 17.30 58.83 65.83
C ARG E 83 16.78 59.20 64.45
N PHE E 84 15.56 58.77 64.18
CA PHE E 84 14.93 59.00 62.89
C PHE E 84 13.54 59.55 63.10
N GLN E 85 13.18 60.53 62.30
CA GLN E 85 11.78 60.93 62.25
C GLN E 85 11.00 59.89 61.45
N SER E 86 9.79 59.62 61.89
CA SER E 86 8.89 58.72 61.16
C SER E 86 8.76 59.17 59.71
N SER E 87 8.65 60.48 59.50
CA SER E 87 8.54 61.02 58.15
C SER E 87 9.82 60.85 57.37
N ALA E 88 10.98 60.82 58.03
CA ALA E 88 12.22 60.57 57.30
C ALA E 88 12.26 59.16 56.75
N VAL E 89 11.86 58.17 57.55
CA VAL E 89 11.81 56.80 57.05
C VAL E 89 10.74 56.64 55.98
N MET E 90 9.58 57.28 56.17
CA MET E 90 8.52 57.19 55.17
C MET E 90 8.92 57.85 53.86
N ALA E 91 9.63 58.97 53.93
CA ALA E 91 10.12 59.63 52.72
C ALA E 91 11.16 58.76 52.05
N LEU E 92 12.05 58.16 52.85
CA LEU E 92 13.00 57.20 52.33
C LEU E 92 12.30 56.07 51.60
N GLN E 93 11.19 55.58 52.17
CA GLN E 93 10.51 54.45 51.56
C GLN E 93 9.77 54.86 50.29
N GLU E 94 9.12 56.03 50.29
CA GLU E 94 8.50 56.55 49.08
C GLU E 94 9.53 56.68 47.95
N ALA E 95 10.66 57.33 48.24
CA ALA E 95 11.67 57.53 47.22
C ALA E 95 12.25 56.20 46.75
N SER E 96 12.56 55.30 47.67
CA SER E 96 13.12 54.01 47.32
C SER E 96 12.17 53.24 46.42
N GLU E 97 10.87 53.25 46.73
CA GLU E 97 9.93 52.48 45.95
C GLU E 97 9.71 53.10 44.57
N ALA E 98 9.64 54.43 44.49
CA ALA E 98 9.56 55.07 43.19
C ALA E 98 10.79 54.74 42.35
N TYR E 99 11.96 54.76 42.99
CA TYR E 99 13.21 54.43 42.33
C TYR E 99 13.22 53.01 41.82
N LEU E 100 12.81 52.07 42.67
CA LEU E 100 12.80 50.67 42.29
C LEU E 100 11.78 50.40 41.19
N VAL E 101 10.64 51.09 41.23
CA VAL E 101 9.64 50.88 40.19
C VAL E 101 10.16 51.41 38.86
N ALA E 102 10.78 52.58 38.87
CA ALA E 102 11.34 53.11 37.64
C ALA E 102 12.45 52.21 37.13
N LEU E 103 13.25 51.66 38.04
CA LEU E 103 14.28 50.70 37.69
C LEU E 103 13.67 49.46 37.05
N PHE E 104 12.56 48.98 37.60
CA PHE E 104 11.90 47.81 37.02
C PHE E 104 11.35 48.12 35.64
N GLU E 105 10.89 49.35 35.42
CA GLU E 105 10.44 49.74 34.09
C GLU E 105 11.59 49.74 33.10
N ASP E 106 12.71 50.36 33.48
CA ASP E 106 13.90 50.34 32.64
C ASP E 106 14.37 48.92 32.39
N THR E 107 14.34 48.08 33.41
CA THR E 107 14.77 46.70 33.27
C THR E 107 13.87 45.94 32.30
N ASN E 108 12.56 46.18 32.38
CA ASN E 108 11.64 45.56 31.45
C ASN E 108 11.91 46.02 30.03
N LEU E 109 12.25 47.30 29.87
CA LEU E 109 12.64 47.82 28.57
C LEU E 109 13.90 47.13 28.06
N CYS E 110 14.89 46.95 28.94
CA CYS E 110 16.13 46.31 28.54
C CYS E 110 15.89 44.85 28.21
N ALA E 111 14.90 44.25 28.85
CA ALA E 111 14.55 42.86 28.56
C ALA E 111 13.84 42.77 27.21
N ILE E 112 13.00 43.77 26.90
CA ILE E 112 12.38 43.81 25.59
C ILE E 112 13.44 44.01 24.51
N HIS E 113 14.48 44.79 24.81
CA HIS E 113 15.54 44.98 23.82
C HIS E 113 16.14 43.64 23.44
N ALA E 114 16.26 42.74 24.42
CA ALA E 114 16.76 41.41 24.17
C ALA E 114 15.65 40.46 23.78
N LYS E 115 14.48 41.00 23.42
CA LYS E 115 13.37 40.20 22.91
C LYS E 115 12.89 39.20 23.97
N ARG E 116 12.92 39.62 25.22
CA ARG E 116 12.38 38.83 26.32
C ARG E 116 11.17 39.50 26.96
N VAL E 117 10.45 38.69 27.73
CA VAL E 117 9.39 39.16 28.61
C VAL E 117 9.78 38.99 30.06
N THR E 118 10.97 38.49 30.33
CA THR E 118 11.45 38.17 31.67
C THR E 118 12.57 39.15 31.98
N ILE E 119 12.41 39.93 33.04
CA ILE E 119 13.47 40.86 33.40
C ILE E 119 14.63 40.08 34.02
N MET E 120 15.84 40.48 33.68
CA MET E 120 17.03 39.78 34.12
C MET E 120 18.06 40.75 34.66
N PRO E 121 19.01 40.25 35.45
CA PRO E 121 20.07 41.15 35.97
C PRO E 121 20.82 41.90 34.90
N LYS E 122 21.03 41.28 33.74
CA LYS E 122 21.65 42.01 32.63
C LYS E 122 20.83 43.21 32.21
N ASP E 123 19.50 43.08 32.27
CA ASP E 123 18.64 44.21 31.96
C ASP E 123 18.82 45.34 32.97
N ILE E 124 18.82 45.00 34.25
CA ILE E 124 19.03 46.01 35.29
C ILE E 124 20.39 46.69 35.10
N GLN E 125 21.42 45.89 34.82
CA GLN E 125 22.76 46.42 34.70
C GLN E 125 22.91 47.30 33.47
N LEU E 126 22.29 46.91 32.36
CA LEU E 126 22.32 47.75 31.17
C LEU E 126 21.59 49.05 31.42
N ALA E 127 20.43 48.97 32.09
CA ALA E 127 19.69 50.17 32.38
C ALA E 127 20.49 51.12 33.26
N ARG E 128 21.12 50.60 34.31
CA ARG E 128 21.87 51.47 35.20
C ARG E 128 23.16 51.98 34.57
N ARG E 129 23.72 51.22 33.62
CA ARG E 129 24.90 51.69 32.91
C ARG E 129 24.54 52.84 31.97
N ILE E 130 23.43 52.68 31.25
CA ILE E 130 22.99 53.70 30.31
C ILE E 130 22.55 54.94 31.07
N ARG E 131 21.94 54.72 32.23
CA ARG E 131 21.53 55.81 33.10
C ARG E 131 22.74 56.62 33.55
N GLY E 132 23.89 55.96 33.64
CA GLY E 132 25.09 56.60 34.12
C GLY E 132 25.32 56.27 35.58
N GLU E 133 24.99 55.04 35.96
CA GLU E 133 25.23 54.57 37.31
C GLU E 133 26.35 53.55 37.39
N ARG E 134 26.79 53.03 36.24
CA ARG E 134 27.81 52.00 36.19
C ARG E 134 28.91 52.37 35.21
N VAL F 21 21.84 47.98 67.56
CA VAL F 21 22.45 47.72 66.28
C VAL F 21 21.59 46.76 65.47
N LEU F 22 21.24 47.16 64.25
CA LEU F 22 20.40 46.36 63.38
C LEU F 22 21.22 45.70 62.28
N ARG F 23 20.74 44.55 61.80
CA ARG F 23 21.50 43.72 60.89
C ARG F 23 20.56 42.96 59.96
N ASP F 24 21.03 42.75 58.73
CA ASP F 24 20.38 41.88 57.74
C ASP F 24 18.89 42.20 57.62
N ASN F 25 18.55 43.49 57.63
CA ASN F 25 17.16 43.87 57.50
C ASN F 25 16.73 43.99 56.05
N ILE F 26 17.68 43.91 55.12
CA ILE F 26 17.33 43.98 53.71
C ILE F 26 16.56 42.75 53.27
N GLN F 27 16.78 41.60 53.92
CA GLN F 27 15.92 40.46 53.60
C GLN F 27 14.49 40.70 54.04
N GLY F 28 14.27 41.65 54.95
CA GLY F 28 12.93 42.07 55.24
C GLY F 28 12.27 42.73 54.05
N ILE F 29 13.07 43.23 53.12
CA ILE F 29 12.60 43.72 51.83
C ILE F 29 12.42 42.48 50.98
N THR F 30 11.21 41.92 51.01
CA THR F 30 11.03 40.57 50.52
C THR F 30 10.90 40.50 49.00
N LYS F 31 11.04 39.28 48.50
CA LYS F 31 10.78 39.00 47.08
C LYS F 31 9.37 39.34 46.65
N PRO F 32 8.31 39.01 47.40
CA PRO F 32 6.97 39.48 46.99
C PRO F 32 6.89 40.99 46.90
N ALA F 33 7.56 41.71 47.79
CA ALA F 33 7.54 43.17 47.71
C ALA F 33 8.22 43.63 46.42
N ILE F 34 9.36 43.04 46.10
CA ILE F 34 10.06 43.37 44.87
C ILE F 34 9.20 43.03 43.66
N ARG F 35 8.47 41.91 43.73
CA ARG F 35 7.56 41.54 42.65
C ARG F 35 6.42 42.53 42.51
N ARG F 36 5.89 43.02 43.64
CA ARG F 36 4.84 44.01 43.58
C ARG F 36 5.34 45.28 42.92
N LEU F 37 6.55 45.69 43.29
CA LEU F 37 7.16 46.84 42.65
C LEU F 37 7.32 46.63 41.15
N ALA F 38 7.77 45.43 40.75
CA ALA F 38 7.93 45.15 39.33
C ALA F 38 6.59 45.15 38.62
N ARG F 39 5.55 44.66 39.29
CA ARG F 39 4.23 44.71 38.69
C ARG F 39 3.81 46.15 38.49
N ARG F 40 3.99 46.97 39.54
CA ARG F 40 3.75 48.39 39.41
C ARG F 40 4.73 48.98 38.41
N GLY F 41 5.94 48.42 38.33
CA GLY F 41 6.84 48.79 37.27
C GLY F 41 6.45 48.21 35.94
N GLY F 42 5.43 47.35 35.91
CA GLY F 42 4.92 46.79 34.68
C GLY F 42 5.56 45.49 34.26
N VAL F 43 6.33 44.84 35.11
CA VAL F 43 7.03 43.62 34.75
C VAL F 43 6.12 42.41 34.86
N LYS F 44 6.11 41.56 33.83
CA LYS F 44 5.27 40.37 33.81
C LYS F 44 6.00 39.13 34.29
N ARG F 45 7.30 39.06 34.11
CA ARG F 45 8.00 37.82 34.41
C ARG F 45 9.37 38.23 34.88
N ILE F 46 9.76 37.70 36.04
CA ILE F 46 10.92 38.16 36.78
C ILE F 46 11.84 36.97 36.97
N SER F 47 13.11 37.11 36.59
CA SER F 47 14.01 36.03 36.89
C SER F 47 14.25 36.02 38.40
N GLY F 48 14.50 34.82 38.94
CA GLY F 48 14.63 34.68 40.38
C GLY F 48 15.83 35.37 40.97
N LEU F 49 16.84 35.68 40.18
CA LEU F 49 17.99 36.38 40.71
C LEU F 49 17.79 37.89 40.73
N ILE F 50 16.65 38.39 40.27
CA ILE F 50 16.47 39.82 40.21
C ILE F 50 16.29 40.39 41.61
N TYR F 51 15.73 39.61 42.52
CA TYR F 51 15.26 40.18 43.77
C TYR F 51 16.44 40.56 44.64
N GLU F 52 17.43 39.68 44.75
CA GLU F 52 18.62 40.02 45.50
C GLU F 52 19.36 41.13 44.80
N GLU F 53 19.43 41.06 43.46
CA GLU F 53 20.06 42.15 42.73
C GLU F 53 19.38 43.47 43.05
N THR F 54 18.04 43.46 43.10
CA THR F 54 17.35 44.72 43.36
C THR F 54 17.60 45.17 44.78
N ARG F 55 17.67 44.21 45.70
CA ARG F 55 17.97 44.55 47.08
C ARG F 55 19.35 45.20 47.20
N GLY F 56 20.33 44.67 46.47
CA GLY F 56 21.63 45.31 46.49
C GLY F 56 21.59 46.72 45.98
N VAL F 57 20.85 46.96 44.90
CA VAL F 57 20.76 48.31 44.36
C VAL F 57 20.17 49.23 45.40
N LEU F 58 19.10 48.77 46.05
CA LEU F 58 18.44 49.60 47.05
C LEU F 58 19.37 49.93 48.21
N LYS F 59 20.19 48.97 48.64
CA LYS F 59 21.11 49.28 49.73
C LYS F 59 22.05 50.40 49.34
N VAL F 60 22.60 50.32 48.12
CA VAL F 60 23.50 51.35 47.66
C VAL F 60 22.76 52.67 47.65
N PHE F 61 21.54 52.63 47.13
CA PHE F 61 20.72 53.84 47.09
C PHE F 61 20.56 54.43 48.48
N LEU F 62 20.13 53.61 49.43
CA LEU F 62 19.91 54.13 50.77
C LEU F 62 21.21 54.57 51.41
N GLU F 63 22.30 53.87 51.09
CA GLU F 63 23.60 54.21 51.65
C GLU F 63 23.99 55.63 51.26
N ASN F 64 23.82 55.97 49.99
CA ASN F 64 24.13 57.33 49.60
C ASN F 64 23.29 58.34 50.37
N VAL F 65 21.96 58.16 50.34
CA VAL F 65 21.09 59.18 50.92
C VAL F 65 21.35 59.34 52.40
N ILE F 66 21.49 58.22 53.11
CA ILE F 66 21.62 58.32 54.55
C ILE F 66 22.98 58.89 54.91
N ARG F 67 24.02 58.55 54.12
CA ARG F 67 25.30 59.19 54.40
C ARG F 67 25.17 60.70 54.35
N ASP F 68 24.51 61.20 53.30
CA ASP F 68 24.38 62.65 53.22
C ASP F 68 23.49 63.14 54.34
N ALA F 69 22.44 62.39 54.66
CA ALA F 69 21.59 62.82 55.74
C ALA F 69 22.34 62.78 57.06
N VAL F 70 23.15 61.73 57.26
CA VAL F 70 23.91 61.73 58.51
C VAL F 70 24.98 62.79 58.46
N THR F 71 25.50 63.09 57.26
CA THR F 71 26.41 64.21 57.15
C THR F 71 25.67 65.48 57.52
N TYR F 72 24.45 65.63 57.01
CA TYR F 72 23.64 66.78 57.40
C TYR F 72 23.43 66.75 58.90
N THR F 73 23.19 65.56 59.43
CA THR F 73 22.96 65.44 60.86
C THR F 73 24.21 65.81 61.61
N GLU F 74 25.37 65.35 61.13
CA GLU F 74 26.59 65.69 61.84
C GLU F 74 26.89 67.17 61.72
N HIS F 75 26.64 67.76 60.53
CA HIS F 75 26.86 69.19 60.41
C HIS F 75 25.96 69.98 61.33
N ALA F 76 24.69 69.55 61.46
CA ALA F 76 23.76 70.23 62.35
C ALA F 76 23.98 69.89 63.81
N LYS F 77 24.92 69.00 64.10
CA LYS F 77 25.21 68.60 65.48
C LYS F 77 23.99 67.96 66.14
N ARG F 78 23.12 67.34 65.35
CA ARG F 78 21.98 66.61 65.86
C ARG F 78 22.31 65.12 66.04
N LYS F 79 21.46 64.46 66.82
CA LYS F 79 21.47 63.01 66.95
C LYS F 79 20.30 62.34 66.27
N THR F 80 19.38 63.12 65.71
CA THR F 80 18.15 62.61 65.11
C THR F 80 18.16 62.89 63.61
N VAL F 81 18.07 61.84 62.81
CA VAL F 81 17.93 62.04 61.37
C VAL F 81 16.52 62.51 61.09
N THR F 82 16.41 63.66 60.44
CA THR F 82 15.11 64.28 60.21
C THR F 82 14.65 64.08 58.76
N ALA F 83 13.33 64.20 58.58
CA ALA F 83 12.74 64.22 57.25
C ALA F 83 13.41 65.26 56.37
N MET F 84 13.79 66.40 56.95
CA MET F 84 14.44 67.44 56.16
C MET F 84 15.82 67.00 55.69
N ASP F 85 16.58 66.31 56.54
CA ASP F 85 17.87 65.76 56.12
C ASP F 85 17.71 64.82 54.92
N VAL F 86 16.76 63.88 55.00
CA VAL F 86 16.57 62.95 53.89
C VAL F 86 16.13 63.69 52.65
N VAL F 87 15.22 64.66 52.78
CA VAL F 87 14.76 65.42 51.63
C VAL F 87 15.92 66.17 51.00
N TYR F 88 16.78 66.77 51.83
CA TYR F 88 17.92 67.50 51.31
C TYR F 88 18.88 66.57 50.58
N ALA F 89 19.10 65.38 51.13
CA ALA F 89 19.99 64.43 50.46
C ALA F 89 19.41 63.97 49.13
N LEU F 90 18.12 63.62 49.11
CA LEU F 90 17.47 63.24 47.86
C LEU F 90 17.50 64.36 46.82
N LYS F 91 17.28 65.59 47.26
CA LYS F 91 17.32 66.72 46.34
C LYS F 91 18.73 66.92 45.82
N ARG F 92 19.72 66.78 46.72
CA ARG F 92 21.13 66.90 46.33
C ARG F 92 21.51 65.81 45.36
N GLN F 93 20.88 64.65 45.50
CA GLN F 93 21.07 63.53 44.60
C GLN F 93 20.12 63.57 43.41
N GLY F 94 19.52 64.71 43.12
CA GLY F 94 18.65 64.82 41.95
C GLY F 94 17.36 64.07 42.05
N ARG F 95 16.81 63.91 43.25
CA ARG F 95 15.59 63.16 43.48
C ARG F 95 14.61 63.97 44.30
N THR F 96 14.36 65.21 43.88
CA THR F 96 13.43 66.07 44.57
C THR F 96 12.18 65.29 44.94
N LEU F 97 11.77 65.41 46.20
CA LEU F 97 10.58 64.75 46.70
C LEU F 97 9.54 65.78 47.11
N TYR F 98 8.32 65.61 46.62
CA TYR F 98 7.21 66.44 47.05
C TYR F 98 6.35 65.65 48.03
N GLY F 99 5.85 66.35 49.04
CA GLY F 99 4.90 65.81 49.97
C GLY F 99 5.44 65.65 51.37
N PHE F 100 6.69 66.05 51.59
CA PHE F 100 7.33 65.94 52.90
C PHE F 100 7.97 67.27 53.29
N GLY F 101 7.45 68.39 52.77
CA GLY F 101 7.99 69.69 53.05
C GLY F 101 8.96 70.15 51.98
N THR G 10 53.62 102.56 62.01
CA THR G 10 53.64 102.05 60.65
C THR G 10 52.67 100.90 60.46
N ARG G 11 52.16 100.76 59.25
CA ARG G 11 51.32 99.63 58.89
C ARG G 11 52.22 98.47 58.46
N ALA G 12 51.81 97.26 58.81
CA ALA G 12 52.69 96.12 58.60
C ALA G 12 52.82 95.78 57.12
N LYS G 13 53.88 95.04 56.81
CA LYS G 13 54.10 94.48 55.49
C LYS G 13 52.84 93.78 54.99
N ALA G 14 52.49 94.02 53.73
CA ALA G 14 51.36 93.30 53.17
C ALA G 14 51.74 91.84 53.01
N LYS G 15 51.30 91.01 53.97
CA LYS G 15 51.58 89.58 53.99
C LYS G 15 50.34 88.83 53.54
N THR G 16 50.47 88.03 52.50
CA THR G 16 49.29 87.38 51.98
C THR G 16 48.75 86.35 52.97
N ARG G 17 47.42 86.25 52.98
CA ARG G 17 46.73 85.27 53.81
C ARG G 17 47.07 83.86 53.37
N SER G 18 47.42 83.67 52.09
CA SER G 18 47.92 82.38 51.63
C SER G 18 49.18 81.97 52.38
N SER G 19 50.06 82.94 52.65
CA SER G 19 51.27 82.61 53.40
C SER G 19 50.91 82.23 54.83
N ARG G 20 49.95 82.96 55.42
CA ARG G 20 49.48 82.62 56.75
C ARG G 20 48.88 81.22 56.78
N ALA G 21 48.15 80.86 55.74
CA ALA G 21 47.51 79.56 55.59
C ALA G 21 48.44 78.47 55.09
N GLY G 22 49.60 78.83 54.56
CA GLY G 22 50.50 77.86 53.98
C GLY G 22 50.05 77.40 52.62
N LEU G 23 49.34 78.25 51.89
CA LEU G 23 48.73 77.88 50.63
C LEU G 23 49.41 78.65 49.50
N GLN G 24 49.39 78.05 48.31
CA GLN G 24 49.85 78.74 47.11
C GLN G 24 48.74 79.53 46.45
N PHE G 25 47.53 79.07 46.60
CA PHE G 25 46.37 79.75 46.07
C PHE G 25 46.06 80.96 46.95
N PRO G 26 45.47 82.01 46.40
CA PRO G 26 45.39 83.26 47.15
C PRO G 26 44.24 83.25 48.15
N VAL G 27 44.58 83.17 49.44
CA VAL G 27 43.56 83.11 50.49
C VAL G 27 42.82 84.44 50.58
N GLY G 28 43.54 85.56 50.45
CA GLY G 28 42.86 86.83 50.51
C GLY G 28 41.90 86.98 49.36
N ARG G 29 42.33 86.53 48.18
CA ARG G 29 41.45 86.54 47.01
C ARG G 29 40.29 85.59 47.19
N VAL G 30 40.54 84.41 47.76
CA VAL G 30 39.45 83.47 48.02
C VAL G 30 38.46 84.07 49.00
N HIS G 31 38.96 84.78 50.01
CA HIS G 31 38.10 85.44 50.98
C HIS G 31 37.24 86.47 50.28
N ARG G 32 37.85 87.27 49.41
CA ARG G 32 37.12 88.29 48.69
C ARG G 32 36.11 87.68 47.75
N LEU G 33 36.46 86.57 47.10
CA LEU G 33 35.54 85.88 46.21
C LEU G 33 34.38 85.25 46.97
N LEU G 34 34.62 84.78 48.19
CA LEU G 34 33.54 84.28 49.03
C LEU G 34 32.65 85.43 49.46
N ARG G 35 33.27 86.54 49.83
CA ARG G 35 32.54 87.70 50.32
C ARG G 35 31.77 88.35 49.18
N LYS G 36 32.36 88.39 47.99
CA LYS G 36 31.76 89.03 46.82
C LYS G 36 31.08 88.03 45.89
N GLY G 37 30.75 86.84 46.40
CA GLY G 37 30.18 85.82 45.56
C GLY G 37 28.72 85.53 45.84
N ASN G 38 28.12 86.34 46.72
CA ASN G 38 26.72 86.17 47.13
C ASN G 38 26.49 84.77 47.68
N TYR G 39 27.41 84.32 48.52
CA TYR G 39 27.35 83.02 49.17
C TYR G 39 26.78 83.07 50.58
N ALA G 40 27.31 83.96 51.42
CA ALA G 40 26.75 84.19 52.73
C ALA G 40 26.95 85.65 53.10
N GLU G 41 26.25 86.07 54.15
CA GLU G 41 26.41 87.43 54.64
C GLU G 41 27.81 87.67 55.17
N ARG G 42 28.40 86.65 55.79
CA ARG G 42 29.72 86.80 56.39
C ARG G 42 30.56 85.63 55.94
N VAL G 43 31.86 85.86 55.86
CA VAL G 43 32.80 84.84 55.47
C VAL G 43 33.83 84.80 56.58
N GLY G 44 33.92 83.67 57.27
CA GLY G 44 34.85 83.56 58.35
C GLY G 44 36.28 83.67 57.86
N ALA G 45 37.20 83.86 58.79
CA ALA G 45 38.58 84.08 58.38
C ALA G 45 39.15 82.79 57.83
N GLY G 46 38.77 81.66 58.42
CA GLY G 46 39.29 80.37 57.98
C GLY G 46 38.52 79.74 56.84
N ALA G 47 37.32 80.24 56.53
CA ALA G 47 36.58 79.65 55.41
C ALA G 47 37.33 79.79 54.09
N PRO G 48 37.90 80.95 53.74
CA PRO G 48 38.65 81.04 52.49
C PRO G 48 39.90 80.22 52.55
N VAL G 49 40.50 80.16 53.72
CA VAL G 49 41.67 79.33 53.93
C VAL G 49 41.34 77.87 53.65
N TYR G 50 40.23 77.40 54.21
CA TYR G 50 39.80 76.02 54.02
C TYR G 50 39.57 75.76 52.55
N LEU G 51 38.84 76.66 51.90
CA LEU G 51 38.49 76.48 50.50
C LEU G 51 39.73 76.51 49.61
N ALA G 52 40.65 77.42 49.90
CA ALA G 52 41.88 77.48 49.11
C ALA G 52 42.72 76.24 49.30
N ALA G 53 42.77 75.70 50.53
CA ALA G 53 43.47 74.44 50.76
C ALA G 53 42.84 73.30 49.99
N VAL G 54 41.51 73.24 49.98
CA VAL G 54 40.83 72.18 49.25
C VAL G 54 41.09 72.30 47.77
N LEU G 55 41.03 73.53 47.25
CA LEU G 55 41.29 73.78 45.83
C LEU G 55 42.71 73.42 45.47
N GLU G 56 43.67 73.81 46.33
CA GLU G 56 45.06 73.46 46.10
C GLU G 56 45.25 71.95 46.10
N TYR G 57 44.58 71.24 46.99
CA TYR G 57 44.71 69.78 47.02
C TYR G 57 44.15 69.14 45.75
N LEU G 58 42.97 69.58 45.32
CA LEU G 58 42.36 69.01 44.12
C LEU G 58 43.18 69.36 42.88
N THR G 59 43.64 70.60 42.80
CA THR G 59 44.53 71.03 41.72
C THR G 59 45.80 70.19 41.71
N ALA G 60 46.36 69.94 42.88
CA ALA G 60 47.58 69.16 42.96
C ALA G 60 47.34 67.74 42.48
N GLU G 61 46.20 67.16 42.85
CA GLU G 61 45.85 65.82 42.39
C GLU G 61 45.77 65.78 40.86
N ILE G 62 44.97 66.69 40.29
CA ILE G 62 44.79 66.66 38.84
C ILE G 62 46.11 66.95 38.13
N LEU G 63 46.92 67.87 38.67
CA LEU G 63 48.15 68.24 37.98
C LEU G 63 49.20 67.16 38.11
N GLU G 64 49.24 66.42 39.22
CA GLU G 64 50.16 65.30 39.30
C GLU G 64 49.76 64.23 38.30
N LEU G 65 48.48 63.87 38.25
CA LEU G 65 48.06 62.85 37.29
C LEU G 65 48.24 63.32 35.85
N ALA G 66 48.03 64.60 35.58
CA ALA G 66 48.20 65.11 34.22
C ALA G 66 49.66 65.18 33.81
N GLY G 67 50.54 65.52 34.75
CA GLY G 67 51.96 65.46 34.47
C GLY G 67 52.41 64.02 34.27
N ASN G 68 51.81 63.10 35.03
CA ASN G 68 52.05 61.69 34.79
C ASN G 68 51.65 61.31 33.37
N ALA G 69 50.44 61.70 32.97
CA ALA G 69 49.99 61.41 31.61
C ALA G 69 50.91 62.04 30.57
N ALA G 70 51.42 63.24 30.84
CA ALA G 70 52.30 63.88 29.87
C ALA G 70 53.62 63.14 29.77
N ARG G 71 54.17 62.73 30.91
CA ARG G 71 55.40 61.95 30.89
C ARG G 71 55.15 60.61 30.21
N ASP G 72 53.95 60.06 30.39
CA ASP G 72 53.56 58.82 29.75
C ASP G 72 53.55 58.99 28.24
N ASN G 73 53.26 60.21 27.77
CA ASN G 73 53.32 60.53 26.36
C ASN G 73 54.65 61.15 26.00
N LYS G 74 55.62 61.07 26.92
CA LYS G 74 56.98 61.57 26.73
C LYS G 74 56.97 63.07 26.50
N LYS G 75 56.02 63.74 27.13
CA LYS G 75 55.92 65.19 27.10
C LYS G 75 56.28 65.80 28.44
N THR G 76 56.88 66.99 28.39
CA THR G 76 57.23 67.77 29.56
C THR G 76 56.25 68.90 29.75
N ARG G 77 55.07 68.80 29.13
CA ARG G 77 54.10 69.86 29.08
C ARG G 77 52.69 69.27 29.06
N ILE G 78 51.89 69.66 30.03
CA ILE G 78 50.53 69.14 30.15
C ILE G 78 49.68 69.67 29.01
N ILE G 79 48.94 68.78 28.36
CA ILE G 79 48.00 69.21 27.32
C ILE G 79 46.61 68.74 27.72
N PRO G 80 45.55 69.17 27.03
CA PRO G 80 44.21 68.66 27.37
C PRO G 80 44.12 67.15 27.32
N ARG G 81 44.86 66.50 26.41
CA ARG G 81 44.89 65.05 26.41
C ARG G 81 45.39 64.50 27.75
N HIS G 82 46.46 65.09 28.29
CA HIS G 82 46.99 64.63 29.57
C HIS G 82 46.06 64.96 30.72
N LEU G 83 45.40 66.12 30.69
CA LEU G 83 44.39 66.42 31.69
C LEU G 83 43.25 65.42 31.63
N GLN G 84 42.81 65.08 30.43
CA GLN G 84 41.71 64.13 30.27
C GLN G 84 42.14 62.77 30.79
N LEU G 85 43.35 62.35 30.46
CA LEU G 85 43.85 61.07 30.96
C LEU G 85 43.96 61.08 32.47
N ALA G 86 44.38 62.22 33.04
CA ALA G 86 44.43 62.36 34.49
C ALA G 86 43.06 62.23 35.12
N VAL G 87 42.08 62.96 34.57
CA VAL G 87 40.76 62.99 35.20
C VAL G 87 40.08 61.65 35.06
N ARG G 88 40.07 61.11 33.84
CA ARG G 88 39.33 59.89 33.56
C ARG G 88 40.04 58.67 34.09
N ASN G 89 41.35 58.79 34.40
CA ASN G 89 42.09 57.68 34.97
C ASN G 89 41.97 57.63 36.48
N ASP G 90 41.65 58.75 37.12
CA ASP G 90 41.43 58.78 38.56
C ASP G 90 39.96 58.56 38.85
N GLU G 91 39.67 57.58 39.70
CA GLU G 91 38.28 57.21 39.90
C GLU G 91 37.50 58.34 40.53
N GLU G 92 38.06 58.94 41.57
CA GLU G 92 37.37 59.99 42.30
C GLU G 92 37.36 61.29 41.51
N LEU G 93 38.45 61.58 40.81
CA LEU G 93 38.44 62.75 39.93
C LEU G 93 37.45 62.56 38.79
N ASN G 94 37.32 61.34 38.27
CA ASN G 94 36.36 61.08 37.21
C ASN G 94 34.92 61.07 37.71
N LYS G 95 34.71 60.73 38.98
CA LYS G 95 33.38 60.84 39.55
C LYS G 95 33.05 62.29 39.84
N LEU G 96 34.02 63.04 40.33
CA LEU G 96 33.84 64.46 40.57
C LEU G 96 33.59 65.19 39.26
N LEU G 97 34.38 64.88 38.24
CA LEU G 97 34.28 65.52 36.93
C LEU G 97 33.49 64.68 35.94
N GLY G 98 32.45 64.00 36.43
CA GLY G 98 31.72 63.08 35.57
C GLY G 98 30.93 63.79 34.49
N ARG G 99 30.48 65.01 34.76
CA ARG G 99 29.68 65.76 33.80
C ARG G 99 30.49 66.84 33.10
N VAL G 100 31.80 66.63 32.97
CA VAL G 100 32.70 67.65 32.45
C VAL G 100 33.33 67.11 31.18
N THR G 101 33.39 67.96 30.16
CA THR G 101 34.10 67.66 28.92
C THR G 101 35.40 68.45 28.87
N ILE G 102 36.51 67.75 28.66
CA ILE G 102 37.80 68.40 28.47
C ILE G 102 38.03 68.53 26.98
N ALA G 103 38.05 69.78 26.49
CA ALA G 103 38.27 70.02 25.07
C ALA G 103 39.61 69.44 24.66
N GLN G 104 39.66 68.81 23.49
CA GLN G 104 40.89 68.24 22.95
C GLN G 104 41.49 67.22 23.90
N GLY G 105 40.66 66.62 24.73
CA GLY G 105 41.13 65.66 25.70
C GLY G 105 41.01 64.29 25.07
N GLY G 106 40.10 64.17 24.11
CA GLY G 106 39.82 62.91 23.47
C GLY G 106 39.11 61.95 24.41
N VAL G 107 39.21 60.66 24.08
CA VAL G 107 38.53 59.61 24.84
C VAL G 107 39.56 58.55 25.19
N LEU G 108 39.16 57.64 26.07
CA LEU G 108 39.99 56.49 26.36
C LEU G 108 39.88 55.43 25.26
N PRO G 109 40.99 54.84 24.84
CA PRO G 109 40.92 53.71 23.90
C PRO G 109 40.17 52.55 24.53
N ASN G 110 39.04 52.20 23.92
CA ASN G 110 38.14 51.20 24.50
C ASN G 110 37.36 50.54 23.36
N ILE G 111 37.73 49.30 23.05
CA ILE G 111 37.05 48.48 22.06
C ILE G 111 36.31 47.37 22.79
N GLN G 112 35.01 47.25 22.53
CA GLN G 112 34.22 46.17 23.11
C GLN G 112 34.75 44.80 22.67
N SER G 113 34.76 43.86 23.61
CA SER G 113 35.41 42.57 23.39
C SER G 113 34.72 41.74 22.31
N VAL G 114 33.41 41.94 22.11
CA VAL G 114 32.69 41.19 21.10
C VAL G 114 33.11 41.62 19.70
N LEU G 115 33.70 42.80 19.56
CA LEU G 115 34.15 43.31 18.28
C LEU G 115 35.51 42.76 17.86
N LEU G 116 36.24 42.11 18.75
CA LEU G 116 37.56 41.59 18.40
C LEU G 116 37.44 40.39 17.47
N PRO G 117 38.44 40.16 16.61
CA PRO G 117 38.37 39.02 15.69
C PRO G 117 38.60 37.70 16.41
N LYS G 118 38.06 36.63 15.83
CA LYS G 118 38.20 35.29 16.41
C LYS G 118 39.57 34.74 16.05
N LYS G 119 40.50 34.81 17.00
CA LYS G 119 41.84 34.25 16.80
C LYS G 119 42.08 33.10 17.77
N LYS H 25 46.50 100.85 20.95
CA LYS H 25 47.22 100.89 22.21
C LYS H 25 46.30 100.88 23.40
N ARG H 26 45.07 100.41 23.19
CA ARG H 26 44.13 100.28 24.28
C ARG H 26 44.67 99.20 25.20
N ARG H 27 45.48 99.60 26.18
CA ARG H 27 46.15 98.61 27.01
C ARG H 27 45.13 97.72 27.68
N LYS H 28 45.19 96.43 27.35
CA LYS H 28 44.19 95.49 27.79
C LYS H 28 44.16 95.44 29.31
N THR H 29 42.96 95.21 29.85
CA THR H 29 42.71 95.40 31.28
C THR H 29 43.25 94.21 32.08
N ARG H 30 43.57 94.48 33.35
CA ARG H 30 44.14 93.45 34.22
C ARG H 30 43.07 92.42 34.60
N LYS H 31 43.32 91.16 34.23
CA LYS H 31 42.47 90.00 34.52
C LYS H 31 43.14 88.99 35.44
N GLU H 32 42.57 88.75 36.63
CA GLU H 32 43.14 87.78 37.55
C GLU H 32 42.75 86.37 37.13
N SER H 33 43.65 85.42 37.35
CA SER H 33 43.37 84.01 37.08
C SER H 33 44.24 83.15 37.98
N TYR H 34 43.99 81.84 37.94
CA TYR H 34 44.80 80.91 38.72
C TYR H 34 45.99 80.43 37.93
N ALA H 35 46.26 81.05 36.77
CA ALA H 35 47.28 80.50 35.89
C ALA H 35 48.59 80.41 36.65
N ILE H 36 48.91 81.47 37.41
CA ILE H 36 50.17 81.47 38.14
C ILE H 36 50.10 80.44 39.26
N TYR H 37 48.93 80.31 39.90
CA TYR H 37 48.81 79.36 40.99
C TYR H 37 48.76 77.92 40.48
N VAL H 38 48.07 77.70 39.35
CA VAL H 38 48.13 76.39 38.71
C VAL H 38 49.55 76.05 38.32
N TYR H 39 50.31 77.05 37.86
CA TYR H 39 51.67 76.79 37.44
C TYR H 39 52.56 76.51 38.65
N LYS H 40 52.32 77.21 39.76
CA LYS H 40 53.04 76.93 41.00
C LYS H 40 52.74 75.53 41.49
N VAL H 41 51.46 75.15 41.51
CA VAL H 41 51.07 73.81 41.94
C VAL H 41 51.69 72.77 41.02
N LEU H 42 51.73 73.04 39.72
CA LEU H 42 52.34 72.09 38.78
C LEU H 42 53.83 71.95 39.05
N LYS H 43 54.50 73.07 39.33
CA LYS H 43 55.93 73.00 39.63
C LYS H 43 56.15 72.35 40.98
N GLN H 44 55.11 72.34 41.82
CA GLN H 44 55.17 71.59 43.07
C GLN H 44 55.03 70.09 42.81
N VAL H 45 54.02 69.71 42.02
CA VAL H 45 53.73 68.30 41.85
C VAL H 45 54.63 67.69 40.79
N HIS H 46 55.02 68.48 39.80
CA HIS H 46 55.89 68.01 38.71
C HIS H 46 56.85 69.14 38.34
N PRO H 47 58.02 69.19 38.98
CA PRO H 47 58.90 70.33 38.75
C PRO H 47 59.38 70.44 37.31
N ASP H 48 59.70 69.31 36.69
CA ASP H 48 60.18 69.30 35.31
C ASP H 48 59.05 68.96 34.35
N THR H 49 57.98 69.76 34.48
CA THR H 49 56.77 69.57 33.70
C THR H 49 56.16 70.93 33.47
N GLY H 50 55.83 71.22 32.22
CA GLY H 50 55.19 72.46 31.85
C GLY H 50 53.71 72.24 31.59
N ILE H 51 53.09 73.28 31.03
CA ILE H 51 51.65 73.23 30.82
C ILE H 51 51.31 74.09 29.62
N SER H 52 50.49 73.54 28.74
CA SER H 52 50.02 74.28 27.59
C SER H 52 48.96 75.27 28.05
N SER H 53 48.64 76.21 27.16
CA SER H 53 47.68 77.23 27.53
C SER H 53 46.28 76.64 27.63
N LYS H 54 46.00 75.62 26.81
CA LYS H 54 44.73 74.92 26.90
C LYS H 54 44.63 74.16 28.21
N ALA H 55 45.68 73.43 28.55
CA ALA H 55 45.73 72.75 29.84
C ALA H 55 45.65 73.74 31.01
N MET H 56 46.26 74.91 30.86
CA MET H 56 46.19 75.90 31.93
C MET H 56 44.79 76.48 32.07
N SER H 57 44.11 76.71 30.93
CA SER H 57 42.72 77.14 30.96
C SER H 57 41.82 76.09 31.58
N ILE H 58 42.04 74.82 31.24
CA ILE H 58 41.24 73.74 31.82
C ILE H 58 41.46 73.68 33.33
N MET H 59 42.71 73.80 33.78
CA MET H 59 42.98 73.75 35.21
C MET H 59 42.38 74.96 35.92
N ASN H 60 42.41 76.12 35.27
CA ASN H 60 41.81 77.32 35.83
C ASN H 60 40.30 77.16 35.97
N SER H 61 39.65 76.65 34.92
CA SER H 61 38.21 76.46 34.98
C SER H 61 37.86 75.36 35.98
N PHE H 62 38.78 74.43 36.19
CA PHE H 62 38.58 73.41 37.22
C PHE H 62 38.63 74.01 38.61
N VAL H 63 39.63 74.85 38.87
CA VAL H 63 39.71 75.52 40.15
C VAL H 63 38.48 76.36 40.39
N ASN H 64 38.03 77.07 39.36
CA ASN H 64 36.86 77.94 39.50
C ASN H 64 35.62 77.11 39.77
N ASP H 65 35.45 76.01 39.04
CA ASP H 65 34.31 75.13 39.23
C ASP H 65 34.25 74.60 40.65
N VAL H 66 35.38 74.09 41.14
CA VAL H 66 35.39 73.50 42.47
C VAL H 66 35.18 74.56 43.54
N PHE H 67 35.79 75.73 43.36
CA PHE H 67 35.53 76.85 44.27
C PHE H 67 34.04 77.14 44.34
N GLU H 68 33.39 77.27 43.19
CA GLU H 68 31.97 77.62 43.21
C GLU H 68 31.13 76.51 43.83
N ARG H 69 31.46 75.25 43.53
CA ARG H 69 30.70 74.16 44.12
C ARG H 69 30.80 74.16 45.64
N ILE H 70 32.02 74.22 46.16
CA ILE H 70 32.18 74.16 47.61
C ILE H 70 31.59 75.38 48.28
N ALA H 71 31.79 76.56 47.69
CA ALA H 71 31.26 77.77 48.30
C ALA H 71 29.74 77.76 48.29
N GLY H 72 29.14 77.29 47.19
CA GLY H 72 27.70 77.18 47.15
C GLY H 72 27.18 76.16 48.14
N GLU H 73 27.90 75.05 48.30
CA GLU H 73 27.46 74.05 49.27
C GLU H 73 27.58 74.57 50.70
N ALA H 74 28.63 75.31 51.00
CA ALA H 74 28.72 75.92 52.33
C ALA H 74 27.61 76.94 52.51
N SER H 75 27.32 77.69 51.45
CA SER H 75 26.24 78.67 51.50
C SER H 75 24.90 78.02 51.79
N ARG H 76 24.59 76.95 51.05
CA ARG H 76 23.31 76.29 51.26
C ARG H 76 23.29 75.44 52.52
N LEU H 77 24.45 75.01 53.01
CA LEU H 77 24.50 74.42 54.34
C LEU H 77 24.12 75.44 55.39
N ALA H 78 24.75 76.63 55.32
CA ALA H 78 24.41 77.70 56.23
C ALA H 78 22.94 78.07 56.11
N HIS H 79 22.41 78.04 54.88
CA HIS H 79 20.99 78.33 54.70
C HIS H 79 20.13 77.26 55.33
N TYR H 80 20.51 75.99 55.15
CA TYR H 80 19.76 74.90 55.79
C TYR H 80 19.83 75.07 57.30
N ASN H 81 21.01 75.43 57.80
CA ASN H 81 21.26 75.61 59.21
C ASN H 81 21.03 77.05 59.65
N LYS H 82 20.46 77.88 58.78
CA LYS H 82 20.09 79.26 59.11
C LYS H 82 21.29 80.05 59.63
N ARG H 83 22.44 79.89 58.98
CA ARG H 83 23.63 80.67 59.32
C ARG H 83 23.89 81.75 58.28
N SER H 84 24.54 82.83 58.73
CA SER H 84 24.97 83.93 57.87
C SER H 84 26.41 83.83 57.43
N THR H 85 27.22 82.99 58.10
CA THR H 85 28.66 82.98 57.91
C THR H 85 29.08 81.63 57.32
N ILE H 86 29.96 81.69 56.32
CA ILE H 86 30.65 80.50 55.84
C ILE H 86 31.94 80.37 56.63
N THR H 87 32.08 79.25 57.34
CA THR H 87 33.22 79.02 58.21
C THR H 87 34.00 77.81 57.70
N SER H 88 35.10 77.53 58.39
CA SER H 88 35.93 76.38 58.02
C SER H 88 35.17 75.07 58.10
N ARG H 89 34.25 74.95 59.05
CA ARG H 89 33.52 73.69 59.17
C ARG H 89 32.39 73.57 58.16
N GLU H 90 31.84 74.70 57.71
CA GLU H 90 30.94 74.66 56.57
C GLU H 90 31.69 74.20 55.33
N ILE H 91 32.90 74.73 55.13
CA ILE H 91 33.71 74.28 53.99
C ILE H 91 34.02 72.79 54.16
N GLN H 92 34.23 72.36 55.41
CA GLN H 92 34.56 70.97 55.69
C GLN H 92 33.40 70.03 55.39
N THR H 93 32.20 70.39 55.85
CA THR H 93 31.03 69.59 55.53
C THR H 93 30.74 69.58 54.05
N ALA H 94 30.93 70.74 53.39
CA ALA H 94 30.74 70.81 51.95
C ALA H 94 31.72 69.89 51.23
N VAL H 95 32.96 69.85 51.69
CA VAL H 95 33.94 68.95 51.09
C VAL H 95 33.55 67.51 51.31
N ARG H 96 33.12 67.15 52.52
CA ARG H 96 32.72 65.77 52.77
C ARG H 96 31.50 65.37 51.95
N LEU H 97 30.61 66.32 51.65
CA LEU H 97 29.44 66.02 50.85
C LEU H 97 29.74 65.93 49.35
N LEU H 98 30.53 66.86 48.83
CA LEU H 98 30.72 66.96 47.39
C LEU H 98 31.87 66.11 46.88
N LEU H 99 32.78 65.86 47.66
CA LEU H 99 33.85 65.13 47.04
C LEU H 99 33.66 63.64 47.31
N PRO H 100 34.10 62.79 46.42
CA PRO H 100 33.84 61.36 46.59
C PRO H 100 34.80 60.72 47.57
N GLY H 101 34.43 60.73 48.86
CA GLY H 101 35.09 59.84 49.79
C GLY H 101 36.47 60.32 50.13
N GLU H 102 37.48 59.62 49.62
CA GLU H 102 38.86 59.96 49.93
C GLU H 102 39.19 61.37 49.45
N LEU H 103 38.70 61.74 48.27
CA LEU H 103 38.81 63.14 47.87
C LEU H 103 38.23 64.03 48.96
N ALA H 104 37.04 63.69 49.46
CA ALA H 104 36.40 64.55 50.45
C ALA H 104 37.19 64.60 51.74
N LYS H 105 37.72 63.47 52.19
CA LYS H 105 38.41 63.48 53.47
C LYS H 105 39.80 64.11 53.36
N HIS H 106 40.51 63.87 52.26
CA HIS H 106 41.79 64.55 52.07
C HIS H 106 41.62 66.05 51.87
N ALA H 107 40.55 66.45 51.18
CA ALA H 107 40.30 67.87 51.03
C ALA H 107 39.92 68.48 52.37
N VAL H 108 39.13 67.77 53.17
CA VAL H 108 38.82 68.21 54.51
C VAL H 108 40.08 68.34 55.34
N SER H 109 40.98 67.38 55.20
CA SER H 109 42.27 67.44 55.88
C SER H 109 43.03 68.69 55.47
N GLU H 110 43.15 68.91 54.15
CA GLU H 110 43.86 70.07 53.66
C GLU H 110 43.23 71.35 54.17
N GLY H 111 41.90 71.43 54.14
CA GLY H 111 41.21 72.64 54.56
C GLY H 111 41.41 72.92 56.03
N THR H 112 41.30 71.89 56.87
CA THR H 112 41.46 72.10 58.30
C THR H 112 42.91 72.42 58.63
N LYS H 113 43.85 71.78 57.93
CA LYS H 113 45.26 72.11 58.11
C LYS H 113 45.55 73.55 57.74
N ALA H 114 45.01 74.01 56.63
CA ALA H 114 45.23 75.39 56.22
C ALA H 114 44.59 76.35 57.21
N VAL H 115 43.39 76.04 57.67
CA VAL H 115 42.70 76.94 58.59
C VAL H 115 43.43 77.02 59.91
N THR H 116 43.94 75.89 60.38
CA THR H 116 44.75 75.90 61.59
C THR H 116 46.00 76.76 61.40
N LYS H 117 46.69 76.57 60.28
CA LYS H 117 47.90 77.34 60.02
C LYS H 117 47.60 78.83 59.87
N TYR H 118 46.52 79.19 59.20
CA TYR H 118 46.15 80.59 59.02
C TYR H 118 45.75 81.22 60.34
N THR H 119 44.97 80.51 61.15
CA THR H 119 44.56 81.03 62.44
C THR H 119 45.77 81.20 63.35
N SER H 120 46.71 80.26 63.30
CA SER H 120 47.91 80.37 64.12
C SER H 120 48.75 81.56 63.66
N ALA H 121 48.91 81.73 62.35
CA ALA H 121 49.56 82.92 61.82
C ALA H 121 48.73 84.16 62.10
N LYS H 122 47.52 84.22 61.54
CA LYS H 122 46.58 85.32 61.80
C LYS H 122 45.21 85.03 61.22
N PRO K 38 1.14 -5.79 -57.33
CA PRO K 38 0.42 -6.76 -58.15
C PRO K 38 -0.36 -7.73 -57.29
N HIS K 39 -0.91 -8.78 -57.90
CA HIS K 39 -1.41 -9.91 -57.14
C HIS K 39 -0.27 -10.89 -56.94
N ARG K 40 -0.14 -11.36 -55.71
CA ARG K 40 0.82 -12.38 -55.35
C ARG K 40 0.11 -13.38 -54.49
N TYR K 41 0.27 -14.65 -54.81
CA TYR K 41 -0.14 -15.68 -53.90
C TYR K 41 0.92 -15.79 -52.80
N ARG K 42 0.52 -16.26 -51.63
CA ARG K 42 1.47 -16.40 -50.55
C ARG K 42 2.33 -17.63 -50.83
N PRO K 43 3.49 -17.74 -50.21
CA PRO K 43 4.42 -18.82 -50.58
C PRO K 43 3.94 -20.19 -50.17
N GLY K 44 3.20 -20.82 -51.08
CA GLY K 44 2.72 -22.18 -50.92
C GLY K 44 1.37 -22.44 -51.57
N THR K 45 0.61 -21.38 -51.87
CA THR K 45 -0.66 -21.53 -52.57
C THR K 45 -0.49 -22.13 -53.98
N VAL K 46 0.43 -21.60 -54.76
CA VAL K 46 0.62 -22.09 -56.13
C VAL K 46 1.29 -23.45 -56.10
N ALA K 47 2.10 -23.74 -55.08
CA ALA K 47 2.68 -25.07 -54.95
C ALA K 47 1.58 -26.10 -54.72
N LEU K 48 0.61 -25.78 -53.87
CA LEU K 48 -0.52 -26.67 -53.67
C LEU K 48 -1.34 -26.78 -54.94
N ARG K 49 -1.47 -25.68 -55.68
CA ARG K 49 -2.15 -25.69 -56.96
C ARG K 49 -1.48 -26.67 -57.93
N GLU K 50 -0.15 -26.61 -57.99
CA GLU K 50 0.60 -27.52 -58.84
C GLU K 50 0.44 -28.96 -58.38
N ILE K 51 0.40 -29.17 -57.06
CA ILE K 51 0.15 -30.50 -56.52
C ILE K 51 -1.16 -31.04 -57.05
N ARG K 52 -2.21 -30.21 -56.94
CA ARG K 52 -3.55 -30.60 -57.37
C ARG K 52 -3.55 -30.89 -58.86
N ARG K 53 -2.88 -30.05 -59.63
CA ARG K 53 -2.84 -30.22 -61.07
C ARG K 53 -2.18 -31.53 -61.46
N TYR K 54 -0.99 -31.79 -60.92
CA TYR K 54 -0.27 -32.99 -61.33
C TYR K 54 -0.82 -34.26 -60.72
N GLN K 55 -1.62 -34.17 -59.66
CA GLN K 55 -2.33 -35.33 -59.17
C GLN K 55 -3.66 -35.56 -59.86
N LYS K 56 -4.25 -34.51 -60.43
CA LYS K 56 -5.37 -34.71 -61.34
C LYS K 56 -4.93 -35.35 -62.64
N SER K 57 -3.78 -34.93 -63.14
CA SER K 57 -3.33 -35.31 -64.46
C SER K 57 -2.69 -36.70 -64.42
N THR K 58 -2.44 -37.25 -65.62
CA THR K 58 -1.79 -38.55 -65.76
C THR K 58 -0.68 -38.53 -66.77
N GLU K 59 -0.43 -37.41 -67.44
CA GLU K 59 0.57 -37.36 -68.48
C GLU K 59 1.96 -37.40 -67.86
N LEU K 60 2.92 -37.82 -68.66
CA LEU K 60 4.29 -37.87 -68.18
C LEU K 60 4.79 -36.45 -67.90
N LEU K 61 5.68 -36.35 -66.91
CA LEU K 61 6.12 -35.07 -66.38
C LEU K 61 7.57 -34.74 -66.73
N ILE K 62 8.30 -35.69 -67.25
CA ILE K 62 9.65 -35.47 -67.76
C ILE K 62 9.54 -35.20 -69.26
N ARG K 63 10.46 -34.41 -69.79
CA ARG K 63 10.48 -34.16 -71.23
C ARG K 63 10.93 -35.41 -71.98
N LYS K 64 10.19 -35.76 -73.03
CA LYS K 64 10.40 -37.00 -73.75
C LYS K 64 11.79 -37.08 -74.39
N LEU K 65 12.17 -36.05 -75.14
CA LEU K 65 13.43 -36.10 -75.89
C LEU K 65 14.68 -36.15 -75.00
N PRO K 66 14.81 -35.34 -73.94
CA PRO K 66 15.95 -35.54 -73.02
C PRO K 66 15.97 -36.93 -72.41
N PHE K 67 14.81 -37.47 -72.04
CA PHE K 67 14.75 -38.82 -71.48
C PHE K 67 15.25 -39.85 -72.48
N GLN K 68 14.89 -39.68 -73.75
CA GLN K 68 15.31 -40.62 -74.79
C GLN K 68 16.81 -40.55 -74.99
N ARG K 69 17.37 -39.33 -75.03
CA ARG K 69 18.82 -39.19 -75.12
C ARG K 69 19.52 -39.83 -73.92
N LEU K 70 18.96 -39.64 -72.72
CA LEU K 70 19.49 -40.26 -71.50
C LEU K 70 19.50 -41.78 -71.61
N VAL K 71 18.39 -42.34 -72.09
CA VAL K 71 18.29 -43.79 -72.18
C VAL K 71 19.36 -44.34 -73.12
N ARG K 72 19.53 -43.71 -74.29
CA ARG K 72 20.53 -44.20 -75.24
C ARG K 72 21.96 -44.03 -74.68
N GLU K 73 22.21 -42.93 -73.97
CA GLU K 73 23.51 -42.71 -73.36
C GLU K 73 23.83 -43.79 -72.34
N ILE K 74 22.85 -44.13 -71.49
CA ILE K 74 23.06 -45.18 -70.50
C ILE K 74 23.32 -46.52 -71.17
N ALA K 75 22.61 -46.79 -72.28
CA ALA K 75 22.77 -48.08 -72.95
C ALA K 75 24.06 -48.22 -73.73
N GLN K 76 24.68 -47.10 -74.14
CA GLN K 76 25.97 -47.17 -74.83
C GLN K 76 26.99 -48.03 -74.09
N ASP K 77 26.98 -48.00 -72.75
CA ASP K 77 27.99 -48.73 -71.98
C ASP K 77 27.77 -50.24 -72.01
N PHE K 78 26.58 -50.70 -72.41
CA PHE K 78 26.32 -52.14 -72.51
C PHE K 78 26.54 -52.68 -73.92
N LYS K 79 26.20 -51.90 -74.94
CA LYS K 79 26.38 -52.33 -76.31
C LYS K 79 26.35 -51.12 -77.22
N THR K 80 27.27 -51.09 -78.17
CA THR K 80 27.41 -49.95 -79.06
C THR K 80 26.49 -50.12 -80.26
N ASP K 81 26.15 -48.98 -80.90
CA ASP K 81 25.34 -48.96 -82.11
C ASP K 81 23.99 -49.63 -81.87
N LEU K 82 23.55 -49.60 -80.62
CA LEU K 82 22.27 -50.17 -80.21
C LEU K 82 21.11 -49.33 -80.73
N ARG K 83 20.01 -49.99 -81.09
CA ARG K 83 18.76 -49.32 -81.38
C ARG K 83 17.68 -49.64 -80.35
N PHE K 84 16.72 -48.72 -80.24
CA PHE K 84 15.61 -48.82 -79.29
C PHE K 84 14.28 -48.62 -80.02
N GLN K 85 13.30 -49.47 -79.71
CA GLN K 85 11.92 -49.17 -80.05
C GLN K 85 11.38 -48.01 -79.22
N SER K 86 10.55 -47.18 -79.86
CA SER K 86 9.90 -46.07 -79.17
C SER K 86 9.07 -46.55 -77.97
N SER K 87 8.40 -47.69 -78.13
CA SER K 87 7.58 -48.22 -77.03
C SER K 87 8.42 -48.68 -75.86
N ALA K 88 9.65 -49.11 -76.09
CA ALA K 88 10.53 -49.43 -74.97
C ALA K 88 10.84 -48.18 -74.16
N VAL K 89 11.21 -47.09 -74.84
CA VAL K 89 11.47 -45.84 -74.14
C VAL K 89 10.22 -45.36 -73.40
N MET K 90 9.04 -45.50 -74.01
CA MET K 90 7.82 -45.05 -73.33
C MET K 90 7.52 -45.90 -72.10
N ALA K 91 7.75 -47.21 -72.21
CA ALA K 91 7.57 -48.08 -71.05
C ALA K 91 8.55 -47.69 -69.95
N LEU K 92 9.79 -47.40 -70.34
CA LEU K 92 10.78 -46.92 -69.39
C LEU K 92 10.33 -45.63 -68.72
N GLN K 93 9.78 -44.69 -69.50
CA GLN K 93 9.35 -43.42 -68.94
C GLN K 93 8.18 -43.58 -67.99
N GLU K 94 7.20 -44.42 -68.35
CA GLU K 94 6.09 -44.68 -67.45
C GLU K 94 6.58 -45.30 -66.14
N ALA K 95 7.44 -46.32 -66.24
CA ALA K 95 7.98 -46.95 -65.04
C ALA K 95 8.78 -45.96 -64.20
N SER K 96 9.64 -45.18 -64.85
CA SER K 96 10.50 -44.24 -64.13
C SER K 96 9.67 -43.19 -63.40
N GLU K 97 8.68 -42.62 -64.08
CA GLU K 97 7.88 -41.58 -63.43
C GLU K 97 7.01 -42.15 -62.32
N ALA K 98 6.43 -43.33 -62.52
CA ALA K 98 5.70 -43.94 -61.42
C ALA K 98 6.62 -44.18 -60.22
N TYR K 99 7.83 -44.68 -60.49
CA TYR K 99 8.80 -44.91 -59.43
C TYR K 99 9.16 -43.61 -58.71
N LEU K 100 9.44 -42.55 -59.47
CA LEU K 100 9.84 -41.29 -58.88
C LEU K 100 8.70 -40.66 -58.09
N VAL K 101 7.46 -40.78 -58.58
CA VAL K 101 6.32 -40.21 -57.87
C VAL K 101 6.10 -40.96 -56.57
N ALA K 102 6.20 -42.29 -56.60
CA ALA K 102 6.08 -43.07 -55.38
C ALA K 102 7.21 -42.74 -54.42
N LEU K 103 8.42 -42.54 -54.96
CA LEU K 103 9.54 -42.16 -54.12
C LEU K 103 9.31 -40.81 -53.46
N PHE K 104 8.70 -39.88 -54.19
CA PHE K 104 8.43 -38.57 -53.61
C PHE K 104 7.31 -38.65 -52.57
N GLU K 105 6.35 -39.53 -52.78
CA GLU K 105 5.34 -39.78 -51.74
C GLU K 105 5.99 -40.32 -50.47
N ASP K 106 6.84 -41.33 -50.61
CA ASP K 106 7.51 -41.91 -49.45
C ASP K 106 8.44 -40.89 -48.80
N THR K 107 9.10 -40.06 -49.61
CA THR K 107 9.98 -39.03 -49.10
C THR K 107 9.20 -37.98 -48.33
N ASN K 108 8.03 -37.61 -48.83
CA ASN K 108 7.16 -36.67 -48.13
C ASN K 108 6.69 -37.26 -46.80
N LEU K 109 6.38 -38.56 -46.80
CA LEU K 109 6.02 -39.22 -45.54
C LEU K 109 7.18 -39.21 -44.57
N CYS K 110 8.40 -39.44 -45.07
CA CYS K 110 9.58 -39.39 -44.20
C CYS K 110 9.75 -37.99 -43.63
N ALA K 111 9.48 -36.97 -44.46
CA ALA K 111 9.63 -35.59 -44.02
C ALA K 111 8.60 -35.27 -42.96
N ILE K 112 7.36 -35.73 -43.16
CA ILE K 112 6.35 -35.53 -42.13
C ILE K 112 6.76 -36.26 -40.87
N HIS K 113 7.42 -37.42 -41.01
CA HIS K 113 7.93 -38.12 -39.84
C HIS K 113 8.92 -37.24 -39.11
N ALA K 114 9.73 -36.49 -39.85
CA ALA K 114 10.66 -35.56 -39.24
C ALA K 114 10.01 -34.21 -38.98
N LYS K 115 8.68 -34.15 -38.92
CA LYS K 115 7.94 -32.95 -38.52
C LYS K 115 8.17 -31.78 -39.49
N ARG K 116 8.41 -32.07 -40.75
CA ARG K 116 8.59 -31.04 -41.77
C ARG K 116 7.49 -31.06 -42.82
N VAL K 117 7.43 -29.96 -43.57
CA VAL K 117 6.62 -29.85 -44.78
C VAL K 117 7.48 -29.78 -46.02
N THR K 118 8.79 -29.90 -45.86
CA THR K 118 9.78 -29.75 -46.90
C THR K 118 10.46 -31.11 -47.04
N ILE K 119 10.43 -31.68 -48.25
CA ILE K 119 11.09 -32.96 -48.39
C ILE K 119 12.59 -32.72 -48.46
N MET K 120 13.36 -33.63 -47.86
CA MET K 120 14.80 -33.49 -47.75
C MET K 120 15.50 -34.76 -48.19
N PRO K 121 16.79 -34.66 -48.53
CA PRO K 121 17.55 -35.86 -48.89
C PRO K 121 17.49 -36.97 -47.85
N LYS K 122 17.43 -36.61 -46.57
CA LYS K 122 17.34 -37.63 -45.54
C LYS K 122 16.00 -38.34 -45.59
N ASP K 123 14.95 -37.66 -46.05
CA ASP K 123 13.67 -38.31 -46.28
C ASP K 123 13.77 -39.36 -47.39
N ILE K 124 14.42 -39.01 -48.51
CA ILE K 124 14.60 -39.99 -49.57
C ILE K 124 15.41 -41.16 -49.07
N GLN K 125 16.48 -40.88 -48.33
CA GLN K 125 17.35 -41.94 -47.84
C GLN K 125 16.62 -42.83 -46.84
N LEU K 126 15.79 -42.25 -45.97
CA LEU K 126 15.04 -43.07 -45.04
C LEU K 126 14.02 -43.94 -45.77
N ALA K 127 13.29 -43.34 -46.71
CA ALA K 127 12.33 -44.12 -47.47
C ALA K 127 13.00 -45.27 -48.21
N ARG K 128 14.11 -44.99 -48.87
CA ARG K 128 14.79 -46.02 -49.64
C ARG K 128 15.46 -47.06 -48.75
N ARG K 129 15.90 -46.68 -47.54
CA ARG K 129 16.47 -47.66 -46.63
C ARG K 129 15.39 -48.59 -46.08
N ILE K 130 14.23 -48.03 -45.72
CA ILE K 130 13.15 -48.87 -45.23
C ILE K 130 12.66 -49.77 -46.37
N ARG K 131 12.59 -49.22 -47.58
CA ARG K 131 12.24 -50.00 -48.74
C ARG K 131 13.25 -51.13 -48.95
N GLY K 132 14.50 -50.87 -48.58
CA GLY K 132 15.59 -51.81 -48.78
C GLY K 132 16.41 -51.52 -50.01
N GLU K 133 16.82 -50.26 -50.16
CA GLU K 133 17.63 -49.86 -51.30
C GLU K 133 18.94 -49.25 -50.82
N ASP L 24 27.29 -34.97 -70.23
CA ASP L 24 26.47 -34.09 -69.40
C ASP L 24 24.98 -34.22 -69.73
N ASN L 25 24.53 -35.45 -70.00
CA ASN L 25 23.14 -35.69 -70.38
C ASN L 25 22.26 -35.94 -69.16
N ILE L 26 22.84 -36.14 -68.00
CA ILE L 26 22.04 -36.32 -66.79
C ILE L 26 21.28 -35.05 -66.43
N GLN L 27 21.83 -33.89 -66.78
CA GLN L 27 21.20 -32.59 -66.59
C GLN L 27 19.93 -32.39 -67.43
N GLY L 28 19.66 -33.26 -68.42
CA GLY L 28 18.39 -33.14 -69.14
C GLY L 28 17.16 -33.49 -68.33
N ILE L 29 17.30 -34.10 -67.17
CA ILE L 29 16.15 -34.27 -66.28
C ILE L 29 16.07 -33.01 -65.42
N THR L 30 15.28 -32.03 -65.86
CA THR L 30 15.37 -30.69 -65.31
C THR L 30 14.61 -30.61 -63.98
N LYS L 31 14.88 -29.52 -63.25
CA LYS L 31 14.16 -29.24 -62.01
C LYS L 31 12.63 -29.13 -62.12
N PRO L 32 12.03 -28.47 -63.12
CA PRO L 32 10.56 -28.50 -63.17
C PRO L 32 9.96 -29.88 -63.35
N ALA L 33 10.63 -30.79 -64.06
CA ALA L 33 10.08 -32.15 -64.18
C ALA L 33 10.07 -32.84 -62.82
N ILE L 34 11.14 -32.71 -62.05
CA ILE L 34 11.18 -33.30 -60.72
C ILE L 34 10.14 -32.65 -59.82
N ARG L 35 9.96 -31.33 -59.94
CA ARG L 35 8.92 -30.67 -59.16
C ARG L 35 7.54 -31.14 -59.57
N ARG L 36 7.31 -31.34 -60.86
CA ARG L 36 6.01 -31.83 -61.31
C ARG L 36 5.76 -33.22 -60.76
N LEU L 37 6.80 -34.06 -60.75
CA LEU L 37 6.66 -35.39 -60.17
C LEU L 37 6.33 -35.30 -58.68
N ALA L 38 7.03 -34.42 -57.96
CA ALA L 38 6.77 -34.26 -56.53
C ALA L 38 5.40 -33.66 -56.27
N ARG L 39 4.94 -32.76 -57.14
CA ARG L 39 3.60 -32.23 -57.01
C ARG L 39 2.60 -33.35 -57.24
N ARG L 40 2.86 -34.17 -58.26
CA ARG L 40 2.05 -35.35 -58.48
C ARG L 40 2.21 -36.32 -57.32
N GLY L 41 3.40 -36.32 -56.69
CA GLY L 41 3.62 -37.06 -55.47
C GLY L 41 3.09 -36.34 -54.25
N GLY L 42 2.43 -35.21 -54.45
CA GLY L 42 1.83 -34.42 -53.39
C GLY L 42 2.75 -33.50 -52.63
N VAL L 43 4.01 -33.38 -53.02
CA VAL L 43 4.94 -32.56 -52.26
C VAL L 43 4.67 -31.08 -52.53
N LYS L 44 4.68 -30.28 -51.46
CA LYS L 44 4.42 -28.84 -51.53
C LYS L 44 5.68 -28.02 -51.46
N ARG L 45 6.69 -28.50 -50.75
CA ARG L 45 7.90 -27.72 -50.56
C ARG L 45 9.03 -28.70 -50.68
N ILE L 46 10.03 -28.32 -51.46
CA ILE L 46 11.04 -29.25 -51.94
C ILE L 46 12.39 -28.62 -51.62
N SER L 47 13.19 -29.31 -50.81
CA SER L 47 14.55 -28.82 -50.62
C SER L 47 15.24 -28.76 -51.98
N GLY L 48 16.18 -27.82 -52.10
CA GLY L 48 16.94 -27.73 -53.33
C GLY L 48 17.88 -28.88 -53.59
N LEU L 49 18.25 -29.63 -52.55
CA LEU L 49 19.13 -30.77 -52.74
C LEU L 49 18.37 -32.02 -53.15
N ILE L 50 17.04 -31.97 -53.17
CA ILE L 50 16.27 -33.16 -53.49
C ILE L 50 16.47 -33.54 -54.96
N TYR L 51 16.75 -32.56 -55.81
CA TYR L 51 16.71 -32.80 -57.25
C TYR L 51 17.90 -33.63 -57.73
N GLU L 52 19.10 -33.35 -57.23
CA GLU L 52 20.25 -34.18 -57.62
C GLU L 52 20.13 -35.59 -57.07
N GLU L 53 19.66 -35.73 -55.82
CA GLU L 53 19.43 -37.05 -55.25
C GLU L 53 18.40 -37.84 -56.05
N THR L 54 17.31 -37.19 -56.45
CA THR L 54 16.29 -37.87 -57.24
C THR L 54 16.84 -38.28 -58.59
N ARG L 55 17.67 -37.42 -59.20
CA ARG L 55 18.33 -37.77 -60.45
C ARG L 55 19.23 -38.99 -60.29
N GLY L 56 20.02 -39.03 -59.20
CA GLY L 56 20.84 -40.20 -58.95
C GLY L 56 20.02 -41.47 -58.79
N VAL L 57 18.90 -41.37 -58.08
CA VAL L 57 18.03 -42.53 -57.89
C VAL L 57 17.50 -43.00 -59.24
N LEU L 58 17.04 -42.06 -60.05
CA LEU L 58 16.49 -42.42 -61.35
C LEU L 58 17.57 -43.04 -62.23
N LYS L 59 18.81 -42.53 -62.14
CA LYS L 59 19.90 -43.10 -62.93
C LYS L 59 20.22 -44.52 -62.51
N VAL L 60 20.26 -44.81 -61.20
CA VAL L 60 20.51 -46.18 -60.75
C VAL L 60 19.39 -47.10 -61.23
N PHE L 61 18.14 -46.64 -61.10
CA PHE L 61 16.99 -47.43 -61.53
C PHE L 61 17.08 -47.73 -63.03
N LEU L 62 17.35 -46.72 -63.84
CA LEU L 62 17.44 -46.92 -65.28
C LEU L 62 18.62 -47.82 -65.62
N GLU L 63 19.73 -47.69 -64.88
CA GLU L 63 20.88 -48.56 -65.12
C GLU L 63 20.53 -50.01 -64.91
N ASN L 64 19.83 -50.33 -63.81
CA ASN L 64 19.44 -51.71 -63.56
C ASN L 64 18.52 -52.23 -64.67
N VAL L 65 17.46 -51.46 -64.97
CA VAL L 65 16.49 -51.93 -65.96
C VAL L 65 17.18 -52.12 -67.31
N ILE L 66 18.04 -51.18 -67.70
CA ILE L 66 18.67 -51.23 -69.01
C ILE L 66 19.71 -52.35 -69.06
N ARG L 67 20.39 -52.62 -67.95
CA ARG L 67 21.30 -53.77 -67.91
C ARG L 67 20.53 -55.05 -68.19
N ASP L 68 19.38 -55.22 -67.52
CA ASP L 68 18.59 -56.43 -67.78
C ASP L 68 18.07 -56.45 -69.22
N ALA L 69 17.64 -55.29 -69.72
CA ALA L 69 17.09 -55.22 -71.07
C ALA L 69 18.15 -55.55 -72.11
N VAL L 70 19.36 -55.02 -71.96
CA VAL L 70 20.44 -55.30 -72.90
C VAL L 70 20.92 -56.73 -72.77
N THR L 71 20.83 -57.31 -71.57
CA THR L 71 21.10 -58.73 -71.43
C THR L 71 20.11 -59.54 -72.26
N TYR L 72 18.83 -59.17 -72.17
CA TYR L 72 17.81 -59.81 -73.01
C TYR L 72 18.10 -59.62 -74.50
N THR L 73 18.50 -58.41 -74.91
CA THR L 73 18.81 -58.16 -76.32
C THR L 73 19.97 -59.02 -76.79
N GLU L 74 21.03 -59.11 -75.99
CA GLU L 74 22.18 -59.91 -76.37
C GLU L 74 21.80 -61.38 -76.45
N HIS L 75 20.98 -61.84 -75.51
CA HIS L 75 20.52 -63.21 -75.55
C HIS L 75 19.72 -63.48 -76.83
N ALA L 76 18.84 -62.57 -77.21
CA ALA L 76 18.10 -62.69 -78.47
C ALA L 76 18.95 -62.47 -79.71
N LYS L 77 20.24 -62.18 -79.57
CA LYS L 77 21.14 -61.90 -80.69
C LYS L 77 20.63 -60.75 -81.54
N ARG L 78 19.82 -59.87 -80.97
CA ARG L 78 19.30 -58.71 -81.66
C ARG L 78 20.22 -57.51 -81.48
N LYS L 79 20.00 -56.48 -82.28
CA LYS L 79 20.68 -55.22 -82.11
C LYS L 79 19.76 -54.08 -81.72
N THR L 80 18.47 -54.37 -81.50
CA THR L 80 17.47 -53.35 -81.17
C THR L 80 16.78 -53.73 -79.87
N VAL L 81 16.85 -52.85 -78.86
CA VAL L 81 16.10 -53.07 -77.62
C VAL L 81 14.61 -52.86 -77.86
N THR L 82 13.81 -53.88 -77.54
CA THR L 82 12.37 -53.80 -77.77
C THR L 82 11.63 -53.47 -76.48
N ALA L 83 10.38 -53.03 -76.64
CA ALA L 83 9.51 -52.78 -75.50
C ALA L 83 9.32 -54.01 -74.64
N MET L 84 9.34 -55.19 -75.26
CA MET L 84 9.20 -56.41 -74.48
C MET L 84 10.43 -56.64 -73.61
N ASP L 85 11.62 -56.29 -74.09
CA ASP L 85 12.81 -56.39 -73.25
C ASP L 85 12.67 -55.51 -72.00
N VAL L 86 12.18 -54.29 -72.16
CA VAL L 86 11.97 -53.40 -71.03
C VAL L 86 10.92 -53.99 -70.09
N VAL L 87 9.86 -54.54 -70.66
CA VAL L 87 8.78 -55.08 -69.84
C VAL L 87 9.27 -56.29 -69.06
N TYR L 88 10.10 -57.12 -69.70
CA TYR L 88 10.68 -58.27 -69.01
C TYR L 88 11.62 -57.84 -67.91
N ALA L 89 12.43 -56.80 -68.17
CA ALA L 89 13.30 -56.28 -67.13
C ALA L 89 12.51 -55.79 -65.94
N LEU L 90 11.45 -55.00 -66.19
CA LEU L 90 10.64 -54.48 -65.09
C LEU L 90 9.95 -55.59 -64.32
N LYS L 91 9.32 -56.53 -65.03
CA LYS L 91 8.65 -57.64 -64.35
C LYS L 91 9.64 -58.48 -63.57
N ARG L 92 10.85 -58.65 -64.10
CA ARG L 92 11.89 -59.40 -63.40
C ARG L 92 12.29 -58.69 -62.13
N GLN L 93 12.34 -57.36 -62.17
CA GLN L 93 12.62 -56.55 -61.01
C GLN L 93 11.38 -56.29 -60.17
N GLY L 94 10.32 -57.06 -60.38
CA GLY L 94 9.12 -56.92 -59.57
C GLY L 94 8.37 -55.64 -59.87
N ARG L 95 8.45 -55.14 -61.10
CA ARG L 95 7.81 -53.90 -61.49
C ARG L 95 6.99 -54.08 -62.75
N THR L 96 6.14 -55.11 -62.75
CA THR L 96 5.26 -55.40 -63.88
C THR L 96 4.64 -54.10 -64.38
N LEU L 97 4.58 -53.94 -65.69
CA LEU L 97 4.11 -52.70 -66.29
C LEU L 97 3.03 -53.01 -67.31
N TYR L 98 1.82 -52.53 -67.03
CA TYR L 98 0.70 -52.66 -67.94
C TYR L 98 0.68 -51.48 -68.89
N GLY L 99 0.16 -51.71 -70.09
CA GLY L 99 -0.05 -50.68 -71.08
C GLY L 99 0.95 -50.72 -72.19
N PHE L 100 1.76 -51.77 -72.27
CA PHE L 100 2.74 -51.95 -73.33
C PHE L 100 2.76 -53.40 -73.81
N GLY L 101 1.65 -54.12 -73.65
CA GLY L 101 1.57 -55.50 -74.08
C GLY L 101 1.78 -56.48 -72.94
N THR M 16 31.03 -90.98 -65.00
CA THR M 16 29.94 -90.07 -64.64
C THR M 16 30.09 -88.75 -65.36
N ARG M 17 28.95 -88.12 -65.65
CA ARG M 17 29.01 -86.80 -66.28
C ARG M 17 29.62 -85.77 -65.36
N SER M 18 29.53 -85.97 -64.04
CA SER M 18 30.17 -85.03 -63.13
C SER M 18 31.68 -85.08 -63.26
N SER M 19 32.22 -86.26 -63.55
CA SER M 19 33.66 -86.39 -63.74
C SER M 19 34.09 -85.81 -65.08
N ARG M 20 33.25 -85.99 -66.10
CA ARG M 20 33.53 -85.42 -67.41
C ARG M 20 33.51 -83.90 -67.36
N ALA M 21 32.60 -83.31 -66.60
CA ALA M 21 32.55 -81.85 -66.45
C ALA M 21 33.53 -81.32 -65.40
N GLY M 22 34.21 -82.20 -64.68
CA GLY M 22 35.10 -81.75 -63.61
C GLY M 22 34.37 -81.05 -62.50
N LEU M 23 33.31 -81.66 -61.98
CA LEU M 23 32.45 -81.05 -60.97
C LEU M 23 32.33 -81.96 -59.77
N GLN M 24 31.84 -81.40 -58.67
CA GLN M 24 31.45 -82.18 -57.51
C GLN M 24 29.95 -82.36 -57.42
N PHE M 25 29.19 -81.52 -58.13
CA PHE M 25 27.75 -81.63 -58.12
C PHE M 25 27.29 -82.61 -59.20
N PRO M 26 26.18 -83.29 -58.97
CA PRO M 26 25.81 -84.42 -59.83
C PRO M 26 25.22 -83.91 -61.15
N VAL M 27 26.01 -84.02 -62.22
CA VAL M 27 25.54 -83.56 -63.52
C VAL M 27 24.37 -84.42 -63.98
N GLY M 28 24.44 -85.73 -63.77
CA GLY M 28 23.33 -86.58 -64.18
C GLY M 28 22.08 -86.30 -63.38
N ARG M 29 22.23 -86.15 -62.06
CA ARG M 29 21.09 -85.81 -61.22
C ARG M 29 20.54 -84.43 -61.57
N VAL M 30 21.42 -83.46 -61.83
CA VAL M 30 20.95 -82.13 -62.23
C VAL M 30 20.20 -82.21 -63.55
N HIS M 31 20.69 -83.03 -64.47
CA HIS M 31 20.00 -83.24 -65.74
C HIS M 31 18.61 -83.82 -65.50
N ARG M 32 18.53 -84.80 -64.58
CA ARG M 32 17.24 -85.40 -64.26
C ARG M 32 16.30 -84.39 -63.62
N LEU M 33 16.81 -83.59 -62.68
CA LEU M 33 16.00 -82.57 -62.03
C LEU M 33 15.52 -81.52 -63.02
N LEU M 34 16.33 -81.24 -64.05
CA LEU M 34 15.89 -80.33 -65.10
C LEU M 34 14.81 -80.98 -65.93
N ARG M 35 15.01 -82.25 -66.29
CA ARG M 35 14.05 -82.98 -67.10
C ARG M 35 12.71 -83.13 -66.39
N LYS M 36 12.73 -83.36 -65.07
CA LYS M 36 11.52 -83.62 -64.31
C LYS M 36 11.04 -82.42 -63.52
N GLY M 37 11.54 -81.22 -63.82
CA GLY M 37 11.13 -80.04 -63.08
C GLY M 37 10.14 -79.17 -63.82
N ASN M 38 9.75 -79.59 -65.02
CA ASN M 38 8.85 -78.82 -65.89
C ASN M 38 9.41 -77.43 -66.16
N TYR M 39 10.61 -77.40 -66.74
CA TYR M 39 11.24 -76.13 -67.10
C TYR M 39 11.23 -75.86 -68.60
N ALA M 40 11.33 -76.90 -69.42
CA ALA M 40 11.24 -76.76 -70.87
C ALA M 40 10.92 -78.12 -71.45
N GLU M 41 10.63 -78.14 -72.75
CA GLU M 41 10.40 -79.42 -73.42
C GLU M 41 11.69 -80.23 -73.49
N ARG M 42 12.83 -79.56 -73.71
CA ARG M 42 14.09 -80.26 -73.85
C ARG M 42 15.15 -79.53 -73.03
N VAL M 43 16.18 -80.27 -72.64
CA VAL M 43 17.33 -79.73 -71.90
C VAL M 43 18.59 -80.13 -72.64
N GLY M 44 19.42 -79.14 -72.98
CA GLY M 44 20.67 -79.44 -73.64
C GLY M 44 21.64 -80.14 -72.72
N ALA M 45 22.67 -80.75 -73.33
CA ALA M 45 23.63 -81.54 -72.57
C ALA M 45 24.51 -80.64 -71.71
N GLY M 46 24.75 -79.40 -72.13
CA GLY M 46 25.61 -78.51 -71.37
C GLY M 46 24.88 -77.76 -70.28
N ALA M 47 23.55 -77.69 -70.36
CA ALA M 47 22.76 -77.03 -69.33
C ALA M 47 22.97 -77.60 -67.94
N PRO M 48 22.85 -78.92 -67.70
CA PRO M 48 23.07 -79.42 -66.33
C PRO M 48 24.50 -79.23 -65.88
N VAL M 49 25.46 -79.31 -66.81
CA VAL M 49 26.86 -79.10 -66.47
C VAL M 49 27.09 -77.66 -65.99
N TYR M 50 26.60 -76.69 -66.78
CA TYR M 50 26.72 -75.29 -66.42
C TYR M 50 26.03 -75.02 -65.08
N LEU M 51 24.85 -75.61 -64.88
CA LEU M 51 24.12 -75.36 -63.65
C LEU M 51 24.83 -75.97 -62.46
N ALA M 52 25.40 -77.16 -62.62
CA ALA M 52 26.16 -77.75 -61.53
C ALA M 52 27.39 -76.93 -61.23
N ALA M 53 28.07 -76.42 -62.25
CA ALA M 53 29.23 -75.54 -62.04
C ALA M 53 28.87 -74.27 -61.28
N VAL M 54 27.76 -73.63 -61.65
CA VAL M 54 27.39 -72.40 -60.96
C VAL M 54 26.99 -72.71 -59.52
N LEU M 55 26.19 -73.77 -59.33
CA LEU M 55 25.81 -74.17 -57.99
C LEU M 55 27.04 -74.48 -57.16
N GLU M 56 28.04 -75.14 -57.76
CA GLU M 56 29.26 -75.48 -57.05
C GLU M 56 30.06 -74.24 -56.69
N TYR M 57 30.10 -73.25 -57.58
CA TYR M 57 30.82 -72.01 -57.26
C TYR M 57 30.17 -71.28 -56.10
N LEU M 58 28.84 -71.13 -56.15
CA LEU M 58 28.15 -70.43 -55.07
C LEU M 58 28.25 -71.19 -53.76
N THR M 59 28.16 -72.53 -53.81
CA THR M 59 28.33 -73.34 -52.61
C THR M 59 29.73 -73.16 -52.03
N ALA M 60 30.75 -73.18 -52.88
CA ALA M 60 32.11 -73.03 -52.37
C ALA M 60 32.30 -71.66 -51.74
N GLU M 61 31.69 -70.63 -52.32
CA GLU M 61 31.79 -69.31 -51.73
C GLU M 61 31.16 -69.28 -50.34
N ILE M 62 29.91 -69.75 -50.24
CA ILE M 62 29.23 -69.76 -48.95
C ILE M 62 29.96 -70.63 -47.93
N LEU M 63 30.45 -71.80 -48.35
CA LEU M 63 31.10 -72.70 -47.40
C LEU M 63 32.42 -72.14 -46.92
N GLU M 64 33.14 -71.45 -47.80
CA GLU M 64 34.37 -70.78 -47.40
C GLU M 64 34.08 -69.72 -46.36
N LEU M 65 33.12 -68.84 -46.65
CA LEU M 65 32.78 -67.79 -45.69
C LEU M 65 32.27 -68.38 -44.38
N ALA M 66 31.47 -69.44 -44.44
CA ALA M 66 30.92 -70.02 -43.21
C ALA M 66 31.98 -70.73 -42.39
N GLY M 67 32.99 -71.32 -43.03
CA GLY M 67 34.10 -71.90 -42.30
C GLY M 67 34.95 -70.81 -41.67
N ASN M 68 35.11 -69.70 -42.38
CA ASN M 68 35.73 -68.52 -41.79
C ASN M 68 34.98 -68.07 -40.55
N ALA M 69 33.64 -67.99 -40.64
CA ALA M 69 32.85 -67.54 -39.50
C ALA M 69 32.91 -68.51 -38.33
N ALA M 70 32.99 -69.82 -38.63
CA ALA M 70 33.15 -70.78 -37.56
C ALA M 70 34.49 -70.61 -36.87
N ARG M 71 35.56 -70.40 -37.65
CA ARG M 71 36.85 -70.14 -37.04
C ARG M 71 36.83 -68.83 -36.26
N ASP M 72 36.08 -67.84 -36.76
CA ASP M 72 35.95 -66.55 -36.10
C ASP M 72 35.07 -66.62 -34.85
N ASN M 73 34.44 -67.77 -34.62
CA ASN M 73 33.73 -68.04 -33.38
C ASN M 73 34.44 -69.11 -32.57
N LYS M 74 35.70 -69.39 -32.91
CA LYS M 74 36.52 -70.41 -32.25
C LYS M 74 35.90 -71.79 -32.42
N LYS M 75 35.07 -71.94 -33.44
CA LYS M 75 34.49 -73.21 -33.78
C LYS M 75 35.27 -73.82 -34.94
N THR M 76 35.26 -75.16 -34.98
CA THR M 76 35.84 -75.89 -36.10
C THR M 76 34.76 -76.48 -36.98
N ARG M 77 33.52 -76.47 -36.51
CA ARG M 77 32.36 -77.00 -37.21
C ARG M 77 31.38 -75.87 -37.49
N ILE M 78 30.96 -75.77 -38.75
CA ILE M 78 29.98 -74.74 -39.15
C ILE M 78 28.63 -75.03 -38.50
N ILE M 79 27.99 -73.98 -38.01
CA ILE M 79 26.63 -74.06 -37.47
C ILE M 79 25.79 -73.00 -38.15
N PRO M 80 24.46 -72.99 -38.00
CA PRO M 80 23.64 -71.96 -38.65
C PRO M 80 24.10 -70.54 -38.36
N ARG M 81 24.62 -70.27 -37.16
CA ARG M 81 25.11 -68.94 -36.87
C ARG M 81 26.25 -68.56 -37.82
N HIS M 82 27.14 -69.51 -38.08
CA HIS M 82 28.26 -69.26 -39.00
C HIS M 82 27.76 -69.02 -40.41
N LEU M 83 26.75 -69.78 -40.85
CA LEU M 83 26.15 -69.56 -42.16
C LEU M 83 25.54 -68.17 -42.25
N GLN M 84 24.82 -67.75 -41.21
CA GLN M 84 24.18 -66.44 -41.23
C GLN M 84 25.22 -65.34 -41.26
N LEU M 85 26.28 -65.49 -40.47
CA LEU M 85 27.37 -64.52 -40.51
C LEU M 85 27.98 -64.44 -41.91
N ALA M 86 28.25 -65.60 -42.52
CA ALA M 86 28.80 -65.63 -43.86
C ALA M 86 27.90 -64.90 -44.86
N VAL M 87 26.61 -65.24 -44.88
CA VAL M 87 25.71 -64.67 -45.89
C VAL M 87 25.55 -63.17 -45.68
N ARG M 88 25.24 -62.76 -44.46
CA ARG M 88 24.95 -61.35 -44.20
C ARG M 88 26.20 -60.50 -44.21
N ASN M 89 27.38 -61.12 -44.10
CA ASN M 89 28.63 -60.39 -44.21
C ASN M 89 29.11 -60.27 -45.64
N ASP M 90 28.78 -61.20 -46.52
CA ASP M 90 29.15 -61.09 -47.92
C ASP M 90 28.10 -60.28 -48.67
N GLU M 91 28.56 -59.29 -49.44
CA GLU M 91 27.62 -58.34 -50.03
C GLU M 91 26.78 -59.01 -51.12
N GLU M 92 27.43 -59.75 -52.02
CA GLU M 92 26.71 -60.35 -53.13
C GLU M 92 25.87 -61.51 -52.66
N LEU M 93 26.36 -62.28 -51.69
CA LEU M 93 25.55 -63.34 -51.12
C LEU M 93 24.38 -62.74 -50.36
N ASN M 94 24.59 -61.60 -49.71
CA ASN M 94 23.48 -60.93 -49.05
C ASN M 94 22.46 -60.42 -50.04
N LYS M 95 22.88 -60.06 -51.26
CA LYS M 95 21.92 -59.69 -52.28
C LYS M 95 21.17 -60.90 -52.79
N LEU M 96 21.90 -62.00 -52.99
CA LEU M 96 21.27 -63.23 -53.48
C LEU M 96 20.33 -63.80 -52.44
N LEU M 97 20.72 -63.73 -51.17
CA LEU M 97 19.90 -64.21 -50.06
C LEU M 97 19.27 -63.07 -49.27
N GLY M 98 18.84 -62.01 -49.97
CA GLY M 98 18.33 -60.83 -49.30
C GLY M 98 17.09 -61.06 -48.48
N ARG M 99 16.17 -61.88 -48.99
CA ARG M 99 14.92 -62.19 -48.30
C ARG M 99 14.91 -63.62 -47.79
N VAL M 100 16.06 -64.10 -47.30
CA VAL M 100 16.17 -65.42 -46.71
C VAL M 100 16.39 -65.26 -45.20
N THR M 101 15.71 -66.09 -44.43
CA THR M 101 15.91 -66.16 -42.98
C THR M 101 16.57 -67.51 -42.67
N ILE M 102 17.72 -67.46 -42.02
CA ILE M 102 18.45 -68.67 -41.62
C ILE M 102 18.04 -69.03 -40.20
N ALA M 103 17.49 -70.24 -40.04
CA ALA M 103 17.02 -70.67 -38.74
C ALA M 103 18.19 -70.81 -37.78
N GLN M 104 18.00 -70.31 -36.57
CA GLN M 104 19.02 -70.32 -35.51
C GLN M 104 20.22 -69.46 -35.90
N GLY M 105 20.01 -68.50 -36.80
CA GLY M 105 21.10 -67.69 -37.29
C GLY M 105 21.33 -66.44 -36.45
N GLY M 106 20.30 -66.01 -35.73
CA GLY M 106 20.44 -64.78 -34.98
C GLY M 106 20.48 -63.55 -35.87
N VAL M 107 21.11 -62.49 -35.34
CA VAL M 107 21.29 -61.24 -36.07
C VAL M 107 22.72 -60.79 -35.89
N LEU M 108 23.02 -59.67 -36.55
CA LEU M 108 24.32 -59.07 -36.39
C LEU M 108 24.33 -58.14 -35.18
N PRO M 109 25.46 -58.06 -34.46
CA PRO M 109 25.54 -57.17 -33.30
C PRO M 109 25.65 -55.70 -33.72
N ASN M 110 24.53 -55.04 -33.91
CA ASN M 110 24.50 -53.68 -34.42
C ASN M 110 23.72 -52.81 -33.45
N ILE M 111 24.42 -51.84 -32.86
CA ILE M 111 23.84 -50.85 -31.97
C ILE M 111 23.96 -49.50 -32.63
N GLN M 112 22.84 -48.79 -32.73
CA GLN M 112 22.86 -47.45 -33.31
C GLN M 112 23.69 -46.49 -32.46
N SER M 113 24.57 -45.73 -33.13
CA SER M 113 25.56 -44.92 -32.41
C SER M 113 24.88 -43.86 -31.55
N VAL M 114 23.66 -43.46 -31.91
CA VAL M 114 22.92 -42.46 -31.14
C VAL M 114 22.49 -43.02 -29.79
N LEU M 115 22.58 -44.33 -29.60
CA LEU M 115 22.17 -44.95 -28.35
C LEU M 115 23.32 -45.09 -27.36
N LEU M 116 24.57 -44.92 -27.79
CA LEU M 116 25.67 -45.10 -26.88
C LEU M 116 25.71 -43.97 -25.86
N PRO M 117 26.20 -44.24 -24.63
CA PRO M 117 26.20 -43.23 -23.56
C PRO M 117 27.05 -42.01 -23.90
N THR N 29 11.98 -95.33 -47.31
CA THR N 29 12.20 -95.05 -48.73
C THR N 29 13.30 -94.01 -48.91
N ARG N 30 14.19 -94.22 -49.88
CA ARG N 30 15.36 -93.38 -50.04
C ARG N 30 15.00 -91.98 -50.55
N LYS N 31 15.65 -90.97 -49.97
CA LYS N 31 15.38 -89.55 -50.23
C LYS N 31 16.68 -88.85 -50.62
N GLU N 32 16.77 -88.39 -51.87
CA GLU N 32 18.01 -87.78 -52.33
C GLU N 32 18.15 -86.35 -51.82
N SER N 33 19.39 -85.98 -51.45
CA SER N 33 19.71 -84.63 -51.01
C SER N 33 21.06 -84.22 -51.60
N TYR N 34 21.46 -82.98 -51.31
CA TYR N 34 22.75 -82.46 -51.73
C TYR N 34 23.80 -82.56 -50.63
N ALA N 35 23.55 -83.37 -49.60
CA ALA N 35 24.38 -83.31 -48.39
C ALA N 35 25.81 -83.71 -48.69
N ILE N 36 25.98 -84.80 -49.44
CA ILE N 36 27.32 -85.31 -49.72
C ILE N 36 28.08 -84.34 -50.62
N TYR N 37 27.38 -83.64 -51.51
CA TYR N 37 28.05 -82.71 -52.40
C TYR N 37 28.49 -81.47 -51.65
N VAL N 38 27.62 -80.93 -50.79
CA VAL N 38 28.01 -79.82 -49.92
C VAL N 38 29.17 -80.21 -49.04
N TYR N 39 29.19 -81.46 -48.57
CA TYR N 39 30.28 -81.89 -47.69
C TYR N 39 31.58 -82.05 -48.44
N LYS N 40 31.53 -82.54 -49.68
CA LYS N 40 32.72 -82.60 -50.50
C LYS N 40 33.27 -81.21 -50.77
N VAL N 41 32.38 -80.26 -51.09
CA VAL N 41 32.82 -78.89 -51.31
C VAL N 41 33.41 -78.29 -50.04
N LEU N 42 32.83 -78.62 -48.88
CA LEU N 42 33.37 -78.09 -47.62
C LEU N 42 34.75 -78.66 -47.32
N LYS N 43 34.95 -79.96 -47.54
CA LYS N 43 36.27 -80.54 -47.33
C LYS N 43 37.24 -80.07 -48.39
N GLN N 44 36.74 -79.56 -49.51
CA GLN N 44 37.62 -78.94 -50.49
C GLN N 44 38.06 -77.56 -50.02
N VAL N 45 37.10 -76.73 -49.60
CA VAL N 45 37.43 -75.34 -49.27
C VAL N 45 38.02 -75.23 -47.87
N HIS N 46 37.59 -76.08 -46.95
CA HIS N 46 38.12 -76.08 -45.58
C HIS N 46 38.35 -77.51 -45.11
N PRO N 47 39.53 -78.09 -45.36
CA PRO N 47 39.71 -79.52 -45.08
C PRO N 47 39.50 -79.88 -43.63
N ASP N 48 39.63 -78.92 -42.71
CA ASP N 48 39.52 -79.19 -41.28
C ASP N 48 38.20 -78.72 -40.69
N THR N 49 37.45 -77.91 -41.43
CA THR N 49 36.21 -77.35 -40.92
C THR N 49 35.10 -78.36 -41.17
N GLY N 50 34.22 -78.52 -40.21
CA GLY N 50 33.05 -79.34 -40.39
C GLY N 50 31.77 -78.54 -40.52
N ILE N 51 30.64 -79.25 -40.39
CA ILE N 51 29.33 -78.66 -40.58
C ILE N 51 28.29 -79.46 -39.81
N SER N 52 27.36 -78.75 -39.18
CA SER N 52 26.32 -79.43 -38.43
C SER N 52 25.23 -79.93 -39.37
N SER N 53 24.38 -80.81 -38.84
CA SER N 53 23.28 -81.33 -39.64
C SER N 53 22.29 -80.24 -40.02
N LYS N 54 22.07 -79.28 -39.12
CA LYS N 54 21.18 -78.16 -39.43
C LYS N 54 21.80 -77.24 -40.46
N ALA N 55 23.11 -77.00 -40.33
CA ALA N 55 23.81 -76.19 -41.32
C ALA N 55 23.87 -76.91 -42.66
N MET N 56 24.01 -78.24 -42.65
CA MET N 56 23.96 -78.99 -43.90
C MET N 56 22.58 -78.92 -44.53
N SER N 57 21.53 -78.95 -43.71
CA SER N 57 20.17 -78.77 -44.22
C SER N 57 19.99 -77.40 -44.84
N ILE N 58 20.54 -76.36 -44.19
CA ILE N 58 20.49 -75.02 -44.75
C ILE N 58 21.21 -74.98 -46.09
N MET N 59 22.38 -75.60 -46.17
CA MET N 59 23.11 -75.63 -47.44
C MET N 59 22.31 -76.35 -48.51
N ASN N 60 21.65 -77.44 -48.14
CA ASN N 60 20.83 -78.18 -49.09
C ASN N 60 19.68 -77.33 -49.61
N SER N 61 18.99 -76.62 -48.71
CA SER N 61 17.91 -75.74 -49.13
C SER N 61 18.45 -74.60 -49.99
N PHE N 62 19.66 -74.15 -49.70
CA PHE N 62 20.29 -73.11 -50.51
C PHE N 62 20.55 -73.60 -51.92
N VAL N 63 21.10 -74.81 -52.03
CA VAL N 63 21.37 -75.40 -53.34
C VAL N 63 20.08 -75.56 -54.12
N ASN N 64 19.05 -76.09 -53.46
CA ASN N 64 17.76 -76.27 -54.14
C ASN N 64 17.19 -74.94 -54.61
N ASP N 65 17.27 -73.90 -53.78
CA ASP N 65 16.71 -72.60 -54.14
C ASP N 65 17.46 -71.98 -55.31
N VAL N 66 18.79 -71.98 -55.27
CA VAL N 66 19.56 -71.39 -56.36
C VAL N 66 19.36 -72.19 -57.65
N PHE N 67 19.35 -73.52 -57.55
CA PHE N 67 19.06 -74.35 -58.71
C PHE N 67 17.72 -73.96 -59.32
N GLU N 68 16.70 -73.84 -58.47
CA GLU N 68 15.37 -73.50 -58.95
C GLU N 68 15.36 -72.12 -59.61
N ARG N 69 16.04 -71.16 -59.00
CA ARG N 69 16.09 -69.81 -59.56
C ARG N 69 16.73 -69.81 -60.94
N ILE N 70 17.89 -70.46 -61.06
CA ILE N 70 18.60 -70.43 -62.34
C ILE N 70 17.80 -71.17 -63.40
N ALA N 71 17.19 -72.30 -63.03
CA ALA N 71 16.43 -73.05 -64.02
C ALA N 71 15.16 -72.31 -64.43
N GLY N 72 14.52 -71.63 -63.48
CA GLY N 72 13.38 -70.80 -63.81
C GLY N 72 13.74 -69.66 -64.74
N GLU N 73 14.87 -69.01 -64.48
CA GLU N 73 15.29 -67.91 -65.35
C GLU N 73 15.63 -68.42 -66.75
N ALA N 74 16.30 -69.57 -66.83
CA ALA N 74 16.60 -70.12 -68.15
C ALA N 74 15.32 -70.53 -68.88
N SER N 75 14.37 -71.11 -68.15
CA SER N 75 13.07 -71.44 -68.71
C SER N 75 12.35 -70.22 -69.27
N ARG N 76 12.22 -69.16 -68.45
CA ARG N 76 11.55 -67.95 -68.93
C ARG N 76 12.28 -67.34 -70.12
N LEU N 77 13.61 -67.31 -70.07
CA LEU N 77 14.39 -66.84 -71.22
C LEU N 77 14.05 -67.63 -72.47
N ALA N 78 14.01 -68.95 -72.34
CA ALA N 78 13.68 -69.80 -73.48
C ALA N 78 12.27 -69.53 -73.98
N HIS N 79 11.36 -69.23 -73.05
CA HIS N 79 9.97 -68.94 -73.42
C HIS N 79 9.88 -67.61 -74.17
N TYR N 80 10.54 -66.58 -73.66
CA TYR N 80 10.50 -65.26 -74.30
C TYR N 80 10.96 -65.32 -75.75
N ASN N 81 11.93 -66.20 -76.04
CA ASN N 81 12.50 -66.33 -77.37
C ASN N 81 11.91 -67.50 -78.14
N LYS N 82 10.78 -68.04 -77.69
CA LYS N 82 10.08 -69.14 -78.35
C LYS N 82 11.02 -70.31 -78.61
N ARG N 83 11.79 -70.68 -77.60
CA ARG N 83 12.66 -71.84 -77.65
C ARG N 83 12.10 -72.97 -76.79
N SER N 84 12.44 -74.20 -77.17
CA SER N 84 12.01 -75.37 -76.43
C SER N 84 13.08 -75.93 -75.50
N THR N 85 14.33 -75.48 -75.61
CA THR N 85 15.46 -76.12 -74.94
C THR N 85 16.12 -75.13 -73.99
N ILE N 86 16.49 -75.61 -72.81
CA ILE N 86 17.38 -74.87 -71.92
C ILE N 86 18.80 -75.35 -72.18
N THR N 87 19.66 -74.42 -72.60
CA THR N 87 21.03 -74.71 -73.00
C THR N 87 22.01 -74.00 -72.07
N SER N 88 23.31 -74.24 -72.33
CA SER N 88 24.36 -73.52 -71.62
C SER N 88 24.22 -72.01 -71.73
N ARG N 89 23.75 -71.52 -72.89
CA ARG N 89 23.62 -70.08 -73.09
C ARG N 89 22.50 -69.51 -72.24
N GLU N 90 21.36 -70.19 -72.20
CA GLU N 90 20.28 -69.79 -71.30
C GLU N 90 20.75 -69.78 -69.85
N ILE N 91 21.50 -70.80 -69.43
CA ILE N 91 21.97 -70.84 -68.05
C ILE N 91 22.91 -69.67 -67.77
N GLN N 92 23.82 -69.37 -68.71
CA GLN N 92 24.77 -68.28 -68.50
C GLN N 92 24.05 -66.93 -68.42
N THR N 93 23.06 -66.72 -69.29
CA THR N 93 22.29 -65.49 -69.24
C THR N 93 21.45 -65.41 -67.97
N ALA N 94 20.93 -66.55 -67.52
CA ALA N 94 20.19 -66.60 -66.27
C ALA N 94 21.09 -66.24 -65.10
N VAL N 95 22.33 -66.72 -65.12
CA VAL N 95 23.29 -66.37 -64.07
C VAL N 95 23.61 -64.88 -64.10
N ARG N 96 23.76 -64.32 -65.30
CA ARG N 96 24.04 -62.89 -65.39
C ARG N 96 22.83 -62.04 -65.00
N LEU N 97 21.62 -62.57 -65.17
CA LEU N 97 20.42 -61.84 -64.77
C LEU N 97 20.15 -61.96 -63.26
N LEU N 98 20.53 -63.09 -62.66
CA LEU N 98 20.13 -63.36 -61.28
C LEU N 98 21.23 -63.06 -60.29
N LEU N 99 22.45 -63.17 -60.69
CA LEU N 99 23.45 -62.94 -59.68
C LEU N 99 24.00 -61.53 -59.81
N PRO N 100 24.40 -60.91 -58.70
CA PRO N 100 24.88 -59.52 -58.79
C PRO N 100 26.34 -59.47 -59.20
N GLY N 101 26.61 -58.85 -60.35
CA GLY N 101 27.94 -58.45 -60.72
C GLY N 101 28.97 -59.57 -60.72
N GLU N 102 29.87 -59.53 -59.74
CA GLU N 102 30.97 -60.47 -59.72
C GLU N 102 30.50 -61.90 -59.49
N LEU N 103 29.50 -62.11 -58.61
CA LEU N 103 28.95 -63.46 -58.51
C LEU N 103 28.46 -63.95 -59.85
N ALA N 104 27.80 -63.08 -60.63
CA ALA N 104 27.29 -63.50 -61.93
C ALA N 104 28.42 -63.84 -62.87
N LYS N 105 29.44 -62.98 -62.95
CA LYS N 105 30.52 -63.23 -63.88
C LYS N 105 31.36 -64.44 -63.48
N HIS N 106 31.61 -64.63 -62.18
CA HIS N 106 32.38 -65.78 -61.73
C HIS N 106 31.59 -67.07 -61.91
N ALA N 107 30.29 -67.05 -61.59
CA ALA N 107 29.46 -68.21 -61.81
C ALA N 107 29.41 -68.55 -63.29
N VAL N 108 29.34 -67.52 -64.13
CA VAL N 108 29.35 -67.73 -65.57
C VAL N 108 30.66 -68.36 -66.01
N SER N 109 31.78 -67.91 -65.43
CA SER N 109 33.07 -68.50 -65.78
C SER N 109 33.14 -69.96 -65.33
N GLU N 110 32.64 -70.26 -64.13
CA GLU N 110 32.59 -71.63 -63.64
C GLU N 110 31.73 -72.50 -64.55
N GLY N 111 30.57 -71.99 -64.95
CA GLY N 111 29.69 -72.76 -65.80
C GLY N 111 30.31 -73.03 -67.16
N THR N 112 30.89 -71.99 -67.76
CA THR N 112 31.53 -72.16 -69.06
C THR N 112 32.72 -73.12 -68.95
N LYS N 113 33.47 -73.04 -67.86
CA LYS N 113 34.59 -73.96 -67.68
C LYS N 113 34.11 -75.40 -67.58
N ALA N 114 33.05 -75.63 -66.81
CA ALA N 114 32.55 -76.99 -66.65
C ALA N 114 31.96 -77.52 -67.96
N VAL N 115 31.27 -76.67 -68.72
CA VAL N 115 30.68 -77.17 -69.95
C VAL N 115 31.77 -77.46 -70.98
N THR N 116 32.79 -76.60 -71.07
CA THR N 116 33.90 -76.88 -71.96
C THR N 116 34.58 -78.19 -71.59
N LYS N 117 34.84 -78.40 -70.29
CA LYS N 117 35.47 -79.65 -69.89
C LYS N 117 34.56 -80.84 -70.17
N TYR N 118 33.26 -80.68 -69.97
CA TYR N 118 32.31 -81.77 -70.21
C TYR N 118 32.25 -82.16 -71.68
N THR N 119 32.18 -81.17 -72.56
CA THR N 119 32.09 -81.47 -73.99
C THR N 119 33.41 -81.94 -74.56
N SER N 120 34.54 -81.49 -73.99
CA SER N 120 35.85 -81.96 -74.42
C SER N 120 36.04 -83.42 -74.00
N HIS O 39 24.81 -50.13 -5.09
CA HIS O 39 25.15 -49.76 -6.45
C HIS O 39 23.92 -49.72 -7.33
N ARG O 40 23.85 -48.70 -8.18
CA ARG O 40 22.81 -48.62 -9.18
C ARG O 40 23.43 -48.12 -10.47
N TYR O 41 23.22 -48.87 -11.55
CA TYR O 41 23.56 -48.37 -12.87
C TYR O 41 22.54 -47.29 -13.25
N ARG O 42 22.96 -46.39 -14.13
CA ARG O 42 22.11 -45.30 -14.57
C ARG O 42 21.12 -45.81 -15.61
N PRO O 43 20.00 -45.09 -15.80
CA PRO O 43 18.91 -45.62 -16.64
C PRO O 43 19.19 -45.68 -18.13
N GLY O 44 19.72 -46.81 -18.60
CA GLY O 44 20.00 -47.03 -20.00
C GLY O 44 21.22 -47.90 -20.27
N THR O 45 22.09 -48.01 -19.26
CA THR O 45 23.28 -48.86 -19.36
C THR O 45 22.98 -50.35 -19.46
N VAL O 46 22.17 -50.87 -18.54
CA VAL O 46 21.83 -52.29 -18.58
C VAL O 46 21.02 -52.58 -19.84
N ALA O 47 20.28 -51.58 -20.33
CA ALA O 47 19.57 -51.75 -21.58
C ALA O 47 20.55 -51.98 -22.72
N LEU O 48 21.64 -51.21 -22.77
CA LEU O 48 22.67 -51.43 -23.78
C LEU O 48 23.35 -52.77 -23.59
N ARG O 49 23.58 -53.17 -22.34
CA ARG O 49 24.14 -54.48 -22.05
C ARG O 49 23.24 -55.57 -22.63
N GLU O 50 21.94 -55.42 -22.45
CA GLU O 50 20.97 -56.35 -23.01
C GLU O 50 21.03 -56.35 -24.53
N ILE O 51 21.12 -55.15 -25.13
CA ILE O 51 21.24 -55.06 -26.58
C ILE O 51 22.42 -55.86 -27.08
N ARG O 52 23.58 -55.66 -26.44
CA ARG O 52 24.79 -56.37 -26.84
C ARG O 52 24.62 -57.87 -26.67
N ARG O 53 24.07 -58.27 -25.52
CA ARG O 53 23.88 -59.69 -25.24
C ARG O 53 22.98 -60.35 -26.28
N TYR O 54 21.81 -59.75 -26.55
CA TYR O 54 20.85 -60.41 -27.41
C TYR O 54 21.19 -60.27 -28.89
N GLN O 55 21.98 -59.26 -29.27
CA GLN O 55 22.51 -59.20 -30.63
C GLN O 55 23.73 -60.10 -30.79
N LYS O 56 24.34 -60.52 -29.69
CA LYS O 56 25.41 -61.51 -29.75
C LYS O 56 24.86 -62.92 -29.89
N SER O 57 23.74 -63.19 -29.25
CA SER O 57 23.19 -64.54 -29.21
C SER O 57 22.27 -64.78 -30.39
N THR O 58 21.85 -66.03 -30.54
CA THR O 58 20.96 -66.44 -31.62
C THR O 58 19.72 -67.17 -31.14
N GLU O 59 19.61 -67.46 -29.85
CA GLU O 59 18.50 -68.25 -29.33
C GLU O 59 17.18 -67.50 -29.48
N LEU O 60 16.10 -68.27 -29.53
CA LEU O 60 14.79 -67.65 -29.64
C LEU O 60 14.48 -66.86 -28.36
N LEU O 61 13.68 -65.81 -28.51
CA LEU O 61 13.45 -64.86 -27.43
C LEU O 61 12.03 -64.88 -26.87
N ILE O 62 11.10 -65.56 -27.52
CA ILE O 62 9.75 -65.77 -27.01
C ILE O 62 9.68 -67.12 -26.31
N ARG O 63 8.83 -67.21 -25.29
CA ARG O 63 8.65 -68.47 -24.59
C ARG O 63 7.95 -69.49 -25.48
N LYS O 64 8.46 -70.73 -25.44
CA LYS O 64 8.05 -71.74 -26.42
C LYS O 64 6.63 -72.22 -26.22
N LEU O 65 6.23 -72.52 -24.98
CA LEU O 65 4.87 -72.97 -24.74
C LEU O 65 3.84 -71.89 -25.01
N PRO O 66 3.99 -70.65 -24.53
CA PRO O 66 3.07 -69.60 -24.95
C PRO O 66 3.00 -69.41 -26.46
N PHE O 67 4.15 -69.43 -27.14
CA PHE O 67 4.13 -69.25 -28.60
C PHE O 67 3.42 -70.42 -29.28
N GLN O 68 3.63 -71.64 -28.78
CA GLN O 68 2.99 -72.80 -29.38
C GLN O 68 1.48 -72.76 -29.15
N ARG O 69 1.07 -72.36 -27.95
CA ARG O 69 -0.35 -72.20 -27.68
C ARG O 69 -0.93 -71.13 -28.60
N LEU O 70 -0.19 -70.05 -28.80
CA LEU O 70 -0.62 -68.99 -29.71
C LEU O 70 -0.78 -69.53 -31.12
N VAL O 71 0.19 -70.32 -31.59
CA VAL O 71 0.13 -70.87 -32.94
C VAL O 71 -1.08 -71.78 -33.10
N ARG O 72 -1.29 -72.67 -32.13
CA ARG O 72 -2.41 -73.59 -32.23
C ARG O 72 -3.74 -72.85 -32.16
N GLU O 73 -3.80 -71.79 -31.34
CA GLU O 73 -5.02 -71.00 -31.23
C GLU O 73 -5.30 -70.25 -32.52
N ILE O 74 -4.26 -69.70 -33.13
CA ILE O 74 -4.41 -69.01 -34.42
C ILE O 74 -4.87 -69.98 -35.49
N ALA O 75 -4.27 -71.18 -35.52
CA ALA O 75 -4.64 -72.15 -36.55
C ALA O 75 -6.04 -72.69 -36.31
N GLN O 76 -6.51 -72.63 -35.07
CA GLN O 76 -7.89 -73.01 -34.78
C GLN O 76 -8.86 -72.22 -35.63
N ASP O 77 -8.51 -70.97 -35.93
CA ASP O 77 -9.37 -70.09 -36.72
C ASP O 77 -9.38 -70.46 -38.19
N PHE O 78 -8.42 -71.26 -38.64
CA PHE O 78 -8.29 -71.65 -40.03
C PHE O 78 -8.78 -73.07 -40.30
N LYS O 79 -8.67 -73.95 -39.31
CA LYS O 79 -9.13 -75.32 -39.40
C LYS O 79 -9.10 -75.90 -37.99
N THR O 80 -10.14 -76.64 -37.64
CA THR O 80 -10.29 -77.18 -36.29
C THR O 80 -9.55 -78.50 -36.16
N ASP O 81 -9.10 -78.80 -34.94
CA ASP O 81 -8.46 -80.07 -34.61
C ASP O 81 -7.17 -80.24 -35.39
N LEU O 82 -6.47 -79.14 -35.63
CA LEU O 82 -5.20 -79.21 -36.33
C LEU O 82 -4.13 -79.74 -35.41
N ARG O 83 -3.30 -80.63 -35.93
CA ARG O 83 -2.10 -81.03 -35.23
C ARG O 83 -0.92 -80.28 -35.82
N PHE O 84 0.15 -80.17 -35.04
CA PHE O 84 1.35 -79.46 -35.46
C PHE O 84 2.56 -80.33 -35.19
N GLN O 85 3.47 -80.35 -36.14
CA GLN O 85 4.79 -80.91 -35.89
C GLN O 85 5.59 -79.91 -35.06
N SER O 86 6.40 -80.44 -34.14
CA SER O 86 7.29 -79.59 -33.37
C SER O 86 8.11 -78.70 -34.29
N SER O 87 8.60 -79.27 -35.40
CA SER O 87 9.38 -78.50 -36.36
C SER O 87 8.55 -77.45 -37.08
N ALA O 88 7.24 -77.69 -37.24
CA ALA O 88 6.38 -76.66 -37.83
C ALA O 88 6.26 -75.46 -36.92
N VAL O 89 6.09 -75.72 -35.62
CA VAL O 89 6.03 -74.64 -34.65
C VAL O 89 7.38 -73.94 -34.55
N MET O 90 8.48 -74.70 -34.61
CA MET O 90 9.80 -74.08 -34.56
C MET O 90 10.06 -73.20 -35.78
N ALA O 91 9.62 -73.62 -36.96
CA ALA O 91 9.79 -72.78 -38.14
C ALA O 91 8.95 -71.52 -38.03
N LEU O 92 7.71 -71.67 -37.56
CA LEU O 92 6.87 -70.51 -37.30
C LEU O 92 7.54 -69.56 -36.30
N GLN O 93 8.15 -70.10 -35.24
CA GLN O 93 8.74 -69.26 -34.21
C GLN O 93 10.05 -68.60 -34.63
N GLU O 94 10.94 -69.34 -35.28
CA GLU O 94 12.15 -68.74 -35.82
C GLU O 94 11.81 -67.60 -36.74
N ALA O 95 10.89 -67.84 -37.68
CA ALA O 95 10.53 -66.79 -38.63
C ALA O 95 9.89 -65.61 -37.91
N SER O 96 8.98 -65.87 -36.97
CA SER O 96 8.33 -64.77 -36.25
C SER O 96 9.35 -63.94 -35.49
N GLU O 97 10.30 -64.59 -34.84
CA GLU O 97 11.27 -63.86 -34.03
C GLU O 97 12.27 -63.09 -34.89
N ALA O 98 12.72 -63.70 -36.00
CA ALA O 98 13.59 -62.97 -36.92
C ALA O 98 12.85 -61.76 -37.46
N TYR O 99 11.57 -61.94 -37.80
CA TYR O 99 10.75 -60.84 -38.30
C TYR O 99 10.63 -59.74 -37.26
N LEU O 100 10.32 -60.11 -36.01
CA LEU O 100 10.14 -59.11 -34.97
C LEU O 100 11.44 -58.38 -34.65
N VAL O 101 12.58 -59.08 -34.68
CA VAL O 101 13.86 -58.42 -34.39
C VAL O 101 14.20 -57.43 -35.51
N ALA O 102 14.04 -57.85 -36.76
CA ALA O 102 14.31 -56.95 -37.87
C ALA O 102 13.36 -55.76 -37.84
N LEU O 103 12.10 -56.01 -37.48
CA LEU O 103 11.15 -54.91 -37.33
C LEU O 103 11.59 -53.95 -36.25
N PHE O 104 12.10 -54.46 -35.12
CA PHE O 104 12.56 -53.57 -34.06
C PHE O 104 13.75 -52.76 -34.50
N GLU O 105 14.59 -53.33 -35.36
CA GLU O 105 15.70 -52.56 -35.92
C GLU O 105 15.20 -51.44 -36.82
N ASP O 106 14.24 -51.75 -37.70
CA ASP O 106 13.64 -50.72 -38.53
C ASP O 106 12.97 -49.64 -37.68
N THR O 107 12.33 -50.04 -36.58
CA THR O 107 11.69 -49.08 -35.70
C THR O 107 12.74 -48.17 -35.09
N ASN O 108 13.89 -48.72 -34.71
CA ASN O 108 14.96 -47.89 -34.17
C ASN O 108 15.44 -46.88 -35.20
N LEU O 109 15.53 -47.29 -36.48
CA LEU O 109 15.86 -46.32 -37.53
C LEU O 109 14.79 -45.24 -37.64
N CYS O 110 13.51 -45.62 -37.60
CA CYS O 110 12.44 -44.63 -37.74
C CYS O 110 12.42 -43.69 -36.55
N ALA O 111 12.83 -44.18 -35.38
CA ALA O 111 12.92 -43.32 -34.21
C ALA O 111 14.11 -42.39 -34.31
N ILE O 112 15.22 -42.87 -34.87
CA ILE O 112 16.37 -42.00 -35.09
C ILE O 112 16.03 -40.92 -36.11
N HIS O 113 15.20 -41.27 -37.10
CA HIS O 113 14.79 -40.28 -38.09
C HIS O 113 14.08 -39.13 -37.42
N ALA O 114 13.30 -39.42 -36.39
CA ALA O 114 12.63 -38.39 -35.62
C ALA O 114 13.49 -37.86 -34.49
N LYS O 115 14.80 -38.11 -34.52
CA LYS O 115 15.74 -37.56 -33.54
C LYS O 115 15.42 -38.05 -32.13
N ARG O 116 14.97 -39.29 -32.03
CA ARG O 116 14.76 -39.95 -30.76
C ARG O 116 15.70 -41.13 -30.59
N VAL O 117 15.80 -41.60 -29.34
CA VAL O 117 16.46 -42.85 -29.03
C VAL O 117 15.46 -43.89 -28.55
N THR O 118 14.18 -43.53 -28.48
CA THR O 118 13.11 -44.37 -27.97
C THR O 118 12.23 -44.66 -29.17
N ILE O 119 12.05 -45.94 -29.50
CA ILE O 119 11.19 -46.28 -30.62
C ILE O 119 9.72 -46.15 -30.19
N MET O 120 8.89 -45.65 -31.10
CA MET O 120 7.49 -45.38 -30.81
C MET O 120 6.60 -45.95 -31.90
N PRO O 121 5.32 -46.13 -31.62
CA PRO O 121 4.39 -46.65 -32.64
C PRO O 121 4.36 -45.87 -33.94
N LYS O 122 4.50 -44.54 -33.91
CA LYS O 122 4.57 -43.78 -35.16
C LYS O 122 5.79 -44.21 -35.98
N ASP O 123 6.89 -44.54 -35.31
CA ASP O 123 8.06 -45.06 -35.99
C ASP O 123 7.72 -46.38 -36.66
N ILE O 124 7.05 -47.25 -35.93
CA ILE O 124 6.65 -48.55 -36.46
C ILE O 124 5.77 -48.37 -37.69
N GLN O 125 4.82 -47.44 -37.61
CA GLN O 125 3.89 -47.25 -38.71
C GLN O 125 4.60 -46.70 -39.94
N LEU O 126 5.55 -45.78 -39.73
CA LEU O 126 6.32 -45.29 -40.87
C LEU O 126 7.14 -46.41 -41.49
N ALA O 127 7.77 -47.25 -40.67
CA ALA O 127 8.55 -48.35 -41.22
C ALA O 127 7.69 -49.29 -42.03
N ARG O 128 6.53 -49.67 -41.50
CA ARG O 128 5.68 -50.60 -42.23
C ARG O 128 5.01 -49.97 -43.44
N ARG O 129 4.76 -48.65 -43.40
CA ARG O 129 4.21 -47.98 -44.58
C ARG O 129 5.25 -47.87 -45.68
N ILE O 130 6.48 -47.49 -45.34
CA ILE O 130 7.49 -47.35 -46.38
C ILE O 130 7.84 -48.72 -46.93
N ARG O 131 7.85 -49.72 -46.06
CA ARG O 131 8.09 -51.09 -46.53
C ARG O 131 6.97 -51.50 -47.47
N GLY O 132 5.77 -50.97 -47.25
CA GLY O 132 4.57 -51.29 -48.00
C GLY O 132 3.66 -52.31 -47.34
N GLU O 133 3.58 -52.28 -46.01
CA GLU O 133 2.67 -53.16 -45.30
C GLU O 133 1.50 -52.38 -44.70
N ASP P 24 -6.43 -66.62 -25.24
CA ASP P 24 -5.72 -65.56 -24.56
C ASP P 24 -4.26 -65.98 -24.37
N ASN P 25 -3.70 -66.63 -25.38
CA ASN P 25 -2.32 -67.09 -25.33
C ASN P 25 -1.33 -66.03 -25.82
N ILE P 26 -1.82 -64.93 -26.38
CA ILE P 26 -0.95 -63.86 -26.83
C ILE P 26 -0.27 -63.15 -25.66
N GLN P 27 -0.89 -63.14 -24.48
CA GLN P 27 -0.19 -62.58 -23.32
C GLN P 27 1.00 -63.43 -22.93
N GLY P 28 1.06 -64.67 -23.41
CA GLY P 28 2.25 -65.49 -23.26
C GLY P 28 3.47 -64.94 -23.96
N ILE P 29 3.27 -64.09 -24.96
CA ILE P 29 4.38 -63.36 -25.57
C ILE P 29 4.63 -62.18 -24.64
N THR P 30 5.53 -62.35 -23.67
CA THR P 30 5.58 -61.42 -22.56
C THR P 30 6.35 -60.15 -22.90
N LYS P 31 6.18 -59.14 -22.04
CA LYS P 31 6.96 -57.91 -22.13
C LYS P 31 8.46 -58.13 -22.06
N PRO P 32 9.00 -58.96 -21.14
CA PRO P 32 10.44 -59.23 -21.18
C PRO P 32 10.89 -59.83 -22.49
N ALA P 33 10.07 -60.71 -23.09
CA ALA P 33 10.43 -61.31 -24.37
C ALA P 33 10.49 -60.24 -25.46
N ILE P 34 9.49 -59.36 -25.49
CA ILE P 34 9.49 -58.28 -26.46
C ILE P 34 10.69 -57.36 -26.24
N ARG P 35 11.05 -57.12 -24.97
CA ARG P 35 12.23 -56.31 -24.68
C ARG P 35 13.48 -56.98 -25.19
N ARG P 36 13.58 -58.30 -25.02
CA ARG P 36 14.73 -59.04 -25.54
C ARG P 36 14.81 -58.93 -27.05
N LEU P 37 13.67 -59.07 -27.72
CA LEU P 37 13.63 -58.91 -29.17
C LEU P 37 14.10 -57.52 -29.59
N ALA P 38 13.64 -56.49 -28.89
CA ALA P 38 14.05 -55.13 -29.22
C ALA P 38 15.53 -54.94 -28.96
N ARG P 39 16.06 -55.56 -27.89
CA ARG P 39 17.49 -55.46 -27.64
C ARG P 39 18.25 -56.11 -28.77
N ARG P 40 17.83 -57.31 -29.17
CA ARG P 40 18.42 -57.96 -30.33
C ARG P 40 18.18 -57.13 -31.59
N GLY P 41 17.05 -56.42 -31.64
CA GLY P 41 16.78 -55.44 -32.67
C GLY P 41 17.56 -54.16 -32.54
N GLY P 42 18.30 -54.00 -31.44
CA GLY P 42 19.15 -52.84 -31.25
C GLY P 42 18.49 -51.69 -30.53
N VAL P 43 17.32 -51.90 -29.93
CA VAL P 43 16.58 -50.83 -29.27
C VAL P 43 17.14 -50.63 -27.86
N LYS P 44 17.38 -49.37 -27.49
CA LYS P 44 17.93 -49.05 -26.17
C LYS P 44 16.87 -48.76 -25.13
N ARG P 45 15.73 -48.23 -25.53
CA ARG P 45 14.75 -47.78 -24.54
C ARG P 45 13.38 -47.98 -25.17
N ILE P 46 12.49 -48.63 -24.43
CA ILE P 46 11.24 -49.14 -24.98
C ILE P 46 10.09 -48.52 -24.20
N SER P 47 9.16 -47.89 -24.92
CA SER P 47 7.97 -47.37 -24.25
C SER P 47 7.08 -48.53 -23.84
N GLY P 48 6.34 -48.33 -22.73
CA GLY P 48 5.51 -49.39 -22.20
C GLY P 48 4.35 -49.79 -23.08
N LEU P 49 3.93 -48.93 -24.02
CA LEU P 49 2.82 -49.30 -24.92
C LEU P 49 3.29 -50.09 -26.14
N ILE P 50 4.59 -50.34 -26.29
CA ILE P 50 5.11 -51.03 -27.47
C ILE P 50 4.78 -52.51 -27.47
N TYR P 51 4.67 -53.09 -26.28
CA TYR P 51 4.65 -54.56 -26.21
C TYR P 51 3.37 -55.12 -26.78
N GLU P 52 2.24 -54.49 -26.49
CA GLU P 52 0.97 -54.96 -27.04
C GLU P 52 0.93 -54.83 -28.56
N GLU P 53 1.43 -53.72 -29.12
CA GLU P 53 1.46 -53.59 -30.56
C GLU P 53 2.23 -54.74 -31.19
N THR P 54 3.35 -55.13 -30.56
CA THR P 54 4.15 -56.18 -31.18
C THR P 54 3.40 -57.48 -31.15
N ARG P 55 2.64 -57.72 -30.08
CA ARG P 55 1.83 -58.93 -30.04
C ARG P 55 0.80 -58.91 -31.15
N GLY P 56 0.18 -57.74 -31.39
CA GLY P 56 -0.74 -57.65 -32.51
C GLY P 56 -0.06 -57.92 -33.84
N VAL P 57 1.14 -57.38 -34.01
CA VAL P 57 1.89 -57.61 -35.24
C VAL P 57 2.13 -59.09 -35.40
N LEU P 58 2.55 -59.74 -34.31
CA LEU P 58 2.85 -61.16 -34.38
C LEU P 58 1.63 -61.96 -34.74
N LYS P 59 0.46 -61.57 -34.21
CA LYS P 59 -0.74 -62.31 -34.55
C LYS P 59 -1.00 -62.22 -36.04
N VAL P 60 -0.86 -61.03 -36.60
CA VAL P 60 -1.09 -60.87 -38.02
C VAL P 60 -0.10 -61.71 -38.80
N PHE P 61 1.17 -61.65 -38.40
CA PHE P 61 2.15 -62.46 -39.11
C PHE P 61 1.76 -63.92 -39.06
N LEU P 62 1.49 -64.43 -37.86
CA LEU P 62 1.17 -65.85 -37.74
C LEU P 62 -0.12 -66.17 -38.47
N GLU P 63 -1.06 -65.22 -38.45
CA GLU P 63 -2.31 -65.45 -39.15
C GLU P 63 -2.06 -65.63 -40.63
N ASN P 64 -1.25 -64.75 -41.22
CA ASN P 64 -0.95 -64.96 -42.63
C ASN P 64 -0.25 -66.29 -42.85
N VAL P 65 0.85 -66.54 -42.14
CA VAL P 65 1.64 -67.74 -42.43
C VAL P 65 0.84 -68.99 -42.16
N ILE P 66 0.14 -69.04 -41.03
CA ILE P 66 -0.56 -70.27 -40.71
C ILE P 66 -1.73 -70.45 -41.65
N ARG P 67 -2.39 -69.35 -42.04
CA ARG P 67 -3.43 -69.50 -43.05
C ARG P 67 -2.87 -70.17 -44.29
N ASP P 68 -1.72 -69.70 -44.76
CA ASP P 68 -1.17 -70.30 -45.95
C ASP P 68 -0.76 -71.73 -45.65
N ALA P 69 -0.21 -71.95 -44.46
CA ALA P 69 0.19 -73.30 -44.10
C ALA P 69 -1.02 -74.22 -44.00
N VAL P 70 -2.13 -73.73 -43.44
CA VAL P 70 -3.29 -74.61 -43.40
C VAL P 70 -3.86 -74.83 -44.79
N THR P 71 -3.71 -73.86 -45.70
CA THR P 71 -4.10 -74.12 -47.06
C THR P 71 -3.27 -75.24 -47.64
N TYR P 72 -1.95 -75.19 -47.41
CA TYR P 72 -1.12 -76.29 -47.87
C TYR P 72 -1.57 -77.58 -47.22
N THR P 73 -1.93 -77.53 -45.93
CA THR P 73 -2.35 -78.75 -45.27
C THR P 73 -3.63 -79.23 -45.92
N GLU P 74 -4.56 -78.31 -46.17
CA GLU P 74 -5.80 -78.74 -46.80
C GLU P 74 -5.56 -79.21 -48.22
N HIS P 75 -4.65 -78.55 -48.95
CA HIS P 75 -4.35 -79.03 -50.29
C HIS P 75 -3.75 -80.43 -50.27
N ALA P 76 -2.88 -80.70 -49.30
CA ALA P 76 -2.29 -82.02 -49.17
C ALA P 76 -3.21 -83.04 -48.54
N LYS P 77 -4.43 -82.64 -48.16
CA LYS P 77 -5.40 -83.53 -47.52
C LYS P 77 -4.87 -84.07 -46.20
N ARG P 78 -4.01 -83.32 -45.52
CA ARG P 78 -3.54 -83.68 -44.19
C ARG P 78 -4.35 -83.00 -43.09
N LYS P 79 -4.20 -83.55 -41.87
CA LYS P 79 -4.71 -82.94 -40.66
C LYS P 79 -3.61 -82.35 -39.79
N THR P 80 -2.35 -82.51 -40.19
CA THR P 80 -1.19 -82.10 -39.41
C THR P 80 -0.46 -80.98 -40.14
N VAL P 81 -0.31 -79.83 -39.50
CA VAL P 81 0.50 -78.78 -40.09
C VAL P 81 1.96 -79.20 -39.98
N THR P 82 2.64 -79.25 -41.12
CA THR P 82 4.00 -79.76 -41.21
C THR P 82 5.00 -78.61 -41.30
N ALA P 83 6.24 -78.90 -40.91
CA ALA P 83 7.33 -77.94 -41.12
C ALA P 83 7.39 -77.54 -42.58
N MET P 84 7.11 -78.48 -43.50
CA MET P 84 7.15 -78.16 -44.92
C MET P 84 6.03 -77.20 -45.30
N ASP P 85 4.84 -77.38 -44.73
CA ASP P 85 3.76 -76.42 -44.94
C ASP P 85 4.19 -75.03 -44.51
N VAL P 86 4.80 -74.93 -43.32
CA VAL P 86 5.24 -73.63 -42.82
C VAL P 86 6.32 -73.05 -43.74
N VAL P 87 7.27 -73.87 -44.17
CA VAL P 87 8.34 -73.37 -45.05
C VAL P 87 7.75 -72.90 -46.38
N TYR P 88 6.81 -73.66 -46.93
CA TYR P 88 6.18 -73.27 -48.19
C TYR P 88 5.38 -71.99 -48.02
N ALA P 89 4.68 -71.85 -46.90
CA ALA P 89 3.92 -70.63 -46.65
C ALA P 89 4.84 -69.43 -46.52
N LEU P 90 5.93 -69.58 -45.76
CA LEU P 90 6.91 -68.51 -45.64
C LEU P 90 7.53 -68.16 -46.99
N LYS P 91 7.83 -69.17 -47.81
CA LYS P 91 8.39 -68.90 -49.14
C LYS P 91 7.37 -68.20 -50.01
N ARG P 92 6.11 -68.63 -49.93
CA ARG P 92 5.05 -68.02 -50.71
C ARG P 92 4.86 -66.56 -50.31
N GLN P 93 5.10 -66.27 -49.03
CA GLN P 93 5.05 -64.93 -48.47
C GLN P 93 6.39 -64.22 -48.58
N GLY P 94 7.29 -64.73 -49.41
CA GLY P 94 8.58 -64.11 -49.63
C GLY P 94 9.51 -64.15 -48.44
N ARG P 95 9.39 -65.18 -47.59
CA ARG P 95 10.22 -65.30 -46.40
C ARG P 95 10.82 -66.69 -46.32
N THR P 96 11.43 -67.14 -47.41
CA THR P 96 12.07 -68.45 -47.44
C THR P 96 12.86 -68.69 -46.17
N LEU P 97 12.67 -69.87 -45.58
CA LEU P 97 13.38 -70.27 -44.36
C LEU P 97 14.28 -71.45 -44.70
N TYR P 98 15.54 -71.36 -44.29
CA TYR P 98 16.43 -72.50 -44.44
C TYR P 98 16.58 -73.21 -43.11
N GLY P 99 16.63 -74.53 -43.20
CA GLY P 99 16.90 -75.40 -42.08
C GLY P 99 15.71 -76.21 -41.69
N PHE P 100 14.60 -76.09 -42.44
CA PHE P 100 13.37 -76.81 -42.20
C PHE P 100 12.86 -77.46 -43.48
N GLY P 101 13.76 -77.75 -44.42
CA GLY P 101 13.38 -78.35 -45.68
C GLY P 101 13.21 -77.30 -46.77
N ARG Q 11 -18.92 -86.19 -87.00
CA ARG Q 11 -18.79 -85.68 -85.64
C ARG Q 11 -20.00 -84.86 -85.23
N ALA Q 12 -19.79 -83.94 -84.31
CA ALA Q 12 -20.85 -83.04 -83.85
C ALA Q 12 -20.43 -81.61 -84.19
N LYS Q 13 -21.27 -80.66 -83.81
CA LYS Q 13 -21.00 -79.24 -83.99
C LYS Q 13 -19.74 -78.87 -83.21
N ALA Q 14 -18.80 -78.18 -83.87
CA ALA Q 14 -17.68 -77.66 -83.11
C ALA Q 14 -18.22 -76.58 -82.18
N LYS Q 15 -18.48 -76.97 -80.93
CA LYS Q 15 -19.08 -76.10 -79.93
C LYS Q 15 -18.01 -75.79 -78.90
N THR Q 16 -17.84 -74.50 -78.60
CA THR Q 16 -16.74 -74.14 -77.73
C THR Q 16 -16.97 -74.68 -76.32
N ARG Q 17 -15.88 -75.05 -75.66
CA ARG Q 17 -15.94 -75.52 -74.29
C ARG Q 17 -16.39 -74.42 -73.34
N SER Q 18 -16.15 -73.16 -73.72
CA SER Q 18 -16.67 -72.03 -72.95
C SER Q 18 -18.19 -72.06 -72.87
N SER Q 19 -18.85 -72.42 -73.97
CA SER Q 19 -20.31 -72.49 -73.93
C SER Q 19 -20.77 -73.62 -73.02
N ARG Q 20 -20.10 -74.77 -73.08
CA ARG Q 20 -20.45 -75.86 -72.18
C ARG Q 20 -20.24 -75.49 -70.72
N ALA Q 21 -19.17 -74.75 -70.44
CA ALA Q 21 -18.85 -74.33 -69.08
C ALA Q 21 -19.64 -73.10 -68.64
N GLY Q 22 -20.30 -72.42 -69.57
CA GLY Q 22 -21.00 -71.19 -69.24
C GLY Q 22 -20.05 -70.03 -69.07
N LEU Q 23 -18.92 -70.07 -69.75
CA LEU Q 23 -17.86 -69.10 -69.58
C LEU Q 23 -17.73 -68.26 -70.84
N GLN Q 24 -17.28 -67.03 -70.67
CA GLN Q 24 -16.95 -66.20 -71.82
C GLN Q 24 -15.51 -66.37 -72.25
N PHE Q 25 -14.62 -66.71 -71.33
CA PHE Q 25 -13.22 -66.93 -71.63
C PHE Q 25 -13.05 -68.28 -72.32
N PRO Q 26 -12.04 -68.42 -73.18
CA PRO Q 26 -11.96 -69.62 -74.04
C PRO Q 26 -11.36 -70.78 -73.28
N VAL Q 27 -12.19 -71.78 -72.98
CA VAL Q 27 -11.71 -72.93 -72.20
C VAL Q 27 -10.70 -73.72 -73.00
N GLY Q 28 -10.95 -73.91 -74.30
CA GLY Q 28 -10.02 -74.67 -75.11
C GLY Q 28 -8.68 -73.97 -75.25
N ARG Q 29 -8.70 -72.65 -75.45
CA ARG Q 29 -7.44 -71.92 -75.54
C ARG Q 29 -6.70 -71.87 -74.21
N VAL Q 30 -7.40 -71.69 -73.08
CA VAL Q 30 -6.70 -71.74 -71.80
C VAL Q 30 -6.10 -73.13 -71.58
N HIS Q 31 -6.82 -74.18 -72.00
CA HIS Q 31 -6.28 -75.53 -71.89
C HIS Q 31 -5.00 -75.68 -72.70
N ARG Q 32 -5.02 -75.19 -73.95
CA ARG Q 32 -3.84 -75.30 -74.79
C ARG Q 32 -2.68 -74.49 -74.23
N LEU Q 33 -2.97 -73.32 -73.65
CA LEU Q 33 -1.91 -72.53 -73.02
C LEU Q 33 -1.35 -73.23 -71.78
N LEU Q 34 -2.19 -73.96 -71.06
CA LEU Q 34 -1.71 -74.75 -69.93
C LEU Q 34 -0.83 -75.92 -70.39
N ARG Q 35 -1.23 -76.58 -71.48
CA ARG Q 35 -0.50 -77.75 -71.94
C ARG Q 35 0.88 -77.38 -72.47
N LYS Q 36 0.99 -76.25 -73.16
CA LYS Q 36 2.25 -75.83 -73.78
C LYS Q 36 3.01 -74.81 -72.94
N GLY Q 37 2.74 -74.73 -71.64
CA GLY Q 37 3.35 -73.71 -70.83
C GLY Q 37 4.39 -74.24 -69.85
N ASN Q 38 4.70 -75.53 -69.98
CA ASN Q 38 5.67 -76.21 -69.10
C ASN Q 38 5.26 -76.04 -67.64
N TYR Q 39 3.98 -76.27 -67.38
CA TYR Q 39 3.44 -76.18 -66.03
C TYR Q 39 3.35 -77.52 -65.34
N ALA Q 40 2.77 -78.52 -65.99
CA ALA Q 40 2.79 -79.87 -65.46
C ALA Q 40 2.85 -80.85 -66.62
N GLU Q 41 3.16 -82.10 -66.29
CA GLU Q 41 3.19 -83.15 -67.30
C GLU Q 41 1.81 -83.37 -67.89
N ARG Q 42 0.76 -83.27 -67.06
CA ARG Q 42 -0.60 -83.50 -67.49
C ARG Q 42 -1.45 -82.35 -66.96
N VAL Q 43 -2.51 -82.04 -67.68
CA VAL Q 43 -3.43 -80.97 -67.29
C VAL Q 43 -4.82 -81.58 -67.21
N GLY Q 44 -5.40 -81.56 -66.01
CA GLY Q 44 -6.72 -82.12 -65.83
C GLY Q 44 -7.78 -81.38 -66.62
N ALA Q 45 -8.94 -82.01 -66.74
CA ALA Q 45 -9.99 -81.43 -67.57
C ALA Q 45 -10.59 -80.19 -66.93
N GLY Q 46 -10.71 -80.18 -65.60
CA GLY Q 46 -11.33 -79.05 -64.93
C GLY Q 46 -10.37 -77.92 -64.61
N ALA Q 47 -9.06 -78.16 -64.69
CA ALA Q 47 -8.11 -77.09 -64.42
C ALA Q 47 -8.26 -75.91 -65.38
N PRO Q 48 -8.38 -76.10 -66.71
CA PRO Q 48 -8.57 -74.93 -67.59
C PRO Q 48 -9.91 -74.26 -67.41
N VAL Q 49 -10.98 -75.03 -67.15
CA VAL Q 49 -12.28 -74.43 -66.88
C VAL Q 49 -12.19 -73.55 -65.64
N TYR Q 50 -11.61 -74.09 -64.57
CA TYR Q 50 -11.46 -73.34 -63.34
C TYR Q 50 -10.64 -72.09 -63.56
N LEU Q 51 -9.50 -72.22 -64.26
CA LEU Q 51 -8.64 -71.08 -64.47
C LEU Q 51 -9.34 -70.03 -65.31
N ALA Q 52 -10.08 -70.45 -66.33
CA ALA Q 52 -10.82 -69.49 -67.16
C ALA Q 52 -11.90 -68.79 -66.36
N ALA Q 53 -12.58 -69.52 -65.47
CA ALA Q 53 -13.57 -68.88 -64.60
C ALA Q 53 -12.92 -67.85 -63.67
N VAL Q 54 -11.76 -68.18 -63.12
CA VAL Q 54 -11.08 -67.25 -62.23
C VAL Q 54 -10.63 -66.02 -63.00
N LEU Q 55 -10.10 -66.22 -64.21
CA LEU Q 55 -9.65 -65.12 -65.04
C LEU Q 55 -10.84 -64.24 -65.43
N GLU Q 56 -11.96 -64.87 -65.79
CA GLU Q 56 -13.18 -64.13 -66.11
C GLU Q 56 -13.65 -63.33 -64.90
N TYR Q 57 -13.56 -63.91 -63.70
CA TYR Q 57 -13.99 -63.17 -62.53
C TYR Q 57 -13.12 -61.95 -62.27
N LEU Q 58 -11.80 -62.13 -62.35
CA LEU Q 58 -10.90 -61.00 -62.11
C LEU Q 58 -11.04 -59.94 -63.19
N THR Q 59 -11.13 -60.35 -64.45
CA THR Q 59 -11.38 -59.41 -65.54
C THR Q 59 -12.69 -58.67 -65.34
N ALA Q 60 -13.74 -59.39 -64.95
CA ALA Q 60 -15.05 -58.76 -64.76
C ALA Q 60 -15.00 -57.77 -63.61
N GLU Q 61 -14.32 -58.13 -62.52
CA GLU Q 61 -14.17 -57.22 -61.39
C GLU Q 61 -13.45 -55.95 -61.83
N ILE Q 62 -12.29 -56.09 -62.45
CA ILE Q 62 -11.50 -54.92 -62.84
C ILE Q 62 -12.27 -54.09 -63.86
N LEU Q 63 -12.96 -54.74 -64.78
CA LEU Q 63 -13.65 -53.99 -65.84
C LEU Q 63 -14.88 -53.30 -65.30
N GLU Q 64 -15.54 -53.91 -64.32
CA GLU Q 64 -16.68 -53.26 -63.67
C GLU Q 64 -16.21 -52.02 -62.91
N LEU Q 65 -15.16 -52.16 -62.10
CA LEU Q 65 -14.66 -51.02 -61.36
C LEU Q 65 -14.12 -49.94 -62.29
N ALA Q 66 -13.51 -50.35 -63.41
CA ALA Q 66 -12.98 -49.38 -64.35
C ALA Q 66 -14.08 -48.68 -65.12
N GLY Q 67 -15.17 -49.39 -65.44
CA GLY Q 67 -16.31 -48.75 -66.05
C GLY Q 67 -16.97 -47.78 -65.10
N ASN Q 68 -17.01 -48.14 -63.81
CA ASN Q 68 -17.45 -47.19 -62.79
C ASN Q 68 -16.56 -45.96 -62.77
N ALA Q 69 -15.24 -46.15 -62.74
CA ALA Q 69 -14.32 -45.03 -62.75
C ALA Q 69 -14.50 -44.17 -64.00
N ALA Q 70 -14.80 -44.81 -65.14
CA ALA Q 70 -15.02 -44.07 -66.37
C ALA Q 70 -16.32 -43.28 -66.32
N ARG Q 71 -17.37 -43.90 -65.78
CA ARG Q 71 -18.65 -43.23 -65.63
C ARG Q 71 -18.53 -42.05 -64.68
N ASP Q 72 -17.67 -42.19 -63.66
CA ASP Q 72 -17.44 -41.10 -62.73
C ASP Q 72 -16.83 -39.91 -63.43
N ASN Q 73 -16.07 -40.15 -64.50
CA ASN Q 73 -15.49 -39.11 -65.34
C ASN Q 73 -16.37 -38.79 -66.53
N LYS Q 74 -17.62 -39.28 -66.55
CA LYS Q 74 -18.57 -39.03 -67.62
C LYS Q 74 -18.07 -39.54 -68.95
N LYS Q 75 -17.33 -40.65 -68.92
CA LYS Q 75 -16.87 -41.31 -70.12
C LYS Q 75 -17.60 -42.62 -70.34
N THR Q 76 -17.81 -42.97 -71.61
CA THR Q 76 -18.42 -44.24 -71.97
C THR Q 76 -17.36 -45.23 -72.44
N ARG Q 77 -16.10 -44.96 -72.12
CA ARG Q 77 -14.96 -45.71 -72.62
C ARG Q 77 -13.89 -45.69 -71.54
N ILE Q 78 -13.47 -46.88 -71.11
CA ILE Q 78 -12.47 -47.02 -70.04
C ILE Q 78 -11.11 -46.56 -70.56
N ILE Q 79 -10.41 -45.76 -69.76
CA ILE Q 79 -9.05 -45.35 -70.12
C ILE Q 79 -8.09 -45.79 -69.02
N PRO Q 80 -6.76 -45.70 -69.24
CA PRO Q 80 -5.83 -46.05 -68.14
C PRO Q 80 -6.07 -45.29 -66.85
N ARG Q 81 -6.49 -44.03 -66.93
CA ARG Q 81 -6.82 -43.32 -65.69
C ARG Q 81 -7.91 -44.05 -64.92
N HIS Q 82 -8.95 -44.50 -65.61
CA HIS Q 82 -10.03 -45.21 -64.94
C HIS Q 82 -9.58 -46.57 -64.45
N LEU Q 83 -8.74 -47.26 -65.21
CA LEU Q 83 -8.17 -48.52 -64.72
C LEU Q 83 -7.35 -48.31 -63.46
N GLN Q 84 -6.53 -47.26 -63.44
CA GLN Q 84 -5.71 -46.98 -62.27
C GLN Q 84 -6.58 -46.61 -61.09
N LEU Q 85 -7.61 -45.79 -61.31
CA LEU Q 85 -8.50 -45.42 -60.23
C LEU Q 85 -9.25 -46.64 -59.70
N ALA Q 86 -9.66 -47.54 -60.60
CA ALA Q 86 -10.29 -48.78 -60.19
C ALA Q 86 -9.35 -49.65 -59.36
N VAL Q 87 -8.12 -49.84 -59.83
CA VAL Q 87 -7.21 -50.75 -59.17
C VAL Q 87 -6.79 -50.17 -57.82
N ARG Q 88 -6.35 -48.92 -57.80
CA ARG Q 88 -5.81 -48.30 -56.61
C ARG Q 88 -6.90 -47.93 -55.62
N ASN Q 89 -8.15 -47.84 -56.09
CA ASN Q 89 -9.27 -47.54 -55.21
C ASN Q 89 -9.88 -48.81 -54.61
N ASP Q 90 -9.66 -49.95 -55.25
CA ASP Q 90 -10.12 -51.23 -54.72
C ASP Q 90 -9.02 -51.85 -53.90
N GLU Q 91 -9.33 -52.20 -52.65
CA GLU Q 91 -8.29 -52.65 -51.74
C GLU Q 91 -7.68 -53.94 -52.24
N GLU Q 92 -8.52 -54.90 -52.64
CA GLU Q 92 -8.05 -56.21 -53.04
C GLU Q 92 -7.42 -56.17 -54.42
N LEU Q 93 -8.00 -55.38 -55.34
CA LEU Q 93 -7.35 -55.20 -56.64
C LEU Q 93 -6.01 -54.47 -56.49
N ASN Q 94 -5.93 -53.52 -55.55
CA ASN Q 94 -4.68 -52.82 -55.33
C ASN Q 94 -3.66 -53.72 -54.65
N LYS Q 95 -4.13 -54.70 -53.87
CA LYS Q 95 -3.21 -55.69 -53.32
C LYS Q 95 -2.75 -56.66 -54.39
N LEU Q 96 -3.67 -57.07 -55.27
CA LEU Q 96 -3.31 -57.96 -56.36
C LEU Q 96 -2.34 -57.28 -57.31
N LEU Q 97 -2.62 -56.03 -57.65
CA LEU Q 97 -1.80 -55.25 -58.57
C LEU Q 97 -0.85 -54.32 -57.85
N GLY Q 98 -0.33 -54.76 -56.70
CA GLY Q 98 0.49 -53.88 -55.87
C GLY Q 98 1.84 -53.56 -56.47
N ARG Q 99 2.41 -54.49 -57.23
CA ARG Q 99 3.73 -54.33 -57.82
C ARG Q 99 3.66 -54.01 -59.31
N VAL Q 100 2.57 -53.40 -59.75
CA VAL Q 100 2.33 -53.16 -61.17
C VAL Q 100 2.24 -51.65 -61.40
N THR Q 101 2.85 -51.21 -62.49
CA THR Q 101 2.73 -49.83 -62.95
C THR Q 101 1.76 -49.82 -64.13
N ILE Q 102 0.73 -48.98 -64.02
CA ILE Q 102 -0.23 -48.80 -65.10
C ILE Q 102 0.19 -47.60 -65.93
N ALA Q 103 0.57 -47.85 -67.19
CA ALA Q 103 0.97 -46.77 -68.07
C ALA Q 103 -0.18 -45.78 -68.24
N GLN Q 104 0.14 -44.50 -68.22
CA GLN Q 104 -0.84 -43.43 -68.42
C GLN Q 104 -1.98 -43.53 -67.41
N GLY Q 105 -1.69 -44.14 -66.26
CA GLY Q 105 -2.70 -44.32 -65.25
C GLY Q 105 -2.62 -43.15 -64.31
N GLY Q 106 -1.44 -42.55 -64.25
CA GLY Q 106 -1.26 -41.47 -63.31
C GLY Q 106 -1.26 -42.05 -61.91
N VAL Q 107 -1.55 -41.18 -60.95
CA VAL Q 107 -1.53 -41.55 -59.54
C VAL Q 107 -2.86 -41.10 -58.95
N LEU Q 108 -3.12 -41.55 -57.73
CA LEU Q 108 -4.29 -41.06 -57.01
C LEU Q 108 -4.02 -39.67 -56.48
N PRO Q 109 -5.00 -38.77 -56.59
CA PRO Q 109 -4.87 -37.42 -55.99
C PRO Q 109 -4.72 -37.52 -54.48
N ASN Q 110 -3.58 -37.05 -53.98
CA ASN Q 110 -3.20 -37.19 -52.57
C ASN Q 110 -2.23 -36.08 -52.18
N ILE Q 111 -2.75 -35.11 -51.41
CA ILE Q 111 -1.95 -34.03 -50.84
C ILE Q 111 -1.84 -34.25 -49.35
N GLN Q 112 -0.61 -34.29 -48.83
CA GLN Q 112 -0.42 -34.45 -47.39
C GLN Q 112 -1.01 -33.29 -46.59
N SER Q 113 -1.66 -33.63 -45.47
CA SER Q 113 -2.43 -32.66 -44.70
C SER Q 113 -1.56 -31.60 -44.03
N VAL Q 114 -0.30 -31.93 -43.72
CA VAL Q 114 0.61 -31.00 -43.08
C VAL Q 114 1.04 -29.89 -44.03
N LEU Q 115 0.90 -30.10 -45.34
CA LEU Q 115 1.29 -29.10 -46.31
C LEU Q 115 0.23 -28.03 -46.52
N LEU Q 116 -0.99 -28.22 -46.06
CA LEU Q 116 -2.00 -27.19 -46.25
C LEU Q 116 -1.75 -25.98 -45.35
N THR R 29 1.27 -61.63 -89.19
CA THR R 29 1.02 -62.97 -88.67
C THR R 29 -0.14 -62.91 -87.67
N ARG R 30 -0.86 -64.02 -87.52
CA ARG R 30 -2.00 -64.03 -86.62
C ARG R 30 -1.55 -64.01 -85.16
N LYS R 31 -2.01 -63.01 -84.41
CA LYS R 31 -1.71 -62.87 -83.00
C LYS R 31 -3.00 -63.04 -82.21
N GLU R 32 -3.06 -64.07 -81.38
CA GLU R 32 -4.26 -64.30 -80.57
C GLU R 32 -4.24 -63.40 -79.34
N SER R 33 -5.44 -62.99 -78.90
CA SER R 33 -5.59 -62.22 -77.67
C SER R 33 -6.97 -62.46 -77.07
N TYR R 34 -7.17 -61.95 -75.85
CA TYR R 34 -8.42 -62.08 -75.12
C TYR R 34 -9.39 -60.93 -75.39
N ALA R 35 -9.11 -60.09 -76.39
CA ALA R 35 -9.86 -58.85 -76.57
C ALA R 35 -11.35 -59.13 -76.70
N ILE R 36 -11.72 -60.17 -77.45
CA ILE R 36 -13.13 -60.44 -77.69
C ILE R 36 -13.81 -60.87 -76.39
N TYR R 37 -13.10 -61.65 -75.56
CA TYR R 37 -13.70 -62.10 -74.30
C TYR R 37 -13.78 -60.98 -73.29
N VAL R 38 -12.76 -60.12 -73.25
CA VAL R 38 -12.83 -58.92 -72.43
C VAL R 38 -13.99 -58.05 -72.86
N TYR R 39 -14.22 -57.95 -74.16
CA TYR R 39 -15.31 -57.10 -74.64
C TYR R 39 -16.66 -57.71 -74.33
N LYS R 40 -16.79 -59.04 -74.45
CA LYS R 40 -18.04 -59.70 -74.08
C LYS R 40 -18.33 -59.55 -72.58
N VAL R 41 -17.35 -59.81 -71.72
CA VAL R 41 -17.58 -59.64 -70.28
C VAL R 41 -17.91 -58.19 -69.96
N LEU R 42 -17.25 -57.24 -70.62
CA LEU R 42 -17.57 -55.84 -70.38
C LEU R 42 -18.98 -55.51 -70.82
N LYS R 43 -19.40 -56.05 -71.97
CA LYS R 43 -20.76 -55.84 -72.46
C LYS R 43 -21.77 -56.52 -71.58
N GLN R 44 -21.33 -57.51 -70.80
CA GLN R 44 -22.21 -58.08 -69.79
C GLN R 44 -22.33 -57.12 -68.62
N VAL R 45 -21.19 -56.61 -68.12
CA VAL R 45 -21.19 -55.80 -66.91
C VAL R 45 -21.51 -54.33 -67.24
N HIS R 46 -21.13 -53.86 -68.43
CA HIS R 46 -21.33 -52.47 -68.82
C HIS R 46 -21.72 -52.42 -70.30
N PRO R 47 -23.01 -52.43 -70.62
CA PRO R 47 -23.43 -52.56 -72.03
C PRO R 47 -22.93 -51.46 -72.96
N ASP R 48 -22.90 -50.21 -72.52
CA ASP R 48 -22.47 -49.14 -73.40
C ASP R 48 -21.01 -48.75 -73.21
N THR R 49 -20.44 -49.06 -72.06
CA THR R 49 -19.06 -48.67 -71.76
C THR R 49 -18.07 -49.37 -72.69
N GLY R 50 -17.18 -48.58 -73.29
CA GLY R 50 -16.12 -49.08 -74.13
C GLY R 50 -14.77 -49.08 -73.43
N ILE R 51 -13.72 -49.32 -74.22
CA ILE R 51 -12.36 -49.42 -73.72
C ILE R 51 -11.39 -48.97 -74.81
N SER R 52 -10.44 -48.14 -74.42
CA SER R 52 -9.38 -47.66 -75.30
C SER R 52 -8.33 -48.76 -75.52
N SER R 53 -7.46 -48.55 -76.52
CA SER R 53 -6.48 -49.57 -76.84
C SER R 53 -5.40 -49.68 -75.77
N LYS R 54 -5.07 -48.57 -75.09
CA LYS R 54 -4.13 -48.63 -73.99
C LYS R 54 -4.72 -49.40 -72.81
N ALA R 55 -5.96 -49.09 -72.46
CA ALA R 55 -6.65 -49.83 -71.41
C ALA R 55 -6.80 -51.31 -71.76
N MET R 56 -7.01 -51.63 -73.05
CA MET R 56 -7.12 -53.03 -73.44
C MET R 56 -5.77 -53.72 -73.33
N SER R 57 -4.69 -53.01 -73.68
CA SER R 57 -3.34 -53.55 -73.49
C SER R 57 -3.08 -53.81 -72.01
N ILE R 58 -3.51 -52.89 -71.14
CA ILE R 58 -3.36 -53.07 -69.71
C ILE R 58 -4.13 -54.29 -69.24
N MET R 59 -5.37 -54.45 -69.73
CA MET R 59 -6.18 -55.61 -69.34
C MET R 59 -5.55 -56.91 -69.84
N ASN R 60 -4.95 -56.86 -71.03
CA ASN R 60 -4.26 -58.02 -71.57
C ASN R 60 -3.06 -58.39 -70.71
N SER R 61 -2.26 -57.40 -70.34
CA SER R 61 -1.12 -57.72 -69.50
C SER R 61 -1.56 -58.16 -68.11
N PHE R 62 -2.73 -57.71 -67.65
CA PHE R 62 -3.25 -58.18 -66.39
C PHE R 62 -3.70 -59.63 -66.44
N VAL R 63 -4.45 -59.99 -67.49
CA VAL R 63 -4.86 -61.38 -67.64
C VAL R 63 -3.64 -62.29 -67.78
N ASN R 64 -2.64 -61.83 -68.55
CA ASN R 64 -1.45 -62.66 -68.72
C ASN R 64 -0.69 -62.83 -67.41
N ASP R 65 -0.53 -61.74 -66.66
CA ASP R 65 0.15 -61.83 -65.37
C ASP R 65 -0.55 -62.78 -64.42
N VAL R 66 -1.88 -62.65 -64.30
CA VAL R 66 -2.61 -63.50 -63.35
C VAL R 66 -2.62 -64.96 -63.81
N PHE R 67 -2.77 -65.18 -65.12
CA PHE R 67 -2.64 -66.54 -65.66
C PHE R 67 -1.31 -67.16 -65.27
N GLU R 68 -0.22 -66.42 -65.47
CA GLU R 68 1.10 -66.96 -65.17
C GLU R 68 1.25 -67.24 -63.68
N ARG R 69 0.73 -66.33 -62.84
CA ARG R 69 0.79 -66.51 -61.39
C ARG R 69 0.06 -67.77 -60.94
N ILE R 70 -1.19 -67.91 -61.38
CA ILE R 70 -2.00 -69.05 -60.94
C ILE R 70 -1.43 -70.35 -61.50
N ALA R 71 -0.99 -70.34 -62.75
CA ALA R 71 -0.47 -71.57 -63.34
C ALA R 71 0.82 -72.00 -62.65
N GLY R 72 1.71 -71.05 -62.32
CA GLY R 72 2.91 -71.40 -61.59
C GLY R 72 2.62 -71.92 -60.19
N GLU R 73 1.65 -71.30 -59.50
CA GLU R 73 1.31 -71.78 -58.16
C GLU R 73 0.68 -73.17 -58.20
N ALA R 74 -0.18 -73.43 -59.19
CA ALA R 74 -0.74 -74.78 -59.32
C ALA R 74 0.34 -75.79 -59.67
N SER R 75 1.29 -75.38 -60.50
CA SER R 75 2.41 -76.26 -60.85
C SER R 75 3.21 -76.66 -59.62
N ARG R 76 3.54 -75.67 -58.78
CA ARG R 76 4.32 -75.98 -57.60
C ARG R 76 3.48 -76.66 -56.52
N LEU R 77 2.17 -76.48 -56.53
CA LEU R 77 1.30 -77.28 -55.67
C LEU R 77 1.35 -78.75 -56.07
N ALA R 78 1.16 -79.03 -57.36
CA ALA R 78 1.25 -80.40 -57.85
C ALA R 78 2.62 -80.99 -57.60
N HIS R 79 3.67 -80.18 -57.73
CA HIS R 79 5.04 -80.67 -57.48
C HIS R 79 5.25 -80.97 -56.00
N TYR R 80 4.74 -80.12 -55.10
CA TYR R 80 4.90 -80.38 -53.67
C TYR R 80 4.29 -81.71 -53.29
N ASN R 81 3.12 -82.02 -53.86
CA ASN R 81 2.41 -83.25 -53.55
C ASN R 81 2.80 -84.37 -54.49
N LYS R 82 3.86 -84.19 -55.28
CA LYS R 82 4.37 -85.24 -56.15
C LYS R 82 3.29 -85.74 -57.10
N ARG R 83 2.53 -84.80 -57.66
CA ARG R 83 1.54 -85.11 -58.68
C ARG R 83 2.04 -84.68 -60.04
N SER R 84 1.53 -85.35 -61.07
CA SER R 84 1.85 -85.02 -62.45
C SER R 84 0.81 -84.13 -63.11
N THR R 85 -0.36 -83.98 -62.50
CA THR R 85 -1.50 -83.35 -63.15
C THR R 85 -1.87 -82.07 -62.42
N ILE R 86 -2.13 -81.01 -63.17
CA ILE R 86 -2.77 -79.82 -62.63
C ILE R 86 -4.26 -80.02 -62.82
N THR R 87 -4.99 -80.06 -61.71
CA THR R 87 -6.42 -80.34 -61.73
C THR R 87 -7.18 -79.14 -61.21
N SER R 88 -8.51 -79.28 -61.20
CA SER R 88 -9.37 -78.22 -60.72
C SER R 88 -9.05 -77.89 -59.26
N ARG R 89 -8.65 -78.89 -58.48
CA ARG R 89 -8.37 -78.64 -57.06
C ARG R 89 -7.00 -78.04 -56.85
N GLU R 90 -6.03 -78.32 -57.74
CA GLU R 90 -4.79 -77.56 -57.73
C GLU R 90 -5.04 -76.10 -58.09
N ILE R 91 -5.87 -75.87 -59.10
CA ILE R 91 -6.21 -74.50 -59.47
C ILE R 91 -6.94 -73.83 -58.32
N GLN R 92 -7.79 -74.58 -57.61
CA GLN R 92 -8.54 -74.01 -56.50
C GLN R 92 -7.63 -73.63 -55.33
N THR R 93 -6.70 -74.52 -54.96
CA THR R 93 -5.76 -74.18 -53.91
C THR R 93 -4.89 -73.00 -54.32
N ALA R 94 -4.47 -72.97 -55.59
CA ALA R 94 -3.69 -71.83 -56.08
C ALA R 94 -4.48 -70.53 -55.98
N VAL R 95 -5.77 -70.59 -56.30
CA VAL R 95 -6.60 -69.39 -56.19
C VAL R 95 -6.72 -68.95 -54.74
N ARG R 96 -6.93 -69.91 -53.83
CA ARG R 96 -7.03 -69.56 -52.41
C ARG R 96 -5.72 -69.02 -51.87
N LEU R 97 -4.59 -69.45 -52.45
CA LEU R 97 -3.29 -68.94 -52.01
C LEU R 97 -2.99 -67.56 -52.56
N LEU R 98 -3.28 -67.32 -53.84
CA LEU R 98 -2.86 -66.09 -54.50
C LEU R 98 -3.88 -64.96 -54.40
N LEU R 99 -5.11 -65.26 -54.27
CA LEU R 99 -5.95 -64.07 -54.31
C LEU R 99 -6.28 -63.58 -52.90
N PRO R 100 -6.46 -62.27 -52.73
CA PRO R 100 -6.69 -61.72 -51.40
C PRO R 100 -8.12 -61.85 -50.89
N GLY R 101 -8.42 -62.96 -50.22
CA GLY R 101 -9.61 -63.03 -49.39
C GLY R 101 -10.89 -63.15 -50.18
N GLU R 102 -11.68 -62.07 -50.20
CA GLU R 102 -12.95 -62.11 -50.92
C GLU R 102 -12.70 -62.34 -52.40
N LEU R 103 -11.67 -61.72 -52.96
CA LEU R 103 -11.26 -62.06 -54.32
C LEU R 103 -11.04 -63.56 -54.45
N ALA R 104 -10.30 -64.15 -53.49
CA ALA R 104 -9.98 -65.58 -53.57
C ALA R 104 -11.22 -66.44 -53.46
N LYS R 105 -12.15 -66.08 -52.57
CA LYS R 105 -13.31 -66.92 -52.34
C LYS R 105 -14.32 -66.80 -53.48
N HIS R 106 -14.50 -65.59 -54.01
CA HIS R 106 -15.37 -65.44 -55.18
C HIS R 106 -14.76 -66.09 -56.41
N ALA R 107 -13.43 -66.03 -56.56
CA ALA R 107 -12.80 -66.70 -57.70
C ALA R 107 -12.92 -68.20 -57.56
N VAL R 108 -12.75 -68.74 -56.35
CA VAL R 108 -12.95 -70.15 -56.10
C VAL R 108 -14.39 -70.56 -56.40
N SER R 109 -15.35 -69.75 -55.97
CA SER R 109 -16.75 -70.05 -56.29
C SER R 109 -16.99 -70.09 -57.79
N GLU R 110 -16.54 -69.05 -58.51
CA GLU R 110 -16.70 -69.05 -59.96
C GLU R 110 -16.02 -70.24 -60.59
N GLY R 111 -14.81 -70.57 -60.14
CA GLY R 111 -14.10 -71.67 -60.76
C GLY R 111 -14.81 -73.00 -60.56
N THR R 112 -15.28 -73.25 -59.33
CA THR R 112 -15.96 -74.51 -59.09
C THR R 112 -17.31 -74.57 -59.79
N LYS R 113 -18.04 -73.45 -59.85
CA LYS R 113 -19.29 -73.44 -60.61
C LYS R 113 -19.03 -73.72 -62.09
N ALA R 114 -17.99 -73.10 -62.66
CA ALA R 114 -17.68 -73.34 -64.06
C ALA R 114 -17.27 -74.77 -64.32
N VAL R 115 -16.45 -75.36 -63.45
CA VAL R 115 -16.02 -76.74 -63.69
C VAL R 115 -17.20 -77.69 -63.58
N THR R 116 -18.11 -77.44 -62.61
CA THR R 116 -19.31 -78.26 -62.52
C THR R 116 -20.17 -78.13 -63.78
N LYS R 117 -20.36 -76.90 -64.26
CA LYS R 117 -21.18 -76.71 -65.46
C LYS R 117 -20.54 -77.36 -66.68
N TYR R 118 -19.21 -77.26 -66.81
CA TYR R 118 -18.53 -77.85 -67.96
C TYR R 118 -18.59 -79.38 -67.91
N THR R 119 -18.38 -79.97 -66.73
CA THR R 119 -18.45 -81.41 -66.60
C THR R 119 -19.86 -81.93 -66.88
N SER R 120 -20.87 -81.22 -66.39
CA SER R 120 -22.27 -81.60 -66.61
C SER R 120 -22.65 -81.50 -68.08
N SER U 45 4.49 -20.22 52.28
CA SER U 45 3.36 -20.96 51.74
C SER U 45 2.21 -20.99 52.72
N ASP U 46 2.53 -20.95 54.01
CA ASP U 46 1.49 -21.11 55.02
C ASP U 46 0.53 -19.93 55.06
N LEU U 47 0.93 -18.78 54.53
CA LEU U 47 0.02 -17.64 54.45
C LEU U 47 -0.61 -17.52 53.06
N ARG U 48 -0.28 -18.45 52.16
CA ARG U 48 -0.83 -18.43 50.81
C ARG U 48 -2.23 -19.03 50.77
N LYS U 49 -2.40 -20.20 51.39
CA LYS U 49 -3.66 -20.92 51.29
C LYS U 49 -4.85 -20.13 51.81
N GLU U 50 -4.66 -19.30 52.83
CA GLU U 50 -5.78 -18.47 53.31
C GLU U 50 -6.11 -17.38 52.31
N VAL U 51 -5.09 -16.84 51.63
CA VAL U 51 -5.33 -15.88 50.56
C VAL U 51 -6.17 -16.51 49.47
N GLU U 52 -5.72 -17.65 48.95
CA GLU U 52 -6.42 -18.23 47.80
C GLU U 52 -7.76 -18.83 48.19
N ASN U 53 -7.94 -19.16 49.47
CA ASN U 53 -9.24 -19.62 49.93
C ASN U 53 -10.26 -18.49 49.96
N HIS U 54 -9.80 -17.26 50.23
CA HIS U 54 -10.70 -16.13 50.32
C HIS U 54 -11.26 -15.75 48.95
N TYR U 55 -10.41 -15.76 47.93
CA TYR U 55 -10.79 -15.37 46.58
C TYR U 55 -11.41 -16.48 45.76
N LYS U 56 -11.25 -17.74 46.18
CA LYS U 56 -11.65 -18.90 45.38
C LYS U 56 -10.91 -18.92 44.05
N LEU U 57 -9.70 -18.34 44.04
CA LEU U 57 -8.86 -18.26 42.86
C LEU U 57 -7.43 -18.59 43.27
N SER U 58 -6.68 -19.18 42.35
CA SER U 58 -5.26 -19.42 42.58
C SER U 58 -4.45 -18.25 42.05
N LEU U 59 -3.44 -17.86 42.82
CA LEU U 59 -2.58 -16.78 42.41
C LEU U 59 -1.21 -17.29 42.03
N PRO U 60 -0.58 -16.70 41.01
CA PRO U 60 0.71 -17.20 40.56
C PRO U 60 1.80 -16.86 41.56
N GLU U 61 2.94 -17.55 41.42
CA GLU U 61 4.00 -17.43 42.40
C GLU U 61 4.67 -16.06 42.36
N ASP U 62 4.67 -15.39 41.21
CA ASP U 62 5.28 -14.07 41.13
C ASP U 62 4.61 -13.09 42.06
N PHE U 63 3.31 -13.27 42.29
CA PHE U 63 2.57 -12.44 43.24
C PHE U 63 3.20 -12.51 44.63
N TYR U 64 3.46 -13.72 45.12
CA TYR U 64 3.98 -13.86 46.47
C TYR U 64 5.45 -13.46 46.52
N HIS U 65 6.21 -13.81 45.48
CA HIS U 65 7.60 -13.39 45.41
C HIS U 65 7.72 -11.86 45.41
N PHE U 66 6.82 -11.19 44.70
CA PHE U 66 6.79 -9.73 44.71
C PHE U 66 6.39 -9.20 46.08
N TRP U 67 5.52 -9.92 46.80
CA TRP U 67 5.24 -9.56 48.18
C TRP U 67 6.52 -9.58 49.01
N LYS U 68 7.30 -10.67 48.89
CA LYS U 68 8.55 -10.77 49.65
C LYS U 68 9.53 -9.67 49.22
N PHE U 69 9.55 -9.35 47.94
CA PHE U 69 10.39 -8.27 47.42
C PHE U 69 10.01 -6.94 48.08
N CYS U 70 8.72 -6.63 48.11
CA CYS U 70 8.30 -5.37 48.71
C CYS U 70 8.48 -5.36 50.22
N GLU U 71 8.30 -6.52 50.87
CA GLU U 71 8.62 -6.64 52.28
C GLU U 71 10.08 -6.27 52.54
N GLU U 72 10.99 -6.80 51.73
CA GLU U 72 12.39 -6.47 51.92
C GLU U 72 12.65 -4.99 51.66
N LEU U 73 11.92 -4.40 50.71
CA LEU U 73 12.11 -2.97 50.48
C LEU U 73 11.64 -2.14 51.67
N ASP U 74 10.51 -2.51 52.26
CA ASP U 74 9.90 -1.74 53.34
C ASP U 74 9.12 -2.68 54.24
N PRO U 75 9.75 -3.19 55.31
CA PRO U 75 9.03 -4.11 56.19
C PRO U 75 7.81 -3.51 56.84
N GLU U 76 7.83 -2.21 57.16
CA GLU U 76 6.72 -1.61 57.88
C GLU U 76 5.44 -1.61 57.05
N LYS U 77 5.52 -1.17 55.80
CA LYS U 77 4.37 -1.14 54.89
C LYS U 77 4.80 -1.64 53.52
N PRO U 78 4.93 -2.96 53.36
CA PRO U 78 5.39 -3.49 52.07
C PRO U 78 4.45 -3.17 50.92
N SER U 79 3.14 -3.15 51.17
CA SER U 79 2.18 -2.93 50.09
C SER U 79 2.40 -1.55 49.46
N ASP U 80 2.65 -0.54 50.27
CA ASP U 80 2.85 0.82 49.82
C ASP U 80 4.31 1.18 49.65
N SER U 81 5.21 0.19 49.61
CA SER U 81 6.63 0.47 49.46
C SER U 81 6.92 1.32 48.22
N LEU U 82 6.08 1.22 47.20
CA LEU U 82 6.23 2.01 45.99
C LEU U 82 5.30 3.22 45.94
N SER U 83 4.57 3.49 47.02
CA SER U 83 3.57 4.55 47.01
C SER U 83 4.23 5.91 47.12
N ALA U 84 5.23 6.05 48.00
CA ALA U 84 5.93 7.31 48.11
C ALA U 84 6.72 7.61 46.85
N SER U 85 7.28 6.58 46.22
CA SER U 85 8.11 6.78 45.03
C SER U 85 7.27 6.90 43.77
N LEU U 86 6.31 5.99 43.59
CA LEU U 86 5.56 5.91 42.33
C LEU U 86 4.11 6.37 42.45
N GLY U 87 3.57 6.53 43.65
CA GLY U 87 2.15 6.80 43.77
C GLY U 87 1.26 5.60 43.47
N LEU U 88 1.80 4.39 43.55
CA LEU U 88 1.06 3.17 43.32
C LEU U 88 0.88 2.39 44.61
N GLN U 89 -0.16 1.57 44.66
CA GLN U 89 -0.52 0.87 45.89
C GLN U 89 -0.81 -0.60 45.61
N LEU U 90 -0.28 -1.47 46.47
CA LEU U 90 -0.57 -2.89 46.40
C LEU U 90 -1.88 -3.16 47.13
N VAL U 91 -2.81 -3.84 46.46
CA VAL U 91 -4.17 -4.03 47.01
C VAL U 91 -4.66 -5.42 46.71
N GLY U 92 -5.92 -5.70 47.05
CA GLY U 92 -6.55 -6.94 46.71
C GLY U 92 -6.08 -8.06 47.60
N PRO U 93 -5.52 -9.11 46.99
CA PRO U 93 -4.89 -10.17 47.79
C PRO U 93 -3.71 -9.67 48.58
N TYR U 94 -3.03 -8.63 48.11
CA TYR U 94 -1.98 -8.02 48.91
C TYR U 94 -2.57 -7.45 50.19
N ASP U 95 -3.83 -7.00 50.12
CA ASP U 95 -4.54 -6.56 51.32
C ASP U 95 -4.61 -7.68 52.34
N ILE U 96 -4.79 -8.92 51.89
CA ILE U 96 -4.76 -10.04 52.82
C ILE U 96 -3.34 -10.26 53.30
N LEU U 97 -2.38 -10.15 52.38
CA LEU U 97 -0.97 -10.23 52.75
C LEU U 97 -0.63 -9.19 53.80
N ALA U 98 -1.21 -8.00 53.70
CA ALA U 98 -0.98 -6.96 54.69
C ALA U 98 -1.76 -7.18 55.98
N GLY U 99 -2.67 -8.16 56.00
CA GLY U 99 -3.51 -8.35 57.17
C GLY U 99 -4.47 -7.22 57.43
N LYS U 100 -4.62 -6.30 56.48
CA LYS U 100 -5.52 -5.17 56.63
C LYS U 100 -6.98 -5.57 56.59
N HIS U 101 -7.29 -6.80 56.22
CA HIS U 101 -8.66 -7.28 56.22
C HIS U 101 -9.14 -7.62 57.61
N LYS U 102 -8.30 -7.38 58.62
CA LYS U 102 -8.60 -7.71 60.00
C LYS U 102 -9.01 -6.43 60.73
N THR U 103 -10.14 -5.88 60.31
CA THR U 103 -10.72 -4.72 60.96
C THR U 103 -12.20 -5.00 61.17
N LYS U 104 -12.84 -5.59 60.15
CA LYS U 104 -14.19 -6.14 60.21
C LYS U 104 -14.54 -6.71 61.59
N GLY U 109 -19.55 -8.92 56.76
CA GLY U 109 -19.73 -8.83 55.33
C GLY U 109 -18.47 -8.42 54.58
N LEU U 110 -17.98 -9.33 53.73
CA LEU U 110 -16.76 -9.09 52.96
C LEU U 110 -16.92 -9.78 51.61
N ASN U 111 -17.09 -9.01 50.55
CA ASN U 111 -17.34 -9.55 49.22
C ASN U 111 -16.11 -9.26 48.37
N PHE U 112 -15.24 -10.26 48.22
CA PHE U 112 -13.98 -10.07 47.51
C PHE U 112 -14.14 -10.04 46.00
N ASN U 113 -15.28 -10.47 45.47
CA ASN U 113 -15.53 -10.29 44.04
C ASN U 113 -15.63 -8.83 43.67
N LEU U 114 -15.92 -7.95 44.63
CA LEU U 114 -16.03 -6.52 44.39
C LEU U 114 -14.87 -5.72 44.93
N HIS U 115 -13.92 -6.35 45.63
CA HIS U 115 -12.86 -5.59 46.27
C HIS U 115 -11.96 -4.98 45.21
N TRP U 116 -11.95 -3.65 45.14
CA TRP U 116 -11.26 -2.92 44.08
C TRP U 116 -11.69 -3.37 42.69
N ARG U 117 -12.91 -3.86 42.55
CA ARG U 117 -13.44 -4.16 41.23
C ARG U 117 -13.98 -2.86 40.65
N PHE U 118 -13.23 -2.30 39.71
CA PHE U 118 -13.60 -1.04 39.10
C PHE U 118 -14.76 -1.24 38.13
N TYR U 119 -15.35 -0.13 37.70
CA TYR U 119 -16.58 -0.19 36.93
C TYR U 119 -16.44 -1.06 35.69
N TYR U 120 -15.28 -1.04 35.04
CA TYR U 120 -15.08 -1.77 33.79
C TYR U 120 -14.13 -2.95 33.93
N ASP U 121 -13.80 -3.38 35.14
CA ASP U 121 -12.96 -4.56 35.28
C ASP U 121 -13.82 -5.78 35.00
N PRO U 122 -13.57 -6.51 33.92
CA PRO U 122 -14.37 -7.71 33.65
C PRO U 122 -14.13 -8.76 34.71
N PRO U 123 -15.05 -9.73 34.83
CA PRO U 123 -14.87 -10.77 35.85
C PRO U 123 -13.58 -11.53 35.69
N GLU U 124 -13.06 -11.61 34.47
CA GLU U 124 -11.77 -12.24 34.24
C GLU U 124 -10.66 -11.50 34.96
N PHE U 125 -10.90 -10.25 35.34
CA PHE U 125 -9.86 -9.31 35.73
C PHE U 125 -9.88 -9.06 37.23
N GLN U 126 -8.74 -9.30 37.86
CA GLN U 126 -8.57 -9.22 39.31
C GLN U 126 -7.62 -8.08 39.60
N THR U 127 -8.14 -6.98 40.15
CA THR U 127 -7.29 -5.82 40.42
C THR U 127 -6.24 -6.16 41.48
N ILE U 128 -5.00 -5.78 41.20
CA ILE U 128 -3.91 -6.02 42.15
C ILE U 128 -3.10 -4.77 42.49
N ILE U 129 -3.15 -3.72 41.69
CA ILE U 129 -2.35 -2.52 41.94
C ILE U 129 -3.17 -1.31 41.54
N ILE U 130 -3.11 -0.25 42.36
CA ILE U 130 -3.84 0.98 42.08
C ILE U 130 -2.85 2.11 41.86
N GLY U 131 -3.23 3.01 40.96
CA GLY U 131 -2.47 4.22 40.69
C GLY U 131 -3.36 5.44 40.84
N ASP U 132 -3.31 6.34 39.86
CA ASP U 132 -4.12 7.55 39.89
C ASP U 132 -5.58 7.26 40.18
N ASN U 133 -6.06 7.78 41.30
CA ASN U 133 -7.47 7.65 41.64
C ASN U 133 -8.33 8.63 40.85
N LYS U 134 -7.71 9.64 40.24
CA LYS U 134 -8.46 10.57 39.39
C LYS U 134 -8.95 9.88 38.12
N THR U 135 -8.08 9.08 37.50
CA THR U 135 -8.40 8.33 36.31
C THR U 135 -8.76 6.88 36.62
N GLN U 136 -8.64 6.46 37.88
CA GLN U 136 -8.79 5.06 38.28
C GLN U 136 -7.89 4.16 37.45
N TYR U 137 -6.68 4.63 37.19
CA TYR U 137 -5.65 3.77 36.63
C TYR U 137 -5.36 2.61 37.58
N HIS U 138 -5.30 1.40 37.03
CA HIS U 138 -5.04 0.24 37.87
C HIS U 138 -4.51 -0.90 37.02
N MET U 139 -3.79 -1.81 37.68
CA MET U 139 -3.25 -3.01 37.05
C MET U 139 -3.82 -4.25 37.75
N GLY U 140 -4.05 -5.28 36.96
CA GLY U 140 -4.61 -6.52 37.49
C GLY U 140 -4.20 -7.73 36.69
N TYR U 141 -4.17 -8.87 37.37
CA TYR U 141 -4.02 -10.16 36.69
C TYR U 141 -5.24 -10.47 35.86
N PHE U 142 -5.04 -11.07 34.69
CA PHE U 142 -6.13 -11.48 33.82
C PHE U 142 -6.19 -12.99 33.75
N ARG U 143 -7.30 -13.57 34.23
CA ARG U 143 -7.53 -15.01 34.16
C ARG U 143 -8.75 -15.26 33.30
N ASP U 144 -8.61 -16.16 32.32
CA ASP U 144 -9.75 -16.53 31.49
C ASP U 144 -10.72 -17.47 32.19
N SER U 145 -10.23 -18.26 33.15
CA SER U 145 -11.04 -19.24 33.86
C SER U 145 -10.56 -19.29 35.31
N PRO U 146 -11.46 -19.56 36.26
CA PRO U 146 -11.02 -19.63 37.67
C PRO U 146 -10.03 -20.74 37.98
N ASP U 147 -9.87 -21.73 37.11
CA ASP U 147 -8.92 -22.81 37.36
C ASP U 147 -7.55 -22.58 36.76
N GLU U 148 -7.35 -21.49 36.03
CA GLU U 148 -6.06 -21.25 35.39
C GLU U 148 -5.34 -20.08 36.03
N PHE U 149 -4.02 -20.04 35.81
CA PHE U 149 -3.22 -18.90 36.20
C PHE U 149 -3.53 -17.70 35.30
N PRO U 150 -3.23 -16.50 35.76
CA PRO U 150 -3.34 -15.33 34.88
C PRO U 150 -2.48 -15.51 33.63
N VAL U 151 -2.99 -15.02 32.50
CA VAL U 151 -2.22 -15.05 31.27
C VAL U 151 -1.29 -13.84 31.14
N TYR U 152 -1.61 -12.73 31.79
CA TYR U 152 -0.76 -11.54 31.80
C TYR U 152 -1.33 -10.54 32.79
N VAL U 153 -0.63 -9.42 32.94
CA VAL U 153 -1.08 -8.30 33.75
C VAL U 153 -1.55 -7.19 32.82
N GLY U 154 -2.79 -6.76 32.99
CA GLY U 154 -3.35 -5.69 32.19
C GLY U 154 -3.57 -4.43 32.99
N ILE U 155 -3.75 -3.29 32.32
CA ILE U 155 -4.01 -2.02 33.00
C ILE U 155 -5.24 -1.38 32.36
N ASN U 156 -5.97 -0.63 33.18
CA ASN U 156 -7.15 0.05 32.68
C ASN U 156 -7.34 1.34 33.47
N GLU U 157 -7.92 2.33 32.81
CA GLU U 157 -8.32 3.60 33.43
C GLU U 157 -9.84 3.66 33.41
N ALA U 158 -10.47 3.32 34.54
CA ALA U 158 -11.92 3.13 34.54
C ALA U 158 -12.68 4.44 34.32
N LYS U 159 -12.09 5.58 34.65
CA LYS U 159 -12.72 6.86 34.35
C LYS U 159 -12.46 7.34 32.93
N LYS U 160 -11.58 6.68 32.17
CA LYS U 160 -11.23 7.12 30.84
C LYS U 160 -11.88 6.29 29.75
N ASN U 161 -11.74 4.97 29.81
CA ASN U 161 -12.22 4.08 28.76
C ASN U 161 -12.28 2.66 29.31
N CYS U 162 -12.78 1.73 28.49
CA CYS U 162 -12.96 0.36 28.89
C CYS U 162 -11.84 -0.56 28.40
N ILE U 163 -10.79 -0.01 27.80
CA ILE U 163 -9.80 -0.82 27.14
C ILE U 163 -8.80 -1.31 28.17
N ILE U 164 -8.49 -2.61 28.13
CA ILE U 164 -7.50 -3.20 29.01
C ILE U 164 -6.25 -3.43 28.18
N VAL U 165 -5.16 -2.81 28.59
CA VAL U 165 -3.92 -2.80 27.81
C VAL U 165 -2.97 -3.81 28.43
N PRO U 166 -2.42 -4.74 27.66
CA PRO U 166 -1.44 -5.67 28.22
C PRO U 166 -0.24 -4.91 28.75
N ASN U 167 0.30 -5.39 29.86
CA ASN U 167 1.37 -4.69 30.55
C ASN U 167 2.33 -5.74 31.10
N GLY U 168 2.75 -6.67 30.25
CA GLY U 168 3.59 -7.76 30.70
C GLY U 168 2.78 -8.94 31.19
N ASP U 169 3.50 -10.03 31.46
CA ASP U 169 2.87 -11.27 31.91
C ASP U 169 3.01 -11.50 33.41
N ASN U 170 3.60 -10.55 34.12
CA ASN U 170 3.77 -10.67 35.56
C ASN U 170 3.90 -9.26 36.14
N VAL U 171 3.79 -9.17 37.46
CA VAL U 171 3.72 -7.86 38.09
C VAL U 171 5.06 -7.14 37.99
N PHE U 172 6.17 -7.88 37.91
CA PHE U 172 7.46 -7.25 37.66
C PHE U 172 7.43 -6.47 36.35
N ALA U 173 6.97 -7.12 35.28
CA ALA U 173 6.85 -6.44 33.99
C ALA U 173 5.92 -5.24 34.09
N ALA U 174 4.76 -5.40 34.74
CA ALA U 174 3.79 -4.32 34.79
C ALA U 174 4.37 -3.10 35.50
N VAL U 175 5.05 -3.31 36.62
CA VAL U 175 5.57 -2.18 37.37
C VAL U 175 6.77 -1.58 36.64
N LYS U 176 7.62 -2.41 36.03
CA LYS U 176 8.72 -1.86 35.25
C LYS U 176 8.22 -1.01 34.09
N LEU U 177 7.21 -1.48 33.37
CA LEU U 177 6.68 -0.71 32.26
C LEU U 177 6.13 0.62 32.74
N PHE U 178 5.33 0.61 33.81
CA PHE U 178 4.83 1.86 34.34
C PHE U 178 5.95 2.79 34.77
N LEU U 179 6.96 2.24 35.44
CA LEU U 179 8.09 3.03 35.94
C LEU U 179 8.86 3.69 34.79
N THR U 180 9.21 2.89 33.77
CA THR U 180 9.93 3.43 32.62
C THR U 180 9.11 4.49 31.90
N LYS U 181 7.80 4.26 31.74
CA LYS U 181 6.97 5.24 31.05
C LYS U 181 6.89 6.54 31.84
N LYS U 182 6.77 6.44 33.17
CA LYS U 182 6.71 7.63 34.00
C LYS U 182 8.05 8.37 34.01
N LEU U 183 9.16 7.64 33.92
CA LEU U 183 10.49 8.26 34.00
C LEU U 183 10.67 9.40 33.00
N LYS U 184 10.00 9.28 31.85
CA LYS U 184 10.05 10.33 30.79
C LYS U 184 8.92 11.32 31.06
N GLU U 185 7.83 10.84 31.66
CA GLU U 185 6.66 11.71 31.99
C GLU U 185 7.06 12.69 33.09
N ILE U 186 7.92 12.26 34.00
CA ILE U 186 8.40 13.11 35.13
C ILE U 186 9.22 14.26 34.55
N THR U 187 8.82 15.51 34.82
CA THR U 187 9.55 16.69 34.31
C THR U 187 10.60 17.12 35.35
N ASP U 188 11.57 16.24 35.63
CA ASP U 188 12.64 16.52 36.62
C ASP U 188 13.76 15.50 36.45
N LYS U 189 14.91 15.73 37.10
CA LYS U 189 16.08 14.81 37.03
C LYS U 189 16.56 14.47 38.45
N LYS U 190 16.60 15.48 39.32
CA LYS U 190 17.04 15.28 40.73
C LYS U 190 16.19 14.17 41.37
N LYS U 191 14.86 14.27 41.22
CA LYS U 191 13.91 13.28 41.79
C LYS U 191 13.75 12.10 40.82
N ILE U 192 14.81 11.33 40.61
CA ILE U 192 14.79 10.15 39.69
C ILE U 192 15.70 9.06 40.28
N ASN U 193 16.75 9.48 40.99
CA ASN U 193 17.73 8.57 41.59
C ASN U 193 17.03 7.45 42.37
N LEU U 194 15.98 7.80 43.13
CA LEU U 194 15.25 6.78 43.86
C LEU U 194 14.63 5.77 42.92
N LEU U 195 14.09 6.24 41.80
CA LEU U 195 13.49 5.34 40.82
C LEU U 195 14.56 4.47 40.17
N LYS U 196 15.74 5.03 39.92
CA LYS U 196 16.83 4.23 39.38
C LYS U 196 17.22 3.12 40.34
N ASN U 197 17.30 3.43 41.64
CA ASN U 197 17.65 2.40 42.62
C ASN U 197 16.57 1.33 42.71
N ILE U 198 15.31 1.73 42.86
CA ILE U 198 14.22 0.76 42.97
C ILE U 198 14.12 -0.06 41.69
N ASP U 199 14.28 0.57 40.53
CA ASP U 199 14.27 -0.14 39.26
C ASP U 199 15.43 -1.14 39.19
N GLU U 200 16.59 -0.76 39.72
CA GLU U 200 17.73 -1.68 39.77
C GLU U 200 17.38 -2.91 40.59
N LYS U 201 16.71 -2.69 41.72
CA LYS U 201 16.27 -3.82 42.54
C LYS U 201 15.26 -4.68 41.80
N LEU U 202 14.34 -4.04 41.08
CA LEU U 202 13.38 -4.76 40.26
C LEU U 202 14.08 -5.66 39.25
N THR U 203 15.03 -5.10 38.49
CA THR U 203 15.73 -5.87 37.46
C THR U 203 16.50 -7.04 38.07
N GLU U 204 17.22 -6.79 39.17
CA GLU U 204 18.00 -7.88 39.75
C GLU U 204 17.07 -8.98 40.27
N ALA U 205 15.95 -8.60 40.90
CA ALA U 205 15.01 -9.61 41.38
C ALA U 205 14.43 -10.44 40.23
N ALA U 206 14.03 -9.77 39.15
CA ALA U 206 13.47 -10.49 38.01
C ALA U 206 14.50 -11.44 37.40
N ARG U 207 15.74 -10.97 37.23
CA ARG U 207 16.80 -11.85 36.74
C ARG U 207 16.98 -13.05 37.65
N GLU U 208 17.02 -12.83 38.96
CA GLU U 208 17.24 -13.95 39.89
C GLU U 208 16.09 -14.95 39.84
N LEU U 209 14.86 -14.48 39.64
CA LEU U 209 13.73 -15.39 39.59
C LEU U 209 13.50 -16.01 38.22
N GLY U 210 14.20 -15.55 37.20
CA GLY U 210 14.04 -16.11 35.87
C GLY U 210 12.83 -15.61 35.12
N TYR U 211 12.41 -14.38 35.39
CA TYR U 211 11.26 -13.78 34.73
C TYR U 211 11.70 -12.92 33.56
N SER U 212 11.06 -13.09 32.41
CA SER U 212 11.26 -12.17 31.31
C SER U 212 10.61 -10.83 31.66
N LEU U 213 11.22 -9.76 31.18
CA LEU U 213 10.73 -8.42 31.44
C LEU U 213 10.06 -7.76 30.23
N GLU U 214 9.76 -8.53 29.19
CA GLU U 214 9.15 -7.96 28.00
C GLU U 214 7.69 -7.62 28.24
N GLN U 215 7.22 -6.57 27.55
CA GLN U 215 5.81 -6.17 27.66
C GLN U 215 4.89 -7.25 27.09
N ARG U 216 5.33 -7.98 26.07
CA ARG U 216 4.57 -9.09 25.50
C ARG U 216 5.49 -10.29 25.39
N THR U 217 5.20 -11.33 26.17
CA THR U 217 6.05 -12.50 26.24
C THR U 217 5.67 -13.51 25.17
N VAL U 218 6.36 -14.66 25.19
CA VAL U 218 6.08 -15.72 24.23
C VAL U 218 4.70 -16.32 24.49
N LYS U 219 4.41 -16.60 25.76
CA LYS U 219 3.12 -17.19 26.13
C LYS U 219 1.95 -16.30 25.74
N MET U 220 2.13 -14.98 25.80
CA MET U 220 1.05 -14.09 25.39
C MET U 220 0.82 -14.18 23.89
N LYS U 221 1.89 -14.24 23.10
CA LYS U 221 1.75 -14.40 21.66
C LYS U 221 1.15 -15.75 21.31
N GLN U 222 1.35 -16.75 22.17
CA GLN U 222 0.71 -18.04 21.94
C GLN U 222 -0.78 -17.97 22.24
N ARG U 223 -1.13 -17.29 23.34
CA ARG U 223 -2.54 -17.13 23.67
C ARG U 223 -3.26 -16.32 22.59
N ASP U 224 -2.59 -15.33 22.03
CA ASP U 224 -3.19 -14.52 20.97
C ASP U 224 -3.60 -15.35 19.77
N LYS U 225 -2.86 -16.44 19.49
CA LYS U 225 -3.30 -17.37 18.46
C LYS U 225 -4.55 -18.11 18.89
N LYS U 226 -4.77 -18.22 20.19
CA LYS U 226 -5.97 -18.84 20.73
C LYS U 226 -7.07 -17.80 20.97
N VAL U 227 -6.75 -16.52 20.83
CA VAL U 227 -7.70 -15.44 21.05
C VAL U 227 -8.65 -15.40 19.86
N VAL U 228 -9.95 -15.58 20.12
CA VAL U 228 -10.90 -15.63 19.03
C VAL U 228 -11.54 -14.29 18.69
N THR U 229 -11.58 -13.33 19.63
CA THR U 229 -12.13 -12.01 19.36
C THR U 229 -11.85 -11.08 20.53
N LYS U 230 -11.73 -9.78 20.23
CA LYS U 230 -11.33 -8.79 21.24
C LYS U 230 -12.49 -8.32 22.11
N THR U 231 -13.70 -8.19 21.55
CA THR U 231 -14.94 -7.95 22.30
C THR U 231 -15.02 -6.61 23.04
N PHE U 232 -14.52 -5.53 22.42
CA PHE U 232 -14.51 -4.18 22.97
C PHE U 232 -13.55 -3.98 24.13
N HIS U 233 -13.10 -5.05 24.78
CA HIS U 233 -12.10 -4.85 25.82
C HIS U 233 -10.70 -5.12 25.34
N GLY U 234 -10.54 -5.75 24.17
CA GLY U 234 -9.24 -5.91 23.56
C GLY U 234 -8.38 -7.00 24.15
N ALA U 235 -8.84 -7.67 25.21
CA ALA U 235 -8.07 -8.71 25.86
C ALA U 235 -8.30 -10.09 25.28
N GLY U 236 -9.35 -10.28 24.50
CA GLY U 236 -9.50 -11.56 23.84
C GLY U 236 -10.35 -12.54 24.64
N LEU U 237 -11.07 -13.38 23.92
CA LEU U 237 -11.80 -14.50 24.50
C LEU U 237 -11.10 -15.82 24.22
N VAL U 238 -11.09 -16.69 25.22
CA VAL U 238 -10.63 -18.07 25.09
C VAL U 238 -11.84 -18.95 25.35
N VAL U 239 -12.29 -19.66 24.33
CA VAL U 239 -13.41 -20.59 24.46
C VAL U 239 -12.97 -21.95 23.94
N PRO U 240 -13.63 -23.02 24.39
CA PRO U 240 -13.34 -24.35 23.82
C PRO U 240 -13.73 -24.41 22.35
N VAL U 241 -12.82 -24.90 21.52
CA VAL U 241 -13.09 -25.14 20.11
C VAL U 241 -12.62 -26.53 19.74
N ASP U 242 -13.52 -27.36 19.25
CA ASP U 242 -13.17 -28.72 18.87
C ASP U 242 -12.71 -28.76 17.41
N LYS U 243 -12.46 -29.97 16.91
CA LYS U 243 -11.91 -30.14 15.57
C LYS U 243 -12.89 -29.78 14.48
N ASN U 244 -14.18 -29.63 14.80
CA ASN U 244 -15.19 -29.22 13.84
C ASN U 244 -15.59 -27.76 14.01
N ASP U 245 -14.73 -26.96 14.65
CA ASP U 245 -14.94 -25.54 14.87
C ASP U 245 -16.17 -25.24 15.74
N VAL U 246 -16.66 -26.24 16.46
CA VAL U 246 -17.79 -26.08 17.35
C VAL U 246 -17.32 -25.40 18.64
N GLY U 247 -18.09 -24.41 19.10
CA GLY U 247 -17.73 -23.71 20.31
C GLY U 247 -17.91 -22.21 20.24
N TYR U 248 -17.84 -21.65 19.02
CA TYR U 248 -17.92 -20.20 18.84
C TYR U 248 -18.47 -19.87 17.48
N ARG U 249 -19.23 -18.77 17.39
CA ARG U 249 -19.58 -18.18 16.12
C ARG U 249 -19.67 -16.68 16.30
N GLU U 250 -19.50 -15.94 15.21
CA GLU U 250 -19.42 -14.49 15.29
C GLU U 250 -20.81 -13.88 15.42
N LEU U 251 -20.85 -12.65 15.92
CA LEU U 251 -22.10 -11.93 16.09
C LEU U 251 -22.67 -11.51 14.74
N PRO U 252 -24.00 -11.35 14.65
CA PRO U 252 -24.60 -10.89 13.39
C PRO U 252 -24.30 -9.44 13.08
N GLU U 253 -23.63 -8.72 13.99
CA GLU U 253 -23.32 -7.32 13.81
C GLU U 253 -21.81 -7.10 13.96
N THR U 254 -21.29 -6.14 13.22
CA THR U 254 -19.89 -5.75 13.39
C THR U 254 -19.70 -5.01 14.71
N ASP U 255 -18.43 -4.92 15.13
CA ASP U 255 -18.11 -4.23 16.38
C ASP U 255 -18.45 -2.75 16.31
N ALA U 256 -18.09 -2.09 15.21
CA ALA U 256 -18.42 -0.67 15.08
C ALA U 256 -19.93 -0.49 15.03
N ASP U 257 -20.63 -1.38 14.34
CA ASP U 257 -22.09 -1.29 14.29
C ASP U 257 -22.69 -1.65 15.63
N LEU U 258 -22.06 -2.55 16.37
CA LEU U 258 -22.52 -2.84 17.73
C LEU U 258 -22.40 -1.61 18.62
N LYS U 259 -21.28 -0.91 18.55
CA LYS U 259 -21.12 0.33 19.32
C LYS U 259 -22.14 1.36 18.88
N ARG U 260 -22.43 1.42 17.58
CA ARG U 260 -23.45 2.35 17.09
C ARG U 260 -24.82 1.98 17.62
N ILE U 261 -25.14 0.69 17.64
CA ILE U 261 -26.42 0.22 18.20
C ILE U 261 -26.52 0.65 19.65
N CYS U 262 -25.44 0.46 20.42
CA CYS U 262 -25.46 0.84 21.82
C CYS U 262 -25.69 2.34 21.96
N LYS U 263 -25.02 3.14 21.11
CA LYS U 263 -25.20 4.58 21.17
C LYS U 263 -26.63 4.99 20.87
N THR U 264 -27.23 4.43 19.82
CA THR U 264 -28.57 4.84 19.44
C THR U 264 -29.60 4.38 20.47
N ILE U 265 -29.39 3.24 21.10
CA ILE U 265 -30.32 2.77 22.12
C ILE U 265 -30.21 3.60 23.39
N VAL U 266 -28.98 3.79 23.88
CA VAL U 266 -28.82 4.47 25.17
C VAL U 266 -29.25 5.92 25.07
N GLU U 267 -29.22 6.50 23.88
CA GLU U 267 -29.54 7.91 23.71
C GLU U 267 -31.00 8.13 23.33
N ALA U 268 -31.80 7.07 23.27
CA ALA U 268 -33.22 7.22 22.99
C ALA U 268 -33.89 8.09 24.05
N ALA U 269 -34.82 8.93 23.61
CA ALA U 269 -35.40 9.96 24.46
C ALA U 269 -36.57 9.48 25.32
N SER U 270 -37.06 8.27 25.11
CA SER U 270 -38.10 7.73 25.98
C SER U 270 -38.02 6.22 26.02
N ASP U 271 -38.68 5.63 27.01
CA ASP U 271 -38.69 4.17 27.13
C ASP U 271 -39.44 3.53 25.99
N GLU U 272 -40.49 4.18 25.48
CA GLU U 272 -41.18 3.67 24.31
C GLU U 272 -40.29 3.70 23.07
N GLU U 273 -39.51 4.78 22.93
CA GLU U 273 -38.56 4.87 21.84
C GLU U 273 -37.46 3.82 21.99
N ARG U 274 -37.05 3.53 23.22
CA ARG U 274 -36.07 2.46 23.43
C ARG U 274 -36.65 1.11 23.05
N LEU U 275 -37.88 0.81 23.49
CA LEU U 275 -38.49 -0.47 23.16
C LEU U 275 -38.60 -0.64 21.66
N LYS U 276 -38.97 0.43 20.95
CA LYS U 276 -39.00 0.33 19.49
C LYS U 276 -37.59 0.14 18.95
N ALA U 277 -36.63 0.89 19.48
CA ALA U 277 -35.22 0.75 19.11
C ALA U 277 -34.61 -0.55 19.61
N PHE U 278 -35.21 -1.22 20.59
CA PHE U 278 -34.61 -2.44 21.14
C PHE U 278 -34.60 -3.62 20.18
N ALA U 279 -35.30 -3.56 19.06
CA ALA U 279 -35.42 -4.72 18.19
C ALA U 279 -34.10 -5.43 17.86
N PRO U 280 -33.00 -4.74 17.54
CA PRO U 280 -31.76 -5.48 17.24
C PRO U 280 -31.19 -6.23 18.42
N ILE U 281 -31.35 -5.73 19.65
CA ILE U 281 -30.85 -6.48 20.80
C ILE U 281 -31.66 -7.75 20.99
N GLN U 282 -32.98 -7.66 20.89
CA GLN U 282 -33.82 -8.85 21.00
C GLN U 282 -33.45 -9.87 19.93
N GLU U 283 -33.23 -9.42 18.69
CA GLU U 283 -32.85 -10.34 17.62
C GLU U 283 -31.52 -11.00 17.93
N MET U 284 -30.52 -10.21 18.32
CA MET U 284 -29.21 -10.76 18.62
C MET U 284 -29.28 -11.73 19.79
N MET U 285 -30.13 -11.48 20.77
CA MET U 285 -30.29 -12.40 21.89
C MET U 285 -30.96 -13.70 21.46
N THR U 286 -31.94 -13.63 20.55
CA THR U 286 -32.52 -14.87 20.04
C THR U 286 -31.48 -15.69 19.30
N PHE U 287 -30.70 -15.06 18.42
CA PHE U 287 -29.63 -15.80 17.75
C PHE U 287 -28.61 -16.32 18.74
N VAL U 288 -28.37 -15.60 19.83
CA VAL U 288 -27.46 -16.09 20.87
C VAL U 288 -28.01 -17.35 21.49
N GLN U 289 -29.32 -17.39 21.72
CA GLN U 289 -29.96 -18.61 22.19
C GLN U 289 -29.74 -19.75 21.21
N PHE U 290 -29.89 -19.46 19.91
CA PHE U 290 -29.68 -20.47 18.89
C PHE U 290 -28.26 -21.02 18.98
N ALA U 291 -27.28 -20.12 19.08
CA ALA U 291 -25.88 -20.54 19.14
C ALA U 291 -25.57 -21.37 20.37
N ASN U 292 -26.05 -20.95 21.55
CA ASN U 292 -25.79 -21.73 22.76
C ASN U 292 -26.41 -23.11 22.66
N ASP U 293 -27.60 -23.20 22.04
CA ASP U 293 -28.21 -24.51 21.88
C ASP U 293 -27.32 -25.45 21.08
N GLU U 294 -26.49 -24.90 20.19
CA GLU U 294 -25.60 -25.69 19.36
C GLU U 294 -24.16 -25.66 19.86
N CYS U 295 -23.96 -25.33 21.14
CA CYS U 295 -22.69 -25.38 21.86
C CYS U 295 -21.71 -24.30 21.45
N ASP U 296 -22.15 -23.27 20.72
CA ASP U 296 -21.29 -22.12 20.43
C ASP U 296 -21.47 -21.07 21.54
N TYR U 297 -21.03 -21.46 22.74
CA TYR U 297 -21.33 -20.68 23.93
C TYR U 297 -20.66 -19.30 23.90
N GLY U 298 -19.48 -19.20 23.29
CA GLY U 298 -18.72 -17.96 23.39
C GLY U 298 -19.44 -16.77 22.79
N MET U 299 -20.35 -17.01 21.85
CA MET U 299 -21.09 -15.91 21.26
C MET U 299 -21.92 -15.22 22.34
N GLY U 300 -22.66 -16.00 23.12
CA GLY U 300 -23.42 -15.42 24.20
C GLY U 300 -22.50 -14.83 25.25
N LEU U 301 -21.30 -15.41 25.39
CA LEU U 301 -20.30 -14.82 26.27
C LEU U 301 -19.88 -13.44 25.78
N GLU U 302 -19.68 -13.30 24.47
CA GLU U 302 -19.14 -12.05 23.96
C GLU U 302 -20.15 -10.91 23.99
N LEU U 303 -21.39 -11.16 23.56
CA LEU U 303 -22.36 -10.08 23.47
C LEU U 303 -22.57 -9.39 24.81
N GLY U 304 -22.82 -10.18 25.85
CA GLY U 304 -22.99 -9.58 27.17
C GLY U 304 -21.79 -8.77 27.57
N MET U 305 -20.59 -9.26 27.24
CA MET U 305 -19.38 -8.55 27.61
C MET U 305 -19.37 -7.15 26.99
N ASP U 306 -19.79 -7.05 25.73
CA ASP U 306 -19.82 -5.73 25.10
C ASP U 306 -20.78 -4.81 25.85
N LEU U 307 -21.94 -5.33 26.24
CA LEU U 307 -22.85 -4.49 27.02
C LEU U 307 -22.23 -4.16 28.37
N PHE U 308 -21.52 -5.13 28.96
CA PHE U 308 -20.78 -4.85 30.19
C PHE U 308 -19.81 -3.71 29.95
N CYS U 309 -19.15 -3.71 28.79
CA CYS U 309 -18.25 -2.61 28.46
C CYS U 309 -19.00 -1.32 28.19
N TYR U 310 -20.21 -1.39 27.63
CA TYR U 310 -20.92 -0.15 27.32
C TYR U 310 -21.27 0.64 28.57
N GLY U 311 -21.66 -0.02 29.66
CA GLY U 311 -21.74 0.62 30.96
C GLY U 311 -23.09 1.17 31.36
N SER U 312 -24.08 1.14 30.47
CA SER U 312 -25.38 1.72 30.80
C SER U 312 -26.20 0.76 31.67
N HIS U 313 -26.92 1.34 32.64
CA HIS U 313 -27.80 0.54 33.48
C HIS U 313 -28.93 -0.12 32.70
N TYR U 314 -29.30 0.45 31.54
CA TYR U 314 -30.36 -0.12 30.73
C TYR U 314 -30.03 -1.53 30.26
N PHE U 315 -28.77 -1.92 30.37
CA PHE U 315 -28.29 -3.21 29.93
C PHE U 315 -27.90 -4.13 31.07
N HIS U 316 -28.10 -3.70 32.32
CA HIS U 316 -27.69 -4.54 33.45
C HIS U 316 -28.42 -5.87 33.47
N LYS U 317 -29.73 -5.87 33.20
CA LYS U 317 -30.48 -7.12 33.23
C LYS U 317 -30.12 -8.03 32.07
N VAL U 318 -30.11 -7.50 30.85
CA VAL U 318 -29.86 -8.35 29.69
C VAL U 318 -28.49 -8.99 29.79
N ALA U 319 -27.47 -8.22 30.19
CA ALA U 319 -26.16 -8.83 30.42
C ALA U 319 -26.22 -9.88 31.51
N GLY U 320 -27.02 -9.63 32.55
CA GLY U 320 -27.19 -10.61 33.60
C GLY U 320 -27.93 -11.84 33.16
N GLN U 321 -28.62 -11.77 32.01
CA GLN U 321 -29.20 -12.96 31.43
C GLN U 321 -28.24 -13.67 30.50
N LEU U 322 -27.28 -12.94 29.94
CA LEU U 322 -26.38 -13.53 28.96
C LEU U 322 -25.07 -14.00 29.59
N LEU U 323 -24.41 -13.12 30.34
CA LEU U 323 -23.04 -13.42 30.76
C LEU U 323 -22.98 -14.50 31.83
N PRO U 324 -23.77 -14.46 32.91
CA PRO U 324 -23.71 -15.58 33.87
C PRO U 324 -24.01 -16.92 33.22
N LEU U 325 -25.10 -17.01 32.45
CA LEU U 325 -25.47 -18.25 31.80
C LEU U 325 -24.33 -18.78 30.95
N ALA U 326 -23.71 -17.91 30.14
CA ALA U 326 -22.60 -18.33 29.31
C ALA U 326 -21.49 -18.91 30.17
N TYR U 327 -21.20 -18.28 31.31
CA TYR U 327 -20.18 -18.82 32.20
C TYR U 327 -20.63 -20.15 32.78
N ASN U 328 -21.92 -20.29 33.06
CA ASN U 328 -22.42 -21.57 33.52
C ASN U 328 -22.27 -22.62 32.44
N LEU U 329 -22.67 -22.28 31.21
CA LEU U 329 -22.50 -23.21 30.10
C LEU U 329 -21.03 -23.56 29.90
N LEU U 330 -20.13 -22.60 30.15
CA LEU U 330 -18.70 -22.85 30.04
C LEU U 330 -18.09 -23.46 31.29
N LYS U 331 -18.89 -23.74 32.32
CA LYS U 331 -18.38 -24.27 33.59
C LYS U 331 -17.39 -23.31 34.24
N ARG U 332 -17.71 -22.02 34.19
CA ARG U 332 -16.92 -20.99 34.87
C ARG U 332 -17.77 -20.33 35.96
N ASN U 333 -18.35 -21.16 36.82
CA ASN U 333 -19.42 -20.69 37.71
C ASN U 333 -19.00 -19.49 38.54
N LEU U 334 -17.72 -19.45 38.95
CA LEU U 334 -17.26 -18.34 39.76
C LEU U 334 -17.43 -17.03 39.03
N PHE U 335 -17.17 -17.01 37.72
CA PHE U 335 -17.37 -15.78 36.97
C PHE U 335 -18.84 -15.39 36.91
N ALA U 336 -19.74 -16.37 36.87
CA ALA U 336 -21.16 -16.06 36.98
C ALA U 336 -21.47 -15.40 38.31
N GLU U 337 -20.89 -15.92 39.39
CA GLU U 337 -21.08 -15.30 40.70
C GLU U 337 -20.58 -13.87 40.68
N ILE U 338 -19.37 -13.66 40.15
CA ILE U 338 -18.77 -12.33 40.12
C ILE U 338 -19.65 -11.36 39.35
N ILE U 339 -20.12 -11.78 38.17
CA ILE U 339 -20.90 -10.86 37.33
C ILE U 339 -22.25 -10.57 37.97
N GLU U 340 -22.89 -11.58 38.57
CA GLU U 340 -24.12 -11.33 39.30
C GLU U 340 -23.91 -10.27 40.37
N GLU U 341 -22.89 -10.47 41.22
CA GLU U 341 -22.67 -9.56 42.34
C GLU U 341 -22.25 -8.17 41.87
N HIS U 342 -21.49 -8.09 40.80
CA HIS U 342 -21.05 -6.80 40.29
C HIS U 342 -22.19 -6.04 39.64
N LEU U 343 -22.97 -6.71 38.77
CA LEU U 343 -24.11 -6.05 38.16
C LEU U 343 -25.12 -5.61 39.21
N ALA U 344 -25.27 -6.38 40.28
CA ALA U 344 -26.18 -5.95 41.33
C ALA U 344 -25.61 -4.80 42.16
N ASN U 345 -24.30 -4.63 42.19
CA ASN U 345 -23.66 -3.64 43.07
C ASN U 345 -22.45 -2.99 42.41
N ARG U 346 -22.62 -2.40 41.22
CA ARG U 346 -21.49 -1.93 40.42
C ARG U 346 -21.24 -0.46 40.79
N SER U 347 -20.29 -0.26 41.69
CA SER U 347 -20.02 1.03 42.31
C SER U 347 -18.74 1.66 41.75
N GLN U 348 -18.61 2.97 41.98
CA GLN U 348 -17.44 3.73 41.56
C GLN U 348 -16.41 3.85 42.67
N GLU U 349 -16.70 3.32 43.85
CA GLU U 349 -15.76 3.24 44.96
C GLU U 349 -15.79 1.82 45.48
N ASN U 350 -14.63 1.15 45.50
CA ASN U 350 -14.66 -0.30 45.60
C ASN U 350 -13.61 -0.88 46.53
N ILE U 351 -13.03 -0.10 47.43
CA ILE U 351 -12.09 -0.62 48.42
C ILE U 351 -12.92 -1.12 49.58
N ASP U 352 -12.93 -2.43 49.79
CA ASP U 352 -13.80 -2.99 50.81
C ASP U 352 -13.39 -2.66 52.23
N GLN U 353 -12.20 -2.10 52.44
CA GLN U 353 -11.83 -1.65 53.77
C GLN U 353 -12.04 -0.16 53.97
N LEU U 354 -12.33 0.59 52.90
CA LEU U 354 -12.76 1.98 52.97
C LEU U 354 -11.83 2.86 53.79
N GLY V 97 -46.21 -10.04 -13.77
CA GLY V 97 -47.19 -9.58 -12.81
C GLY V 97 -47.31 -8.07 -12.75
N LYS V 98 -47.91 -7.57 -11.67
CA LYS V 98 -48.05 -6.13 -11.47
C LYS V 98 -46.71 -5.43 -11.59
N ALA V 99 -46.61 -4.48 -12.53
CA ALA V 99 -45.36 -3.83 -12.88
C ALA V 99 -45.24 -2.48 -12.18
N PRO V 100 -44.49 -2.39 -11.08
CA PRO V 100 -44.28 -1.10 -10.42
C PRO V 100 -43.18 -0.25 -11.04
N VAL V 101 -43.40 1.06 -11.00
CA VAL V 101 -42.43 2.08 -11.38
C VAL V 101 -41.58 2.43 -10.17
N ASP V 102 -40.27 2.56 -10.36
CA ASP V 102 -39.39 3.02 -9.30
C ASP V 102 -39.91 4.31 -8.68
N PRO V 103 -40.23 4.32 -7.38
CA PRO V 103 -40.72 5.57 -6.75
C PRO V 103 -39.69 6.68 -6.71
N GLU V 104 -38.40 6.38 -6.78
CA GLU V 104 -37.37 7.40 -6.62
C GLU V 104 -37.41 8.45 -7.71
N CYS V 105 -38.05 8.17 -8.84
CA CYS V 105 -38.21 9.14 -9.92
C CYS V 105 -39.43 10.00 -9.64
N THR V 106 -39.26 10.92 -8.69
CA THR V 106 -40.40 11.68 -8.18
C THR V 106 -41.08 12.45 -9.30
N ALA V 107 -40.30 12.94 -10.26
CA ALA V 107 -40.86 13.66 -11.39
C ALA V 107 -41.70 12.79 -12.31
N LYS V 108 -41.69 11.47 -12.13
CA LYS V 108 -42.40 10.57 -13.01
C LYS V 108 -43.09 9.41 -12.30
N VAL V 109 -43.03 9.34 -10.97
CA VAL V 109 -43.67 8.25 -10.25
C VAL V 109 -45.18 8.26 -10.41
N GLY V 110 -45.78 9.44 -10.58
CA GLY V 110 -47.22 9.50 -10.64
C GLY V 110 -47.80 9.73 -12.02
N LYS V 111 -46.96 10.22 -12.94
CA LYS V 111 -47.38 10.49 -14.30
C LYS V 111 -46.84 9.52 -15.35
N ALA V 112 -46.21 8.41 -14.94
CA ALA V 112 -45.52 7.60 -15.94
C ALA V 112 -45.47 6.14 -15.52
N HIS V 113 -45.29 5.27 -16.52
CA HIS V 113 -45.26 3.84 -16.33
C HIS V 113 -44.04 3.23 -16.98
N VAL V 114 -43.59 2.11 -16.41
CA VAL V 114 -42.60 1.26 -17.04
C VAL V 114 -43.14 0.70 -18.34
N TYR V 115 -42.29 0.62 -19.36
CA TYR V 115 -42.72 0.15 -20.67
C TYR V 115 -42.69 -1.38 -20.71
N CYS V 116 -43.71 -1.96 -21.35
CA CYS V 116 -43.79 -3.40 -21.51
C CYS V 116 -44.27 -3.73 -22.92
N GLU V 117 -43.92 -4.94 -23.37
CA GLU V 117 -44.39 -5.49 -24.64
C GLU V 117 -44.41 -7.02 -24.49
N GLY V 118 -45.54 -7.54 -24.04
CA GLY V 118 -45.64 -8.98 -23.86
C GLY V 118 -44.70 -9.44 -22.78
N ASN V 119 -43.86 -10.43 -23.13
CA ASN V 119 -42.75 -10.83 -22.27
C ASN V 119 -41.89 -9.64 -21.88
N ASP V 120 -41.44 -8.86 -22.86
CA ASP V 120 -40.30 -7.98 -22.68
C ASP V 120 -40.72 -6.71 -21.94
N VAL V 121 -40.34 -6.61 -20.68
CA VAL V 121 -40.56 -5.42 -19.87
C VAL V 121 -39.24 -4.66 -19.79
N TYR V 122 -39.24 -3.41 -20.25
CA TYR V 122 -38.00 -2.64 -20.36
C TYR V 122 -37.67 -2.10 -18.97
N ASP V 123 -37.20 -3.02 -18.13
CA ASP V 123 -36.75 -2.76 -16.78
C ASP V 123 -35.70 -3.82 -16.50
N VAL V 124 -34.60 -3.42 -15.86
CA VAL V 124 -33.51 -4.37 -15.64
C VAL V 124 -32.60 -3.87 -14.53
N MET V 125 -32.07 -4.80 -13.76
CA MET V 125 -31.10 -4.51 -12.71
C MET V 125 -29.88 -5.36 -12.97
N LEU V 126 -28.70 -4.75 -12.92
CA LEU V 126 -27.44 -5.44 -13.11
C LEU V 126 -26.60 -5.32 -11.84
N ASN V 127 -25.85 -6.37 -11.55
CA ASN V 127 -24.94 -6.37 -10.41
C ASN V 127 -23.58 -6.84 -10.86
N GLN V 128 -22.54 -6.26 -10.25
CA GLN V 128 -21.17 -6.67 -10.50
C GLN V 128 -20.42 -6.70 -9.19
N THR V 129 -19.53 -7.67 -9.04
CA THR V 129 -18.61 -7.68 -7.91
C THR V 129 -17.36 -8.47 -8.27
N ASN V 130 -16.24 -7.99 -7.75
CA ASN V 130 -14.94 -8.62 -7.96
C ASN V 130 -14.09 -8.30 -6.73
N LEU V 131 -14.11 -9.21 -5.76
CA LEU V 131 -13.38 -9.01 -4.52
C LEU V 131 -11.87 -8.99 -4.75
N GLN V 132 -11.40 -9.59 -5.84
CA GLN V 132 -10.00 -9.48 -6.19
C GLN V 132 -9.60 -8.02 -6.31
N PHE V 133 -10.42 -7.23 -7.00
CA PHE V 133 -10.23 -5.80 -7.15
C PHE V 133 -11.26 -4.98 -6.37
N ASN V 134 -12.06 -5.64 -5.52
CA ASN V 134 -12.98 -5.00 -4.59
C ASN V 134 -13.97 -4.07 -5.30
N ASN V 135 -14.62 -4.59 -6.33
CA ASN V 135 -15.79 -3.96 -6.93
C ASN V 135 -17.06 -4.58 -6.37
N ASN V 136 -18.04 -3.75 -6.01
CA ASN V 136 -19.36 -4.26 -5.63
C ASN V 136 -20.39 -3.16 -5.93
N LYS V 137 -20.95 -3.22 -7.14
CA LYS V 137 -21.73 -2.10 -7.67
C LYS V 137 -22.97 -2.60 -8.39
N TYR V 138 -23.99 -1.75 -8.45
CA TYR V 138 -25.22 -2.12 -9.15
C TYR V 138 -25.48 -1.11 -10.26
N TYR V 139 -26.50 -1.40 -11.07
CA TYR V 139 -26.92 -0.49 -12.13
C TYR V 139 -28.36 -0.82 -12.51
N LEU V 140 -29.30 0.06 -12.18
CA LEU V 140 -30.68 -0.14 -12.60
C LEU V 140 -30.98 0.71 -13.81
N ILE V 141 -31.78 0.16 -14.72
CA ILE V 141 -32.23 0.86 -15.92
C ILE V 141 -33.72 0.62 -16.09
N GLN V 142 -34.45 1.69 -16.44
CA GLN V 142 -35.89 1.62 -16.60
C GLN V 142 -36.32 2.57 -17.70
N LEU V 143 -37.09 2.08 -18.66
CA LEU V 143 -37.71 2.96 -19.64
C LEU V 143 -39.10 3.33 -19.16
N LEU V 144 -39.37 4.62 -19.02
CA LEU V 144 -40.65 5.12 -18.53
C LEU V 144 -41.28 5.99 -19.59
N GLU V 145 -42.53 5.72 -19.94
CA GLU V 145 -43.31 6.65 -20.74
C GLU V 145 -44.35 7.30 -19.84
N ASP V 146 -44.53 8.61 -19.99
CA ASP V 146 -45.56 9.28 -19.21
C ASP V 146 -46.95 8.75 -19.53
N ASP V 147 -47.82 8.73 -18.52
CA ASP V 147 -49.20 8.33 -18.74
C ASP V 147 -49.99 9.42 -19.46
N ALA V 148 -49.83 10.68 -19.04
CA ALA V 148 -50.67 11.75 -19.55
C ALA V 148 -50.21 12.20 -20.93
N GLN V 149 -48.94 12.57 -21.08
CA GLN V 149 -48.43 13.07 -22.34
C GLN V 149 -47.51 12.04 -22.97
N ARG V 150 -47.41 12.10 -24.30
CA ARG V 150 -46.71 11.07 -25.07
C ARG V 150 -45.22 11.39 -25.12
N ASN V 151 -44.49 10.85 -24.15
CA ASN V 151 -43.10 11.23 -23.95
C ASN V 151 -42.38 10.12 -23.21
N PHE V 152 -41.26 9.66 -23.77
CA PHE V 152 -40.54 8.51 -23.25
C PHE V 152 -39.23 9.00 -22.65
N SER V 153 -38.71 8.23 -21.72
CA SER V 153 -37.51 8.62 -21.00
C SER V 153 -36.79 7.36 -20.56
N VAL V 154 -35.47 7.45 -20.46
CA VAL V 154 -34.67 6.40 -19.86
C VAL V 154 -34.13 6.89 -18.53
N TRP V 155 -34.40 6.12 -17.48
CA TRP V 155 -33.92 6.40 -16.13
C TRP V 155 -32.81 5.41 -15.83
N MET V 156 -31.66 5.91 -15.38
CA MET V 156 -30.54 5.07 -14.99
C MET V 156 -30.11 5.48 -13.59
N ARG V 157 -29.77 4.51 -12.76
CA ARG V 157 -29.30 4.87 -11.43
C ARG V 157 -28.33 3.84 -10.95
N TRP V 158 -27.24 4.31 -10.35
CA TRP V 158 -26.11 3.43 -10.11
C TRP V 158 -25.35 3.91 -8.87
N GLY V 159 -24.62 2.97 -8.28
CA GLY V 159 -23.93 3.20 -7.04
C GLY V 159 -23.57 1.87 -6.40
N ARG V 160 -23.05 1.97 -5.18
CA ARG V 160 -22.91 0.77 -4.36
C ARG V 160 -24.30 0.30 -3.95
N VAL V 161 -24.55 -1.00 -4.10
CA VAL V 161 -25.80 -1.59 -3.67
C VAL V 161 -26.07 -1.25 -2.21
N GLY V 162 -27.28 -0.80 -1.93
CA GLY V 162 -27.66 -0.37 -0.60
C GLY V 162 -27.60 1.14 -0.46
N LYS V 163 -26.54 1.75 -0.96
CA LYS V 163 -26.34 3.19 -0.85
C LYS V 163 -26.87 3.83 -2.13
N MET V 164 -27.90 4.67 -2.02
CA MET V 164 -28.51 5.21 -3.22
C MET V 164 -27.47 6.06 -3.95
N GLY V 165 -27.55 6.06 -5.27
CA GLY V 165 -26.51 6.74 -6.01
C GLY V 165 -26.88 7.70 -7.12
N GLN V 166 -25.91 7.94 -8.00
CA GLN V 166 -26.08 8.86 -9.12
C GLN V 166 -27.16 8.39 -10.07
N HIS V 167 -28.03 9.31 -10.46
CA HIS V 167 -29.14 9.01 -11.35
C HIS V 167 -29.13 9.93 -12.56
N SER V 168 -29.78 9.48 -13.62
CA SER V 168 -29.92 10.25 -14.85
C SER V 168 -31.29 9.99 -15.45
N LEU V 169 -31.97 11.06 -15.84
CA LEU V 169 -33.25 10.99 -16.54
C LEU V 169 -33.11 11.63 -17.91
N VAL V 170 -33.22 10.84 -18.98
CA VAL V 170 -33.09 11.35 -20.33
C VAL V 170 -34.47 11.34 -20.98
N ALA V 171 -34.98 12.52 -21.28
CA ALA V 171 -36.28 12.74 -21.92
C ALA V 171 -36.13 12.74 -23.43
N CYS V 172 -37.17 12.27 -24.14
CA CYS V 172 -37.09 12.15 -25.58
C CYS V 172 -38.24 12.79 -26.35
N SER V 173 -39.22 13.40 -25.68
CA SER V 173 -40.36 14.04 -26.33
C SER V 173 -41.10 13.08 -27.27
N GLY V 174 -41.15 11.81 -26.89
CA GLY V 174 -41.83 10.82 -27.70
C GLY V 174 -40.98 10.14 -28.74
N ASN V 175 -39.65 10.25 -28.66
CA ASN V 175 -38.77 9.54 -29.59
C ASN V 175 -38.49 8.16 -29.01
N LEU V 176 -39.54 7.33 -29.07
CA LEU V 176 -39.46 5.97 -28.56
C LEU V 176 -38.37 5.15 -29.23
N ASN V 177 -38.13 5.38 -30.52
CA ASN V 177 -37.14 4.56 -31.24
C ASN V 177 -35.72 4.85 -30.75
N LYS V 178 -35.33 6.12 -30.74
CA LYS V 178 -34.04 6.51 -30.18
C LYS V 178 -33.87 6.03 -28.75
N ALA V 179 -34.90 6.25 -27.91
CA ALA V 179 -34.78 5.87 -26.51
C ALA V 179 -34.57 4.37 -26.36
N LYS V 180 -35.31 3.56 -27.10
CA LYS V 180 -35.11 2.12 -27.05
C LYS V 180 -33.72 1.76 -27.53
N GLU V 181 -33.22 2.46 -28.54
CA GLU V 181 -31.88 2.21 -29.03
C GLU V 181 -30.85 2.46 -27.93
N ILE V 182 -30.91 3.65 -27.32
CA ILE V 182 -30.01 3.99 -26.21
C ILE V 182 -30.08 2.92 -25.13
N PHE V 183 -31.30 2.52 -24.75
CA PHE V 183 -31.48 1.50 -23.73
C PHE V 183 -30.71 0.23 -24.08
N GLN V 184 -30.93 -0.28 -25.29
CA GLN V 184 -30.29 -1.53 -25.69
C GLN V 184 -28.78 -1.38 -25.78
N LYS V 185 -28.32 -0.24 -26.29
CA LYS V 185 -26.89 0.00 -26.42
C LYS V 185 -26.22 -0.01 -25.06
N LYS V 186 -26.78 0.71 -24.09
CA LYS V 186 -26.20 0.73 -22.76
C LYS V 186 -26.25 -0.65 -22.12
N PHE V 187 -27.37 -1.36 -22.29
CA PHE V 187 -27.47 -2.72 -21.78
C PHE V 187 -26.36 -3.60 -22.32
N LEU V 188 -26.08 -3.49 -23.62
CA LEU V 188 -24.99 -4.29 -24.20
C LEU V 188 -23.64 -3.85 -23.67
N ASP V 189 -23.37 -2.54 -23.70
CA ASP V 189 -22.11 -2.01 -23.17
C ASP V 189 -21.83 -2.54 -21.77
N LYS V 190 -22.84 -2.58 -20.93
CA LYS V 190 -22.63 -2.94 -19.53
C LYS V 190 -22.68 -4.44 -19.30
N THR V 191 -23.28 -5.20 -20.21
CA THR V 191 -23.45 -6.63 -20.05
C THR V 191 -22.74 -7.47 -21.10
N LYS V 192 -22.48 -6.92 -22.28
CA LYS V 192 -21.99 -7.65 -23.46
C LYS V 192 -23.04 -8.61 -23.99
N ASN V 193 -24.31 -8.40 -23.64
CA ASN V 193 -25.42 -9.17 -24.18
C ASN V 193 -26.42 -8.21 -24.80
N ASN V 194 -27.03 -8.63 -25.90
CA ASN V 194 -28.07 -7.81 -26.51
C ASN V 194 -29.33 -7.85 -25.68
N TRP V 195 -30.05 -6.73 -25.67
CA TRP V 195 -31.21 -6.57 -24.80
C TRP V 195 -32.44 -7.31 -25.30
N GLU V 196 -32.71 -7.24 -26.61
CA GLU V 196 -33.98 -7.76 -27.12
C GLU V 196 -34.08 -9.25 -26.87
N ASP V 197 -33.02 -9.99 -27.16
CA ASP V 197 -32.93 -11.40 -26.76
C ASP V 197 -32.33 -11.50 -25.36
N ARG V 198 -33.02 -10.89 -24.40
CA ARG V 198 -32.66 -11.03 -23.00
C ARG V 198 -32.83 -12.45 -22.49
N GLU V 199 -33.64 -13.26 -23.16
CA GLU V 199 -33.88 -14.64 -22.72
C GLU V 199 -32.57 -15.42 -22.62
N LYS V 200 -31.74 -15.35 -23.64
CA LYS V 200 -30.45 -16.05 -23.65
C LYS V 200 -29.35 -15.12 -23.14
N PHE V 201 -29.35 -14.91 -21.83
CA PHE V 201 -28.35 -14.06 -21.20
C PHE V 201 -27.12 -14.86 -20.78
N GLU V 202 -25.94 -14.33 -21.12
CA GLU V 202 -24.67 -14.96 -20.72
C GLU V 202 -23.74 -13.90 -20.14
N LYS V 203 -23.55 -13.92 -18.83
CA LYS V 203 -22.62 -13.00 -18.20
C LYS V 203 -21.18 -13.30 -18.64
N VAL V 204 -20.35 -12.26 -18.66
CA VAL V 204 -18.93 -12.40 -19.01
C VAL V 204 -18.07 -11.78 -17.91
N PRO V 205 -16.85 -12.28 -17.69
CA PRO V 205 -16.01 -11.74 -16.62
C PRO V 205 -15.63 -10.27 -16.85
N GLY V 206 -15.52 -9.55 -15.73
CA GLY V 206 -15.25 -8.12 -15.76
C GLY V 206 -16.33 -7.29 -16.42
N LYS V 207 -17.59 -7.74 -16.35
CA LYS V 207 -18.73 -6.96 -16.79
C LYS V 207 -19.91 -7.24 -15.87
N TYR V 208 -20.91 -6.36 -15.93
CA TYR V 208 -22.09 -6.54 -15.11
C TYR V 208 -22.85 -7.79 -15.52
N ASP V 209 -23.50 -8.41 -14.53
CA ASP V 209 -24.38 -9.55 -14.72
C ASP V 209 -25.81 -9.04 -14.54
N MET V 210 -26.76 -9.80 -15.04
CA MET V 210 -28.15 -9.39 -14.89
C MET V 210 -28.70 -9.95 -13.59
N LEU V 211 -29.91 -9.53 -13.22
CA LEU V 211 -30.69 -10.27 -12.24
C LEU V 211 -32.15 -10.16 -12.62
N GLN V 212 -32.99 -10.84 -11.86
CA GLN V 212 -34.41 -10.96 -12.19
C GLN V 212 -35.23 -10.52 -10.98
N MET V 213 -36.28 -9.76 -11.24
CA MET V 213 -37.03 -9.12 -10.17
C MET V 213 -38.52 -9.43 -10.31
N ASP V 214 -39.28 -8.95 -9.34
CA ASP V 214 -40.73 -9.05 -9.37
C ASP V 214 -41.40 -7.84 -9.97
N TYR V 215 -40.62 -6.91 -10.52
CA TYR V 215 -41.16 -5.70 -11.11
C TYR V 215 -41.21 -5.79 -12.63
N LYS V 236 -73.38 -8.24 0.83
CA LYS V 236 -73.86 -7.91 2.17
C LYS V 236 -73.10 -8.70 3.22
N PRO V 237 -72.07 -8.09 3.82
CA PRO V 237 -71.13 -8.86 4.64
C PRO V 237 -71.77 -9.69 5.75
N GLU V 238 -71.72 -11.01 5.60
CA GLU V 238 -71.90 -11.95 6.70
C GLU V 238 -70.60 -12.73 6.81
N SER V 239 -69.65 -12.16 7.53
CA SER V 239 -68.31 -12.73 7.65
C SER V 239 -68.40 -13.90 8.61
N GLN V 240 -68.75 -15.07 8.06
CA GLN V 240 -69.00 -16.24 8.87
C GLN V 240 -67.71 -17.02 9.09
N LEU V 241 -67.20 -16.96 10.31
CA LEU V 241 -66.02 -17.63 10.84
C LEU V 241 -66.04 -17.42 12.35
N ASP V 242 -65.52 -18.40 13.08
CA ASP V 242 -65.26 -18.19 14.50
C ASP V 242 -64.43 -16.94 14.72
N LEU V 243 -64.69 -16.27 15.83
CA LEU V 243 -63.98 -15.01 16.08
C LEU V 243 -62.49 -15.27 16.33
N ARG V 244 -62.16 -16.42 16.93
CA ARG V 244 -60.77 -16.72 17.23
C ARG V 244 -59.98 -17.00 15.95
N VAL V 245 -60.55 -17.79 15.05
CA VAL V 245 -59.90 -18.00 13.76
C VAL V 245 -59.84 -16.69 12.99
N GLN V 246 -60.85 -15.84 13.14
CA GLN V 246 -60.81 -14.53 12.50
C GLN V 246 -59.60 -13.74 12.99
N GLU V 247 -59.37 -13.73 14.30
CA GLU V 247 -58.20 -13.03 14.82
C GLU V 247 -56.92 -13.67 14.31
N LEU V 248 -56.89 -14.99 14.23
CA LEU V 248 -55.69 -15.67 13.75
C LEU V 248 -55.38 -15.30 12.32
N ILE V 249 -56.37 -15.46 11.43
CA ILE V 249 -56.15 -15.14 10.02
C ILE V 249 -55.76 -13.69 9.85
N LYS V 250 -56.46 -12.77 10.53
CA LYS V 250 -56.12 -11.36 10.38
C LYS V 250 -54.71 -11.11 10.85
N LEU V 251 -54.28 -11.81 11.89
CA LEU V 251 -52.90 -11.71 12.37
C LEU V 251 -51.93 -12.17 11.30
N ILE V 252 -52.15 -13.36 10.74
CA ILE V 252 -51.17 -13.89 9.79
C ILE V 252 -51.36 -13.31 8.38
N CYS V 253 -52.59 -12.92 8.03
CA CYS V 253 -52.87 -12.38 6.71
C CYS V 253 -52.74 -10.87 6.63
N ASN V 254 -52.05 -10.24 7.58
CA ASN V 254 -51.95 -8.78 7.58
C ASN V 254 -50.90 -8.40 6.54
N VAL V 255 -51.37 -7.87 5.41
CA VAL V 255 -50.47 -7.53 4.32
C VAL V 255 -49.52 -6.42 4.73
N GLN V 256 -50.05 -5.39 5.41
CA GLN V 256 -49.22 -4.31 5.94
C GLN V 256 -47.99 -4.84 6.66
N ALA V 257 -48.19 -5.78 7.59
CA ALA V 257 -47.08 -6.34 8.34
C ALA V 257 -46.09 -7.06 7.42
N MET V 258 -46.58 -7.71 6.36
CA MET V 258 -45.68 -8.37 5.42
C MET V 258 -44.83 -7.36 4.68
N GLU V 259 -45.45 -6.29 4.17
CA GLU V 259 -44.71 -5.19 3.55
C GLU V 259 -43.67 -4.62 4.50
N GLU V 260 -44.07 -4.37 5.74
CA GLU V 260 -43.15 -3.78 6.72
C GLU V 260 -41.97 -4.69 6.98
N MET V 261 -42.23 -6.00 7.06
CA MET V 261 -41.14 -6.95 7.24
C MET V 261 -40.23 -6.98 6.03
N MET V 262 -40.80 -6.86 4.83
CA MET V 262 -39.97 -6.85 3.63
C MET V 262 -39.10 -5.60 3.59
N MET V 263 -39.66 -4.45 4.02
CA MET V 263 -38.87 -3.23 4.06
C MET V 263 -37.76 -3.34 5.10
N GLU V 264 -38.04 -4.02 6.21
CA GLU V 264 -37.01 -4.32 7.20
C GLU V 264 -35.96 -5.26 6.64
N MET V 265 -36.31 -6.08 5.65
CA MET V 265 -35.33 -6.96 5.02
C MET V 265 -34.47 -6.22 4.00
N LYS V 266 -34.55 -4.91 3.95
CA LYS V 266 -33.73 -4.09 3.07
C LYS V 266 -33.04 -2.96 3.80
N TYR V 267 -33.73 -2.32 4.75
CA TYR V 267 -33.15 -1.20 5.46
C TYR V 267 -32.82 -1.47 6.93
N ASN V 268 -33.31 -2.56 7.51
CA ASN V 268 -32.90 -2.93 8.86
C ASN V 268 -31.72 -3.89 8.80
N THR V 269 -31.92 -5.05 8.19
CA THR V 269 -30.87 -6.04 7.94
C THR V 269 -30.67 -6.04 6.43
N LYS V 270 -29.55 -5.49 6.00
CA LYS V 270 -29.28 -5.34 4.57
C LYS V 270 -28.95 -6.68 3.94
N LYS V 271 -29.98 -7.50 3.76
CA LYS V 271 -29.85 -8.75 3.03
C LYS V 271 -30.33 -8.64 1.58
N ALA V 272 -31.27 -7.76 1.30
CA ALA V 272 -31.79 -7.58 -0.06
C ALA V 272 -32.04 -6.09 -0.23
N PRO V 273 -30.98 -5.32 -0.43
CA PRO V 273 -31.11 -3.85 -0.44
C PRO V 273 -32.00 -3.33 -1.54
N LEU V 274 -31.65 -3.70 -2.78
CA LEU V 274 -32.32 -3.16 -3.94
C LEU V 274 -33.78 -3.57 -4.04
N GLY V 275 -34.14 -4.75 -3.56
CA GLY V 275 -35.51 -5.20 -3.74
C GLY V 275 -35.63 -6.70 -3.52
N LYS V 276 -36.66 -7.27 -4.15
CA LYS V 276 -36.98 -8.68 -4.01
C LYS V 276 -36.29 -9.47 -5.11
N LEU V 277 -36.63 -10.76 -5.22
CA LEU V 277 -36.06 -11.66 -6.21
C LEU V 277 -37.12 -12.65 -6.63
N THR V 278 -36.81 -13.44 -7.66
CA THR V 278 -37.72 -14.47 -8.13
C THR V 278 -37.28 -15.84 -7.61
N VAL V 279 -38.22 -16.79 -7.64
CA VAL V 279 -37.90 -18.18 -7.33
C VAL V 279 -36.68 -18.65 -8.13
N ALA V 280 -36.64 -18.31 -9.42
CA ALA V 280 -35.56 -18.81 -10.26
C ALA V 280 -34.24 -18.11 -9.94
N GLN V 281 -34.32 -16.86 -9.52
CA GLN V 281 -33.12 -16.15 -9.10
C GLN V 281 -32.54 -16.82 -7.86
N ILE V 282 -33.40 -17.15 -6.91
CA ILE V 282 -32.97 -17.90 -5.73
C ILE V 282 -32.36 -19.24 -6.13
N LYS V 283 -32.94 -19.91 -7.12
CA LYS V 283 -32.36 -21.17 -7.56
C LYS V 283 -30.96 -20.97 -8.13
N ALA V 284 -30.75 -19.90 -8.89
CA ALA V 284 -29.41 -19.61 -9.40
C ALA V 284 -28.46 -19.30 -8.25
N GLY V 285 -28.96 -18.60 -7.24
CA GLY V 285 -28.15 -18.38 -6.05
C GLY V 285 -27.74 -19.69 -5.40
N TYR V 286 -28.68 -20.62 -5.29
CA TYR V 286 -28.36 -21.94 -4.74
C TYR V 286 -27.30 -22.64 -5.58
N GLN V 287 -27.42 -22.53 -6.91
CA GLN V 287 -26.39 -23.08 -7.78
C GLN V 287 -25.02 -22.52 -7.44
N SER V 288 -24.96 -21.22 -7.16
CA SER V 288 -23.68 -20.61 -6.83
C SER V 288 -23.18 -21.08 -5.47
N LEU V 289 -24.09 -21.28 -4.53
CA LEU V 289 -23.71 -21.84 -3.24
C LEU V 289 -23.18 -23.26 -3.40
N LYS V 290 -23.77 -24.03 -4.32
CA LYS V 290 -23.25 -25.35 -4.61
C LYS V 290 -21.83 -25.28 -5.13
N LYS V 291 -21.56 -24.36 -6.05
CA LYS V 291 -20.21 -24.21 -6.56
C LYS V 291 -19.25 -23.81 -5.45
N ILE V 292 -19.72 -22.95 -4.53
CA ILE V 292 -18.91 -22.55 -3.39
C ILE V 292 -18.62 -23.75 -2.50
N GLU V 293 -19.63 -24.59 -2.27
CA GLU V 293 -19.45 -25.78 -1.43
C GLU V 293 -18.41 -26.70 -2.04
N ASP V 294 -18.54 -26.97 -3.33
CA ASP V 294 -17.53 -27.79 -4.02
C ASP V 294 -16.14 -27.22 -3.83
N CYS V 295 -15.96 -25.93 -4.15
CA CYS V 295 -14.67 -25.28 -3.97
C CYS V 295 -14.13 -25.45 -2.55
N ILE V 296 -14.93 -25.09 -1.54
CA ILE V 296 -14.46 -25.05 -0.16
C ILE V 296 -14.14 -26.45 0.34
N ARG V 297 -14.88 -27.44 -0.14
CA ARG V 297 -14.64 -28.83 0.26
C ARG V 297 -13.19 -29.28 0.05
N ALA V 298 -12.43 -28.60 -0.82
CA ALA V 298 -11.04 -28.99 -1.00
C ALA V 298 -10.06 -28.07 -0.30
N GLY V 299 -10.54 -27.13 0.51
CA GLY V 299 -9.68 -26.27 1.30
C GLY V 299 -8.68 -25.39 0.55
N GLN V 300 -8.90 -25.18 -0.74
CA GLN V 300 -8.00 -24.38 -1.56
C GLN V 300 -8.48 -22.95 -1.65
N HIS V 301 -7.65 -22.02 -1.18
CA HIS V 301 -8.04 -20.62 -1.03
C HIS V 301 -7.36 -19.74 -2.08
N GLY V 302 -7.20 -20.25 -3.30
CA GLY V 302 -6.49 -19.48 -4.30
C GLY V 302 -7.44 -18.71 -5.21
N ARG V 303 -7.27 -18.84 -6.52
CA ARG V 303 -7.97 -17.95 -7.43
C ARG V 303 -9.39 -18.42 -7.70
N ALA V 304 -9.58 -19.71 -7.96
CA ALA V 304 -10.90 -20.26 -8.23
C ALA V 304 -11.86 -19.97 -7.09
N LEU V 305 -11.36 -19.99 -5.85
CA LEU V 305 -12.24 -19.71 -4.73
C LEU V 305 -12.70 -18.26 -4.79
N MET V 306 -11.80 -17.35 -5.13
CA MET V 306 -12.17 -15.94 -5.21
C MET V 306 -13.18 -15.71 -6.33
N GLU V 307 -13.01 -16.36 -7.48
CA GLU V 307 -13.98 -16.21 -8.56
C GLU V 307 -15.33 -16.78 -8.16
N ALA V 308 -15.35 -17.91 -7.44
CA ALA V 308 -16.61 -18.48 -7.02
C ALA V 308 -17.32 -17.55 -6.03
N CYS V 309 -16.57 -16.98 -5.10
CA CYS V 309 -17.13 -15.97 -4.21
C CYS V 309 -17.66 -14.77 -4.99
N ASN V 310 -16.94 -14.34 -6.03
CA ASN V 310 -17.45 -13.29 -6.90
C ASN V 310 -18.79 -13.65 -7.48
N GLU V 311 -18.94 -14.90 -7.91
CA GLU V 311 -20.20 -15.33 -8.51
C GLU V 311 -21.32 -15.30 -7.49
N PHE V 312 -21.04 -15.78 -6.27
CA PHE V 312 -22.01 -15.70 -5.19
C PHE V 312 -22.45 -14.26 -4.93
N TYR V 313 -21.48 -13.37 -4.64
CA TYR V 313 -21.84 -11.99 -4.36
C TYR V 313 -22.47 -11.28 -5.55
N THR V 314 -22.24 -11.75 -6.78
CA THR V 314 -22.95 -11.18 -7.92
C THR V 314 -24.42 -11.58 -7.90
N ARG V 315 -24.70 -12.85 -7.63
CA ARG V 315 -26.08 -13.30 -7.76
C ARG V 315 -26.96 -12.79 -6.63
N ILE V 316 -26.42 -12.61 -5.43
CA ILE V 316 -27.20 -12.18 -4.27
C ILE V 316 -26.63 -10.88 -3.75
N PRO V 317 -27.37 -9.77 -3.83
CA PRO V 317 -26.78 -8.46 -3.51
C PRO V 317 -26.52 -8.30 -2.02
N HIS V 318 -25.28 -7.97 -1.67
CA HIS V 318 -24.88 -7.69 -0.30
C HIS V 318 -24.27 -6.30 -0.24
N ASP V 319 -24.18 -5.76 0.97
CA ASP V 319 -23.60 -4.43 1.18
C ASP V 319 -22.54 -4.53 2.25
N PHE V 320 -21.28 -4.35 1.86
CA PHE V 320 -20.14 -4.52 2.73
C PHE V 320 -19.54 -3.19 3.18
N GLY V 321 -20.24 -2.09 2.83
CA GLY V 321 -19.76 -0.73 3.15
C GLY V 321 -18.57 -0.36 2.28
N LEU V 322 -17.37 -0.76 2.71
CA LEU V 322 -16.12 -0.47 1.95
C LEU V 322 -15.15 -1.63 2.16
N ARG V 323 -15.19 -2.25 3.34
CA ARG V 323 -14.30 -3.39 3.67
C ARG V 323 -14.41 -4.45 2.57
N THR V 324 -13.29 -4.79 1.94
CA THR V 324 -13.26 -5.79 0.90
C THR V 324 -14.24 -6.91 1.25
N PRO V 325 -15.16 -7.30 0.35
CA PRO V 325 -16.01 -8.47 0.59
C PRO V 325 -15.16 -9.65 0.98
N PRO V 326 -15.45 -10.29 2.11
CA PRO V 326 -14.57 -11.35 2.60
C PRO V 326 -14.83 -12.67 1.89
N LEU V 327 -13.80 -13.51 1.94
CA LEU V 327 -13.92 -14.85 1.38
C LEU V 327 -14.79 -15.71 2.28
N ILE V 328 -15.60 -16.57 1.65
CA ILE V 328 -16.42 -17.51 2.40
C ILE V 328 -15.55 -18.73 2.67
N ARG V 329 -15.13 -18.89 3.92
CA ARG V 329 -14.03 -19.77 4.27
C ARG V 329 -14.43 -20.93 5.17
N THR V 330 -15.44 -20.76 6.01
CA THR V 330 -15.89 -21.82 6.91
C THR V 330 -17.34 -22.21 6.63
N GLN V 331 -17.76 -23.26 7.32
CA GLN V 331 -19.11 -23.80 7.17
C GLN V 331 -20.16 -22.88 7.78
N LYS V 332 -19.83 -22.17 8.85
CA LYS V 332 -20.80 -21.31 9.51
C LYS V 332 -21.34 -20.25 8.56
N GLU V 333 -20.47 -19.63 7.76
CA GLU V 333 -20.96 -18.61 6.85
C GLU V 333 -21.78 -19.22 5.74
N LEU V 334 -21.39 -20.42 5.29
CA LEU V 334 -22.23 -21.13 4.34
C LEU V 334 -23.64 -21.27 4.87
N SER V 335 -23.77 -21.79 6.10
CA SER V 335 -25.09 -22.06 6.64
C SER V 335 -25.88 -20.77 6.86
N GLU V 336 -25.21 -19.71 7.30
CA GLU V 336 -25.88 -18.41 7.44
C GLU V 336 -26.41 -17.91 6.10
N LYS V 337 -25.58 -17.95 5.06
CA LYS V 337 -26.04 -17.57 3.72
C LYS V 337 -27.23 -18.41 3.30
N ILE V 338 -27.19 -19.71 3.62
CA ILE V 338 -28.28 -20.60 3.25
C ILE V 338 -29.56 -20.18 3.95
N GLN V 339 -29.47 -19.83 5.23
CA GLN V 339 -30.64 -19.38 5.96
C GLN V 339 -31.17 -18.06 5.41
N LEU V 340 -30.26 -17.14 5.06
CA LEU V 340 -30.68 -15.91 4.39
C LEU V 340 -31.48 -16.20 3.13
N LEU V 341 -30.97 -17.09 2.28
CA LEU V 341 -31.65 -17.41 1.05
C LEU V 341 -33.00 -18.06 1.33
N GLU V 342 -33.05 -18.87 2.38
CA GLU V 342 -34.30 -19.48 2.79
C GLU V 342 -35.30 -18.42 3.21
N ALA V 343 -34.85 -17.42 3.96
CA ALA V 343 -35.75 -16.33 4.35
C ALA V 343 -36.24 -15.58 3.13
N LEU V 344 -35.38 -15.41 2.13
CA LEU V 344 -35.81 -14.78 0.88
C LEU V 344 -36.93 -15.59 0.23
N GLY V 345 -36.73 -16.89 0.12
CA GLY V 345 -37.77 -17.75 -0.44
C GLY V 345 -39.05 -17.69 0.37
N ASP V 346 -38.91 -17.62 1.70
CA ASP V 346 -40.08 -17.55 2.57
C ASP V 346 -40.88 -16.28 2.31
N ILE V 347 -40.19 -15.15 2.21
CA ILE V 347 -40.87 -13.90 1.90
C ILE V 347 -41.56 -13.99 0.54
N GLU V 348 -40.89 -14.57 -0.46
CA GLU V 348 -41.49 -14.73 -1.77
C GLU V 348 -42.79 -15.53 -1.69
N ILE V 349 -42.76 -16.66 -0.99
CA ILE V 349 -43.96 -17.48 -0.91
C ILE V 349 -45.04 -16.79 -0.08
N ALA V 350 -44.65 -15.99 0.91
CA ALA V 350 -45.64 -15.30 1.72
C ALA V 350 -46.36 -14.24 0.90
N ILE V 351 -45.63 -13.51 0.06
CA ILE V 351 -46.30 -12.50 -0.75
C ILE V 351 -47.13 -13.16 -1.85
N LYS V 352 -46.66 -14.29 -2.40
CA LYS V 352 -47.48 -15.02 -3.36
C LYS V 352 -48.79 -15.49 -2.74
N LEU V 353 -48.76 -15.92 -1.48
CA LEU V 353 -49.96 -16.48 -0.86
C LEU V 353 -50.97 -15.41 -0.48
N VAL V 354 -50.51 -14.21 -0.13
CA VAL V 354 -51.37 -13.15 0.41
C VAL V 354 -52.08 -12.39 -0.70
N LYS V 355 -52.05 -12.92 -1.92
CA LYS V 355 -52.74 -12.28 -3.03
C LYS V 355 -54.22 -12.13 -2.71
N THR V 356 -54.71 -10.90 -2.78
CA THR V 356 -56.09 -10.58 -2.47
C THR V 356 -57.03 -11.03 -3.58
N GLU V 357 -58.32 -11.13 -3.24
CA GLU V 357 -59.30 -11.68 -4.18
C GLU V 357 -60.62 -10.93 -4.07
N LEU V 358 -61.29 -10.84 -5.22
CA LEU V 358 -62.61 -10.25 -5.42
C LEU V 358 -63.69 -11.33 -5.42
N GLN V 359 -64.79 -11.05 -6.11
CA GLN V 359 -65.93 -11.95 -6.31
C GLN V 359 -66.84 -12.10 -5.09
N SER V 360 -67.19 -10.99 -4.47
CA SER V 360 -68.11 -10.94 -3.34
C SER V 360 -67.64 -11.79 -2.17
N PRO V 361 -66.53 -11.44 -1.54
CA PRO V 361 -66.05 -12.24 -0.42
C PRO V 361 -66.63 -11.78 0.91
N GLU V 362 -66.98 -10.49 0.97
CA GLU V 362 -67.58 -9.86 2.14
C GLU V 362 -66.66 -9.97 3.35
N HIS V 363 -65.58 -10.72 3.20
CA HIS V 363 -64.48 -10.91 4.13
C HIS V 363 -63.38 -11.58 3.33
N PRO V 364 -62.51 -10.82 2.66
CA PRO V 364 -61.52 -11.44 1.75
C PRO V 364 -60.69 -12.50 2.44
N LEU V 365 -60.45 -12.33 3.74
CA LEU V 365 -59.78 -13.35 4.53
C LEU V 365 -60.45 -14.71 4.41
N ASP V 366 -61.73 -14.79 4.04
CA ASP V 366 -62.32 -16.11 3.87
C ASP V 366 -61.75 -16.81 2.64
N GLN V 367 -61.47 -16.04 1.59
CA GLN V 367 -60.79 -16.60 0.44
C GLN V 367 -59.33 -16.90 0.77
N HIS V 368 -58.67 -15.99 1.49
CA HIS V 368 -57.34 -16.30 2.00
C HIS V 368 -57.36 -17.61 2.79
N TYR V 369 -58.42 -17.83 3.56
CA TYR V 369 -58.56 -19.06 4.34
C TYR V 369 -58.69 -20.26 3.43
N ARG V 370 -59.52 -20.16 2.39
CA ARG V 370 -59.55 -21.21 1.38
C ARG V 370 -58.15 -21.46 0.85
N ASN V 371 -57.39 -20.39 0.58
CA ASN V 371 -56.02 -20.55 0.13
C ASN V 371 -55.18 -21.29 1.15
N LEU V 372 -55.55 -21.19 2.43
CA LEU V 372 -54.89 -22.04 3.42
C LEU V 372 -55.28 -23.49 3.19
N HIS V 373 -56.54 -23.72 2.80
CA HIS V 373 -57.08 -25.03 2.49
C HIS V 373 -56.77 -26.02 3.62
N CYS V 374 -56.97 -25.55 4.84
CA CYS V 374 -56.59 -26.29 6.03
C CYS V 374 -57.56 -25.92 7.14
N ALA V 375 -58.35 -26.89 7.59
CA ALA V 375 -59.33 -26.60 8.64
C ALA V 375 -58.60 -26.28 9.93
N LEU V 376 -58.97 -25.16 10.55
CA LEU V 376 -58.37 -24.72 11.81
C LEU V 376 -59.50 -24.38 12.78
N ARG V 377 -59.68 -25.22 13.78
CA ARG V 377 -60.87 -25.14 14.61
C ARG V 377 -60.54 -24.66 16.02
N PRO V 378 -61.36 -23.79 16.60
CA PRO V 378 -61.07 -23.29 17.95
C PRO V 378 -61.32 -24.37 18.99
N LEU V 379 -60.42 -24.46 19.96
CA LEU V 379 -60.55 -25.39 21.07
C LEU V 379 -60.92 -24.64 22.35
N ASP V 380 -61.72 -25.29 23.20
CA ASP V 380 -62.07 -24.71 24.49
C ASP V 380 -60.89 -24.85 25.46
N HIS V 381 -60.74 -23.85 26.33
CA HIS V 381 -59.64 -23.86 27.28
C HIS V 381 -59.74 -25.01 28.28
N GLU V 382 -60.95 -25.49 28.54
CA GLU V 382 -61.17 -26.53 29.54
C GLU V 382 -61.07 -27.95 28.96
N SER V 383 -60.96 -28.10 27.65
CA SER V 383 -60.85 -29.43 27.08
C SER V 383 -59.55 -30.08 27.53
N TYR V 384 -59.59 -31.41 27.67
CA TYR V 384 -58.40 -32.18 27.99
C TYR V 384 -57.24 -31.81 27.07
N GLU V 385 -57.52 -31.68 25.78
CA GLU V 385 -56.45 -31.40 24.82
C GLU V 385 -55.78 -30.07 25.12
N PHE V 386 -56.58 -29.05 25.45
CA PHE V 386 -56.02 -27.73 25.72
C PHE V 386 -55.14 -27.74 26.96
N LYS V 387 -55.65 -28.32 28.05
CA LYS V 387 -54.87 -28.42 29.28
C LYS V 387 -53.60 -29.23 29.09
N VAL V 388 -53.69 -30.40 28.46
CA VAL V 388 -52.50 -31.21 28.25
C VAL V 388 -51.48 -30.48 27.38
N ILE V 389 -51.93 -29.80 26.32
CA ILE V 389 -50.98 -29.03 25.51
C ILE V 389 -50.31 -27.96 26.34
N SER V 390 -51.06 -27.27 27.21
CA SER V 390 -50.46 -26.29 28.09
C SER V 390 -49.42 -26.93 29.02
N GLN V 391 -49.76 -28.11 29.56
CA GLN V 391 -48.80 -28.85 30.38
C GLN V 391 -47.52 -29.15 29.61
N TYR V 392 -47.66 -29.57 28.36
CA TYR V 392 -46.50 -29.91 27.54
C TYR V 392 -45.66 -28.67 27.26
N LEU V 393 -46.33 -27.56 26.92
CA LEU V 393 -45.64 -26.29 26.72
C LEU V 393 -44.83 -25.91 27.96
N GLN V 394 -45.46 -25.96 29.13
CA GLN V 394 -44.82 -25.42 30.33
C GLN V 394 -43.71 -26.36 30.84
N SER V 395 -44.03 -27.65 30.97
CA SER V 395 -43.08 -28.63 31.49
C SER V 395 -41.80 -28.72 30.68
N THR V 396 -41.83 -28.35 29.40
CA THR V 396 -40.66 -28.48 28.53
C THR V 396 -40.00 -27.15 28.20
N HIS V 397 -40.20 -26.12 29.02
CA HIS V 397 -39.42 -24.90 28.87
C HIS V 397 -38.00 -25.13 29.39
N ALA V 398 -37.05 -25.25 28.47
CA ALA V 398 -35.65 -25.40 28.83
C ALA V 398 -35.24 -24.34 29.85
N PRO V 399 -34.41 -24.69 30.83
CA PRO V 399 -34.00 -23.71 31.84
C PRO V 399 -33.01 -22.68 31.34
N THR V 400 -32.27 -22.96 30.26
CA THR V 400 -31.29 -22.04 29.73
C THR V 400 -31.87 -21.07 28.71
N HIS V 401 -33.19 -20.95 28.65
CA HIS V 401 -33.83 -19.94 27.79
C HIS V 401 -34.75 -19.11 28.68
N SER V 402 -34.19 -18.59 29.77
CA SER V 402 -34.95 -18.01 30.86
C SER V 402 -35.15 -16.50 30.71
N ASP V 403 -34.68 -15.90 29.63
CA ASP V 403 -34.91 -14.48 29.41
C ASP V 403 -36.38 -14.14 29.17
N TYR V 404 -37.23 -15.14 28.96
CA TYR V 404 -38.65 -14.88 28.75
C TYR V 404 -39.45 -16.10 29.19
N THR V 405 -40.73 -15.88 29.43
CA THR V 405 -41.68 -16.97 29.57
C THR V 405 -42.60 -17.02 28.37
N MET V 406 -43.49 -18.01 28.37
CA MET V 406 -44.49 -18.17 27.33
C MET V 406 -45.80 -18.58 27.98
N THR V 407 -46.90 -17.97 27.54
CA THR V 407 -48.23 -18.35 27.96
C THR V 407 -49.03 -18.85 26.77
N LEU V 408 -49.77 -19.93 26.96
CA LEU V 408 -50.67 -20.44 25.94
C LEU V 408 -51.96 -19.63 25.97
N LEU V 409 -52.17 -18.77 24.97
CA LEU V 409 -53.39 -18.00 24.91
C LEU V 409 -54.54 -18.77 24.29
N ASP V 410 -54.27 -19.48 23.20
CA ASP V 410 -55.31 -20.21 22.49
C ASP V 410 -54.68 -21.34 21.70
N LEU V 411 -55.49 -22.33 21.37
CA LEU V 411 -55.01 -23.54 20.71
C LEU V 411 -56.01 -23.94 19.65
N PHE V 412 -55.53 -24.22 18.45
CA PHE V 412 -56.37 -24.51 17.30
C PHE V 412 -56.06 -25.89 16.75
N GLU V 413 -57.12 -26.58 16.34
CA GLU V 413 -57.01 -27.89 15.75
C GLU V 413 -56.73 -27.78 14.25
N VAL V 414 -55.85 -28.64 13.76
CA VAL V 414 -55.32 -28.56 12.41
C VAL V 414 -55.81 -29.78 11.64
N GLU V 415 -56.35 -29.55 10.44
CA GLU V 415 -56.73 -30.63 9.55
C GLU V 415 -56.32 -30.24 8.13
N LYS V 416 -55.13 -30.67 7.72
CA LYS V 416 -54.58 -30.30 6.42
C LYS V 416 -54.91 -31.39 5.41
N ASP V 417 -55.53 -31.01 4.31
CA ASP V 417 -56.00 -31.96 3.31
C ASP V 417 -54.83 -32.69 2.66
N GLY V 418 -55.04 -33.99 2.39
CA GLY V 418 -54.07 -34.84 1.74
C GLY V 418 -53.02 -35.44 2.64
N GLU V 419 -52.84 -34.90 3.85
CA GLU V 419 -51.78 -35.42 4.72
C GLU V 419 -52.14 -36.79 5.28
N LYS V 420 -53.43 -37.01 5.56
CA LYS V 420 -53.86 -38.27 6.15
C LYS V 420 -53.39 -39.47 5.35
N GLU V 421 -53.63 -39.45 4.04
CA GLU V 421 -53.22 -40.58 3.19
C GLU V 421 -51.71 -40.77 3.22
N ALA V 422 -50.95 -39.70 3.43
CA ALA V 422 -49.50 -39.76 3.31
C ALA V 422 -48.82 -40.25 4.58
N PHE V 423 -49.45 -40.12 5.74
CA PHE V 423 -48.78 -40.44 6.99
C PHE V 423 -48.32 -41.89 7.02
N ARG V 424 -47.07 -42.11 7.46
CA ARG V 424 -46.52 -43.45 7.66
C ARG V 424 -47.04 -44.03 8.98
N GLU V 425 -48.35 -44.32 8.98
CA GLU V 425 -48.98 -44.92 10.16
C GLU V 425 -48.33 -46.25 10.54
N ASP V 426 -47.81 -46.98 9.55
CA ASP V 426 -47.19 -48.27 9.84
C ASP V 426 -45.97 -48.15 10.73
N LEU V 427 -45.30 -46.99 10.72
CA LEU V 427 -44.04 -46.88 11.42
C LEU V 427 -44.28 -46.58 12.90
N HIS V 428 -43.48 -47.22 13.75
CA HIS V 428 -43.59 -47.06 15.19
C HIS V 428 -42.92 -45.76 15.64
N ASN V 429 -42.91 -45.55 16.96
CA ASN V 429 -42.23 -44.41 17.59
C ASN V 429 -42.83 -43.07 17.13
N ARG V 430 -44.14 -42.94 17.29
CA ARG V 430 -44.85 -41.74 16.86
C ARG V 430 -44.93 -40.73 18.01
N MET V 431 -44.39 -39.53 17.80
CA MET V 431 -44.38 -38.52 18.86
C MET V 431 -44.79 -37.15 18.31
N LEU V 432 -45.22 -36.28 19.23
CA LEU V 432 -45.63 -34.92 18.89
C LEU V 432 -44.47 -33.97 19.17
N LEU V 433 -44.04 -33.26 18.13
CA LEU V 433 -42.82 -32.47 18.21
C LEU V 433 -43.10 -31.06 17.71
N TRP V 434 -42.31 -30.12 18.23
CA TRP V 434 -42.49 -28.70 17.97
C TRP V 434 -41.86 -28.27 16.65
N HIS V 435 -42.36 -27.16 16.13
CA HIS V 435 -41.77 -26.48 14.99
C HIS V 435 -42.15 -25.01 15.07
N GLY V 436 -41.15 -24.14 15.20
CA GLY V 436 -41.34 -22.72 15.33
C GLY V 436 -40.86 -21.96 14.12
N SER V 437 -41.45 -20.80 13.87
CA SER V 437 -41.09 -19.92 12.78
C SER V 437 -41.78 -18.58 13.02
N ARG V 438 -41.28 -17.55 12.34
CA ARG V 438 -41.82 -16.22 12.51
C ARG V 438 -43.30 -16.15 12.16
N MET V 439 -43.99 -15.25 12.85
CA MET V 439 -45.43 -15.05 12.71
C MET V 439 -45.89 -14.96 11.26
N SER V 440 -45.05 -14.43 10.37
CA SER V 440 -45.53 -14.09 9.02
C SER V 440 -45.50 -15.28 8.06
N ASN V 441 -44.47 -16.12 8.14
CA ASN V 441 -44.35 -17.19 7.15
C ASN V 441 -45.32 -18.36 7.39
N TRP V 442 -46.03 -18.39 8.52
CA TRP V 442 -46.87 -19.56 8.82
C TRP V 442 -47.94 -19.73 7.76
N VAL V 443 -48.35 -18.63 7.11
CA VAL V 443 -49.35 -18.70 6.06
C VAL V 443 -48.94 -19.72 5.01
N GLY V 444 -47.65 -19.80 4.71
CA GLY V 444 -47.22 -20.74 3.70
C GLY V 444 -47.35 -22.18 4.16
N ILE V 445 -46.95 -22.46 5.41
CA ILE V 445 -46.96 -23.84 5.89
C ILE V 445 -48.38 -24.37 5.89
N LEU V 446 -49.31 -23.57 6.39
CA LEU V 446 -50.69 -24.05 6.51
C LEU V 446 -51.30 -24.29 5.14
N SER V 447 -50.78 -23.63 4.12
CA SER V 447 -51.27 -23.91 2.78
C SER V 447 -50.54 -25.06 2.11
N HIS V 448 -49.23 -25.24 2.39
CA HIS V 448 -48.47 -26.22 1.65
C HIS V 448 -47.78 -27.30 2.47
N GLY V 449 -47.78 -27.20 3.80
CA GLY V 449 -46.99 -28.11 4.60
C GLY V 449 -45.49 -27.90 4.57
N LEU V 450 -44.78 -28.63 5.42
CA LEU V 450 -43.33 -28.48 5.53
C LEU V 450 -42.60 -29.20 4.40
N ARG V 451 -41.52 -28.60 3.93
CA ARG V 451 -40.75 -29.09 2.79
C ARG V 451 -39.32 -29.39 3.20
N ILE V 452 -38.74 -30.39 2.54
CA ILE V 452 -37.30 -30.62 2.63
C ILE V 452 -36.56 -29.46 1.98
N ALA V 453 -35.32 -29.24 2.44
CA ALA V 453 -34.47 -28.15 1.93
C ALA V 453 -34.36 -28.24 0.42
N PRO V 454 -34.05 -27.15 -0.31
CA PRO V 454 -33.93 -27.18 -1.77
C PRO V 454 -32.80 -28.14 -2.16
N PRO V 455 -33.05 -29.12 -3.06
CA PRO V 455 -32.02 -30.08 -3.48
C PRO V 455 -30.74 -29.37 -3.95
N GLU V 456 -30.90 -28.34 -4.79
CA GLU V 456 -29.75 -27.56 -5.32
C GLU V 456 -28.98 -26.92 -4.16
N ALA V 457 -29.56 -26.89 -2.95
CA ALA V 457 -28.87 -26.29 -1.82
C ALA V 457 -27.69 -27.16 -1.38
N PRO V 458 -26.58 -26.54 -0.98
CA PRO V 458 -25.41 -27.32 -0.56
C PRO V 458 -25.68 -28.16 0.66
N ILE V 459 -25.27 -29.43 0.60
CA ILE V 459 -25.53 -30.36 1.70
C ILE V 459 -24.75 -29.94 2.94
N THR V 460 -23.56 -29.38 2.77
CA THR V 460 -22.63 -29.17 3.89
C THR V 460 -23.06 -28.06 4.83
N GLY V 461 -24.14 -27.34 4.52
CA GLY V 461 -24.66 -26.35 5.44
C GLY V 461 -25.41 -26.96 6.60
N TYR V 462 -25.99 -28.14 6.41
CA TYR V 462 -26.77 -28.84 7.42
C TYR V 462 -25.89 -29.92 8.06
N MET V 463 -25.32 -29.60 9.23
CA MET V 463 -24.40 -30.49 9.94
C MET V 463 -24.92 -31.92 10.10
N PHE V 464 -26.23 -32.13 10.02
CA PHE V 464 -26.75 -33.49 9.95
C PHE V 464 -27.72 -33.67 8.79
N GLY V 465 -27.53 -32.95 7.70
CA GLY V 465 -28.30 -33.22 6.50
C GLY V 465 -29.57 -32.43 6.37
N LYS V 466 -30.28 -32.71 5.29
CA LYS V 466 -31.48 -31.98 4.92
C LYS V 466 -32.68 -32.62 5.60
N GLY V 467 -33.88 -32.23 5.20
CA GLY V 467 -35.08 -32.81 5.74
C GLY V 467 -35.88 -31.84 6.59
N ILE V 468 -36.74 -32.41 7.42
CA ILE V 468 -37.59 -31.65 8.32
C ILE V 468 -37.09 -31.82 9.74
N TYR V 469 -37.06 -30.71 10.48
CA TYR V 469 -36.41 -30.61 11.79
C TYR V 469 -37.47 -30.43 12.87
N PHE V 470 -37.38 -31.23 13.94
CA PHE V 470 -38.31 -31.04 15.04
C PHE V 470 -37.58 -31.16 16.37
N ALA V 471 -38.11 -30.45 17.36
CA ALA V 471 -37.72 -30.62 18.75
C ALA V 471 -38.90 -31.13 19.58
N ASP V 472 -38.57 -31.70 20.73
CA ASP V 472 -39.52 -32.06 21.76
C ASP V 472 -39.45 -31.16 22.98
N MET V 473 -38.58 -30.16 22.97
CA MET V 473 -38.51 -29.16 24.03
C MET V 473 -39.01 -27.84 23.46
N SER V 474 -40.06 -27.31 24.08
CA SER V 474 -40.78 -26.17 23.51
C SER V 474 -39.86 -24.97 23.28
N SER V 475 -38.99 -24.65 24.24
CA SER V 475 -38.21 -23.43 24.12
C SER V 475 -37.15 -23.49 23.05
N LYS V 476 -36.59 -24.68 22.77
CA LYS V 476 -35.56 -24.75 21.74
C LYS V 476 -36.13 -24.43 20.36
N SER V 477 -37.20 -25.10 19.97
CA SER V 477 -37.89 -24.71 18.74
C SER V 477 -38.44 -23.29 18.84
N ALA V 478 -38.99 -22.92 20.00
CA ALA V 478 -39.59 -21.60 20.18
C ALA V 478 -38.60 -20.49 19.92
N ASN V 479 -37.31 -20.77 20.04
CA ASN V 479 -36.33 -19.73 19.77
C ASN V 479 -36.39 -19.28 18.33
N TYR V 480 -36.98 -20.08 17.44
CA TYR V 480 -37.04 -19.77 16.03
C TYR V 480 -38.26 -18.91 15.68
N CYS V 481 -38.99 -18.44 16.69
CA CYS V 481 -40.12 -17.55 16.44
C CYS V 481 -39.74 -16.09 16.32
N PHE V 482 -38.62 -15.67 16.92
CA PHE V 482 -38.19 -14.27 16.92
C PHE V 482 -39.30 -13.30 17.36
N ALA V 483 -40.08 -13.69 18.37
CA ALA V 483 -41.04 -12.74 18.93
C ALA V 483 -40.29 -11.62 19.65
N SER V 484 -41.01 -10.55 19.96
CA SER V 484 -40.38 -9.33 20.45
C SER V 484 -41.18 -8.74 21.60
N ARG V 485 -40.57 -7.76 22.26
CA ARG V 485 -41.27 -7.11 23.37
C ARG V 485 -42.42 -6.27 22.83
N LEU V 486 -42.19 -5.53 21.76
CA LEU V 486 -43.22 -4.71 21.13
C LEU V 486 -44.24 -5.59 20.42
N LYS V 487 -43.77 -6.65 19.77
CA LYS V 487 -44.59 -7.61 19.03
C LYS V 487 -44.47 -8.94 19.77
N ASN V 488 -45.34 -9.12 20.76
CA ASN V 488 -45.29 -10.22 21.72
C ASN V 488 -46.04 -11.48 21.30
N THR V 489 -46.57 -11.55 20.08
CA THR V 489 -47.31 -12.73 19.65
C THR V 489 -46.47 -13.62 18.75
N GLY V 490 -46.35 -14.90 19.14
CA GLY V 490 -45.72 -15.90 18.31
C GLY V 490 -46.54 -17.17 18.25
N LEU V 491 -46.24 -18.00 17.25
CA LEU V 491 -46.87 -19.31 17.11
C LEU V 491 -45.84 -20.43 17.20
N LEU V 492 -46.25 -21.52 17.84
CA LEU V 492 -45.55 -22.80 17.77
C LEU V 492 -46.51 -23.83 17.19
N LEU V 493 -46.05 -24.62 16.23
CA LEU V 493 -46.85 -25.69 15.65
C LEU V 493 -46.43 -27.03 16.25
N LEU V 494 -47.40 -27.87 16.58
CA LEU V 494 -47.13 -29.24 16.97
C LEU V 494 -47.52 -30.19 15.84
N SER V 495 -46.63 -31.13 15.53
CA SER V 495 -46.90 -32.12 14.50
C SER V 495 -46.64 -33.51 15.05
N GLU V 496 -47.46 -34.47 14.62
CA GLU V 496 -47.17 -35.87 14.87
C GLU V 496 -46.18 -36.38 13.83
N VAL V 497 -45.03 -36.85 14.30
CA VAL V 497 -43.94 -37.31 13.45
C VAL V 497 -43.65 -38.76 13.82
N ALA V 498 -43.75 -39.63 12.83
CA ALA V 498 -43.42 -41.05 12.96
C ALA V 498 -41.91 -41.20 12.74
N LEU V 499 -41.15 -41.14 13.83
CA LEU V 499 -39.70 -41.20 13.71
C LEU V 499 -39.22 -42.61 13.35
N GLY V 500 -39.99 -43.63 13.71
CA GLY V 500 -39.51 -44.98 13.49
C GLY V 500 -38.24 -45.24 14.26
N GLN V 501 -37.34 -46.02 13.66
CA GLN V 501 -36.04 -46.26 14.27
C GLN V 501 -35.10 -45.09 13.99
N CYS V 502 -34.60 -44.48 15.06
CA CYS V 502 -33.67 -43.37 14.95
C CYS V 502 -32.24 -43.88 14.79
N ASN V 503 -31.47 -43.16 13.97
CA ASN V 503 -30.02 -43.34 13.96
C ASN V 503 -29.37 -42.39 14.95
N GLU V 504 -28.44 -42.92 15.74
CA GLU V 504 -27.87 -42.21 16.88
C GLU V 504 -26.63 -41.45 16.41
N LEU V 505 -26.57 -40.15 16.71
CA LEU V 505 -25.40 -39.38 16.31
C LEU V 505 -24.82 -38.66 17.52
N LEU V 506 -23.54 -38.89 17.78
CA LEU V 506 -22.81 -38.23 18.85
C LEU V 506 -22.20 -36.90 18.40
N GLU V 507 -21.59 -36.90 17.22
CA GLU V 507 -20.82 -35.76 16.73
C GLU V 507 -21.35 -35.38 15.36
N ALA V 508 -21.27 -34.07 15.05
CA ALA V 508 -21.65 -33.58 13.75
C ALA V 508 -21.05 -34.45 12.64
N ASN V 509 -21.91 -34.84 11.70
CA ASN V 509 -21.48 -35.47 10.46
C ASN V 509 -22.53 -35.19 9.40
N PRO V 510 -22.31 -34.20 8.53
CA PRO V 510 -23.32 -33.83 7.53
C PRO V 510 -23.82 -34.96 6.64
N LYS V 511 -23.17 -36.12 6.69
CA LYS V 511 -23.48 -37.24 5.83
C LYS V 511 -24.40 -38.27 6.49
N ALA V 512 -25.05 -37.89 7.59
CA ALA V 512 -25.96 -38.80 8.32
C ALA V 512 -26.93 -39.55 7.42
N GLU V 513 -27.31 -38.97 6.28
CA GLU V 513 -28.37 -39.58 5.48
C GLU V 513 -27.94 -40.91 4.88
N GLY V 514 -26.65 -41.07 4.55
CA GLY V 514 -26.19 -42.34 4.05
C GLY V 514 -26.17 -43.42 5.11
N LEU V 515 -25.96 -43.02 6.36
CA LEU V 515 -25.88 -43.95 7.47
C LEU V 515 -27.22 -44.53 7.90
N LEU V 516 -28.34 -44.12 7.29
CA LEU V 516 -29.63 -44.59 7.77
C LEU V 516 -29.74 -46.11 7.66
N GLN V 517 -29.52 -46.63 6.46
CA GLN V 517 -29.59 -48.06 6.19
C GLN V 517 -30.76 -48.75 6.90
N GLY V 518 -31.99 -48.44 6.49
CA GLY V 518 -33.18 -49.01 7.07
C GLY V 518 -33.86 -48.16 8.12
N LYS V 519 -33.13 -47.29 8.80
CA LYS V 519 -33.78 -46.39 9.74
C LYS V 519 -34.55 -45.31 8.98
N HIS V 520 -35.38 -44.57 9.71
CA HIS V 520 -36.31 -43.61 9.11
C HIS V 520 -36.12 -42.19 9.61
N SER V 521 -35.25 -41.96 10.59
CA SER V 521 -35.02 -40.62 11.10
C SER V 521 -33.68 -40.60 11.83
N THR V 522 -33.17 -39.41 12.07
CA THR V 522 -31.94 -39.23 12.81
C THR V 522 -32.20 -38.53 14.14
N LYS V 523 -31.51 -38.98 15.17
CA LYS V 523 -31.52 -38.37 16.49
C LYS V 523 -30.13 -37.82 16.81
N GLY V 524 -30.07 -36.53 17.13
CA GLY V 524 -28.86 -35.91 17.61
C GLY V 524 -28.92 -35.88 19.12
N LEU V 525 -27.93 -36.48 19.75
CA LEU V 525 -27.97 -36.85 21.17
C LEU V 525 -27.50 -35.67 22.02
N GLY V 526 -28.46 -34.97 22.62
CA GLY V 526 -28.17 -33.84 23.46
C GLY V 526 -27.93 -34.18 24.92
N LYS V 527 -27.15 -33.32 25.58
CA LYS V 527 -26.87 -33.50 27.00
C LYS V 527 -28.14 -33.53 27.84
N MET V 528 -29.07 -32.61 27.59
CA MET V 528 -30.26 -32.49 28.41
C MET V 528 -31.52 -32.84 27.62
N ALA V 529 -32.42 -33.61 28.24
CA ALA V 529 -33.57 -34.18 27.53
C ALA V 529 -34.49 -34.96 28.45
N PRO V 530 -35.79 -35.03 28.13
CA PRO V 530 -36.70 -35.87 28.90
C PRO V 530 -36.43 -37.35 28.69
N SER V 531 -36.74 -38.14 29.73
CA SER V 531 -36.63 -39.59 29.68
C SER V 531 -38.02 -40.19 29.54
N SER V 532 -38.11 -41.27 28.75
CA SER V 532 -39.39 -41.86 28.37
C SER V 532 -40.26 -42.27 29.55
N ALA V 533 -39.70 -42.36 30.76
CA ALA V 533 -40.50 -42.75 31.92
C ALA V 533 -41.65 -41.78 32.17
N HIS V 534 -41.48 -40.51 31.80
CA HIS V 534 -42.51 -39.51 32.04
C HIS V 534 -43.45 -39.33 30.86
N PHE V 535 -43.30 -40.13 29.81
CA PHE V 535 -44.05 -39.90 28.59
C PHE V 535 -45.51 -40.24 28.79
N VAL V 536 -46.39 -39.44 28.18
CA VAL V 536 -47.82 -39.69 28.24
C VAL V 536 -48.35 -39.90 26.84
N THR V 537 -49.67 -40.00 26.67
CA THR V 537 -50.23 -40.24 25.37
C THR V 537 -51.38 -39.27 25.08
N LEU V 538 -51.52 -38.94 23.80
CA LEU V 538 -52.58 -38.06 23.30
C LEU V 538 -53.06 -38.63 21.97
N ASN V 539 -54.28 -39.16 21.94
CA ASN V 539 -54.86 -39.71 20.73
C ASN V 539 -53.96 -40.79 20.12
N GLY V 540 -53.36 -41.60 20.98
CA GLY V 540 -52.45 -42.65 20.55
C GLY V 540 -51.10 -42.21 20.05
N SER V 541 -50.78 -40.92 20.12
CA SER V 541 -49.42 -40.44 19.90
C SER V 541 -48.70 -40.20 21.23
N THR V 542 -47.39 -40.46 21.22
CA THR V 542 -46.57 -40.24 22.42
C THR V 542 -46.28 -38.75 22.62
N VAL V 543 -46.55 -38.26 23.83
CA VAL V 543 -46.33 -36.89 24.24
C VAL V 543 -45.15 -36.87 25.22
N PRO V 544 -43.98 -36.39 24.82
CA PRO V 544 -42.77 -36.45 25.66
C PRO V 544 -42.63 -35.33 26.69
N LEU V 545 -43.36 -35.46 27.80
CA LEU V 545 -43.33 -34.46 28.85
C LEU V 545 -41.94 -34.36 29.48
N GLY V 546 -41.64 -33.18 30.03
CA GLY V 546 -40.41 -32.94 30.73
C GLY V 546 -40.60 -33.22 32.20
N PRO V 547 -39.73 -32.67 33.07
CA PRO V 547 -38.60 -31.76 32.84
C PRO V 547 -37.41 -32.44 32.16
N ALA V 548 -36.51 -31.65 31.59
CA ALA V 548 -35.26 -32.21 31.10
C ALA V 548 -34.39 -32.69 32.25
N SER V 549 -33.68 -33.78 32.00
CA SER V 549 -32.76 -34.35 32.96
C SER V 549 -31.57 -34.94 32.22
N ASP V 550 -30.53 -35.28 32.96
CA ASP V 550 -29.33 -35.79 32.34
C ASP V 550 -29.60 -37.16 31.75
N THR V 551 -29.05 -37.41 30.57
CA THR V 551 -29.32 -38.62 29.83
C THR V 551 -28.17 -39.60 29.84
N GLY V 552 -27.07 -39.25 30.51
CA GLY V 552 -25.89 -40.09 30.56
C GLY V 552 -25.20 -40.35 29.24
N ILE V 553 -25.50 -39.57 28.21
CA ILE V 553 -24.70 -39.57 26.98
C ILE V 553 -23.63 -38.52 27.11
N LEU V 554 -22.39 -38.89 26.80
CA LEU V 554 -21.23 -38.02 26.93
C LEU V 554 -20.22 -38.42 25.87
N ASN V 555 -19.21 -37.56 25.68
CA ASN V 555 -18.23 -37.76 24.63
C ASN V 555 -16.82 -37.65 25.19
N PRO V 556 -16.08 -38.75 25.26
CA PRO V 556 -14.68 -38.69 25.73
C PRO V 556 -13.71 -38.38 24.60
N ASP V 557 -14.23 -37.93 23.46
CA ASP V 557 -13.40 -37.57 22.32
C ASP V 557 -13.58 -36.13 21.85
N GLY V 558 -14.80 -35.60 21.90
CA GLY V 558 -15.07 -34.28 21.40
C GLY V 558 -16.10 -33.55 22.24
N TYR V 559 -16.90 -32.70 21.62
CA TYR V 559 -17.90 -31.94 22.34
C TYR V 559 -19.12 -32.83 22.60
N THR V 560 -20.11 -32.28 23.28
CA THR V 560 -21.37 -32.95 23.51
C THR V 560 -22.50 -32.03 23.09
N LEU V 561 -23.44 -32.55 22.31
CA LEU V 561 -24.58 -31.75 21.88
C LEU V 561 -25.38 -31.29 23.09
N ASN V 562 -25.76 -30.03 23.09
CA ASN V 562 -26.49 -29.48 24.22
C ASN V 562 -27.85 -30.15 24.39
N TYR V 563 -28.60 -30.34 23.31
CA TYR V 563 -29.93 -30.90 23.42
C TYR V 563 -30.23 -31.79 22.23
N ASN V 564 -31.07 -32.79 22.45
CA ASN V 564 -31.43 -33.69 21.37
C ASN V 564 -32.16 -32.91 20.29
N GLU V 565 -32.14 -33.43 19.07
CA GLU V 565 -33.13 -33.00 18.11
C GLU V 565 -33.40 -34.15 17.14
N TYR V 566 -34.60 -34.16 16.56
CA TYR V 566 -34.98 -35.27 15.70
C TYR V 566 -35.30 -34.74 14.32
N ILE V 567 -34.81 -35.46 13.31
CA ILE V 567 -34.93 -35.03 11.93
C ILE V 567 -35.54 -36.17 11.14
N VAL V 568 -36.52 -35.86 10.31
CA VAL V 568 -37.13 -36.83 9.42
C VAL V 568 -36.87 -36.38 8.00
N TYR V 569 -37.01 -37.32 7.06
CA TYR V 569 -36.61 -37.09 5.69
C TYR V 569 -37.80 -37.21 4.74
N ASN V 570 -38.54 -38.29 4.82
CA ASN V 570 -39.75 -38.41 4.03
C ASN V 570 -40.76 -37.37 4.50
N PRO V 571 -41.22 -36.48 3.61
CA PRO V 571 -42.22 -35.50 4.04
C PRO V 571 -43.52 -36.13 4.50
N ASN V 572 -43.85 -37.31 3.97
CA ASN V 572 -45.05 -38.05 4.36
C ASN V 572 -45.06 -38.48 5.82
N GLN V 573 -43.96 -38.33 6.57
CA GLN V 573 -43.95 -38.75 7.96
C GLN V 573 -44.36 -37.65 8.94
N VAL V 574 -44.93 -36.54 8.47
CA VAL V 574 -45.32 -35.46 9.36
C VAL V 574 -46.79 -35.18 9.16
N ARG V 575 -47.51 -34.99 10.26
CA ARG V 575 -48.93 -34.65 10.20
C ARG V 575 -49.20 -33.57 11.23
N MET V 576 -49.42 -32.35 10.75
CA MET V 576 -49.63 -31.23 11.64
C MET V 576 -50.93 -31.44 12.41
N ARG V 577 -50.94 -31.07 13.67
CA ARG V 577 -52.14 -31.50 14.38
C ARG V 577 -52.79 -30.38 15.17
N TYR V 578 -52.00 -29.57 15.85
CA TYR V 578 -52.54 -28.39 16.53
C TYR V 578 -51.60 -27.22 16.30
N LEU V 579 -52.19 -26.04 16.22
CA LEU V 579 -51.45 -24.79 16.14
C LEU V 579 -51.66 -24.04 17.44
N LEU V 580 -50.56 -23.58 18.03
CA LEU V 580 -50.58 -22.98 19.35
C LEU V 580 -50.43 -21.48 19.21
N LYS V 581 -51.33 -20.73 19.83
CA LYS V 581 -51.21 -19.28 19.90
C LYS V 581 -50.57 -18.93 21.22
N VAL V 582 -49.42 -18.27 21.16
CA VAL V 582 -48.54 -18.15 22.32
C VAL V 582 -48.18 -16.69 22.52
N GLN V 583 -48.38 -16.20 23.74
CA GLN V 583 -47.88 -14.90 24.15
C GLN V 583 -46.49 -15.10 24.72
N PHE V 584 -45.48 -14.60 24.03
CA PHE V 584 -44.13 -14.58 24.60
C PHE V 584 -44.07 -13.38 25.53
N ASN V 585 -43.80 -13.61 26.80
CA ASN V 585 -43.76 -12.56 27.80
C ASN V 585 -42.32 -12.34 28.24
N PHE V 586 -41.74 -11.23 27.82
CA PHE V 586 -40.40 -10.85 28.22
C PHE V 586 -40.47 -10.11 29.55
N LEU V 587 -39.31 -9.86 30.13
CA LEU V 587 -39.21 -9.37 31.48
C LEU V 587 -38.35 -8.11 31.54
N GLN V 588 -38.01 -7.70 32.77
CA GLN V 588 -37.16 -6.55 33.02
C GLN V 588 -35.92 -6.57 32.12
N LEU V 589 -35.49 -5.38 31.71
CA LEU V 589 -34.41 -5.27 30.73
C LEU V 589 -33.15 -4.59 31.26
N TRP V 590 -33.16 -4.04 32.47
CA TRP V 590 -31.95 -3.38 32.98
C TRP V 590 -31.75 -3.55 34.48
N ALA W 99 -24.70 36.20 -18.34
CA ALA W 99 -25.10 35.11 -17.45
C ALA W 99 -26.40 34.44 -17.91
N PRO W 100 -26.42 33.91 -19.12
CA PRO W 100 -27.65 33.29 -19.64
C PRO W 100 -27.88 31.88 -19.12
N VAL W 101 -29.17 31.53 -19.02
CA VAL W 101 -29.53 30.15 -18.74
C VAL W 101 -28.91 29.26 -19.82
N ASP W 102 -28.31 28.16 -19.39
CA ASP W 102 -27.66 27.24 -20.32
C ASP W 102 -28.64 26.60 -21.29
N PRO W 103 -28.49 26.78 -22.59
CA PRO W 103 -29.34 26.06 -23.54
C PRO W 103 -29.10 24.56 -23.50
N GLU W 104 -27.92 24.13 -23.06
CA GLU W 104 -27.57 22.71 -22.99
C GLU W 104 -28.39 21.94 -21.97
N CYS W 105 -29.09 22.63 -21.07
CA CYS W 105 -29.99 21.97 -20.13
C CYS W 105 -31.34 21.72 -20.79
N THR W 106 -31.34 20.76 -21.72
CA THR W 106 -32.54 20.46 -22.49
C THR W 106 -33.70 20.09 -21.57
N ALA W 107 -33.41 19.42 -20.46
CA ALA W 107 -34.46 19.02 -19.53
C ALA W 107 -35.11 20.21 -18.84
N LYS W 108 -34.60 21.43 -19.02
CA LYS W 108 -35.17 22.57 -18.33
C LYS W 108 -35.32 23.82 -19.18
N VAL W 109 -34.78 23.87 -20.40
CA VAL W 109 -34.86 25.09 -21.19
C VAL W 109 -36.28 25.37 -21.63
N GLY W 110 -36.66 26.64 -21.63
CA GLY W 110 -37.93 27.09 -22.18
C GLY W 110 -38.99 27.46 -21.17
N LYS W 111 -39.04 26.77 -20.03
CA LYS W 111 -40.25 26.75 -19.21
C LYS W 111 -40.08 27.39 -17.83
N ALA W 112 -39.05 28.20 -17.63
CA ALA W 112 -38.80 28.73 -16.29
C ALA W 112 -37.83 29.89 -16.40
N HIS W 113 -37.77 30.69 -15.34
CA HIS W 113 -36.90 31.87 -15.30
C HIS W 113 -35.98 31.75 -14.10
N VAL W 114 -34.69 31.92 -14.33
CA VAL W 114 -33.69 31.83 -13.26
C VAL W 114 -33.90 32.92 -12.21
N TYR W 115 -33.74 32.53 -10.95
CA TYR W 115 -33.90 33.44 -9.82
C TYR W 115 -32.57 34.11 -9.45
N CYS W 116 -32.63 35.41 -9.17
CA CYS W 116 -31.49 36.20 -8.73
C CYS W 116 -32.00 37.23 -7.72
N GLU W 117 -31.06 37.90 -7.03
CA GLU W 117 -31.47 39.07 -6.25
C GLU W 117 -30.33 40.09 -6.19
N GLY W 118 -30.28 40.96 -7.19
CA GLY W 118 -29.31 42.04 -7.19
C GLY W 118 -27.89 41.50 -7.29
N ASN W 119 -27.06 41.88 -6.30
CA ASN W 119 -25.76 41.23 -6.13
C ASN W 119 -25.90 39.72 -6.16
N ASP W 120 -26.78 39.18 -5.33
CA ASP W 120 -26.86 37.73 -5.14
C ASP W 120 -27.57 37.18 -6.36
N VAL W 121 -26.80 36.68 -7.32
CA VAL W 121 -27.34 36.11 -8.54
C VAL W 121 -27.19 34.60 -8.47
N TYR W 122 -28.31 33.90 -8.36
CA TYR W 122 -28.26 32.44 -8.20
C TYR W 122 -28.19 31.74 -9.56
N ASP W 123 -27.22 32.21 -10.33
CA ASP W 123 -26.83 31.67 -11.62
C ASP W 123 -25.37 32.04 -11.77
N VAL W 124 -24.52 31.07 -12.08
CA VAL W 124 -23.10 31.36 -12.16
C VAL W 124 -22.31 30.25 -12.83
N MET W 125 -21.25 30.61 -13.53
CA MET W 125 -20.34 29.66 -14.16
C MET W 125 -18.96 29.87 -13.57
N LEU W 126 -18.34 28.81 -13.12
CA LEU W 126 -17.04 28.85 -12.50
C LEU W 126 -16.07 28.06 -13.36
N ASN W 127 -14.81 28.48 -13.38
CA ASN W 127 -13.77 27.80 -14.15
C ASN W 127 -12.53 27.63 -13.29
N GLN W 128 -11.83 26.52 -13.51
CA GLN W 128 -10.56 26.22 -12.85
C GLN W 128 -9.60 25.62 -13.86
N THR W 129 -8.57 26.38 -14.24
CA THR W 129 -7.47 25.89 -15.04
C THR W 129 -6.22 25.78 -14.19
N ASN W 130 -5.47 24.69 -14.40
CA ASN W 130 -4.28 24.39 -13.60
C ASN W 130 -3.42 23.45 -14.46
N LEU W 131 -2.49 24.04 -15.21
CA LEU W 131 -1.74 23.27 -16.19
C LEU W 131 -0.73 22.34 -15.55
N GLN W 132 -0.36 22.58 -14.29
CA GLN W 132 0.50 21.65 -13.57
C GLN W 132 -0.12 20.26 -13.50
N PHE W 133 -1.41 20.19 -13.18
CA PHE W 133 -2.11 18.92 -13.05
C PHE W 133 -3.02 18.62 -14.23
N ASN W 134 -2.95 19.42 -15.29
CA ASN W 134 -3.87 19.33 -16.43
C ASN W 134 -5.32 19.32 -15.98
N ASN W 135 -5.65 20.24 -15.09
CA ASN W 135 -7.03 20.50 -14.73
C ASN W 135 -7.54 21.62 -15.62
N ASN W 136 -8.69 21.41 -16.26
CA ASN W 136 -9.35 22.52 -16.95
C ASN W 136 -10.85 22.21 -16.96
N LYS W 137 -11.55 22.72 -15.94
CA LYS W 137 -12.91 22.27 -15.72
C LYS W 137 -13.80 23.45 -15.34
N TYR W 138 -15.06 23.35 -15.75
CA TYR W 138 -16.05 24.37 -15.46
C TYR W 138 -17.22 23.74 -14.71
N TYR W 139 -18.03 24.64 -14.13
CA TYR W 139 -19.15 24.26 -13.29
C TYR W 139 -20.18 25.38 -13.30
N LEU W 140 -21.32 25.13 -13.91
CA LEU W 140 -22.45 26.06 -13.90
C LEU W 140 -23.47 25.61 -12.86
N ILE W 141 -24.09 26.59 -12.20
CA ILE W 141 -25.15 26.36 -11.23
C ILE W 141 -26.28 27.34 -11.53
N GLN W 142 -27.52 26.85 -11.51
CA GLN W 142 -28.66 27.67 -11.89
C GLN W 142 -29.88 27.28 -11.07
N LEU W 143 -30.50 28.26 -10.42
CA LEU W 143 -31.79 28.06 -9.78
C LEU W 143 -32.93 28.47 -10.72
N LEU W 144 -33.93 27.61 -10.87
CA LEU W 144 -35.06 27.85 -11.74
C LEU W 144 -36.35 27.81 -10.93
N GLU W 145 -37.24 28.79 -11.15
CA GLU W 145 -38.55 28.85 -10.50
C GLU W 145 -39.69 28.46 -11.44
N ASP W 146 -40.64 27.69 -10.90
CA ASP W 146 -41.94 27.47 -11.52
C ASP W 146 -42.74 28.78 -11.57
N ASP W 147 -43.63 28.89 -12.56
CA ASP W 147 -44.52 30.04 -12.59
C ASP W 147 -45.72 29.86 -11.65
N ALA W 148 -46.35 28.69 -11.68
CA ALA W 148 -47.58 28.45 -10.92
C ALA W 148 -47.37 28.55 -9.42
N GLN W 149 -46.48 27.73 -8.89
CA GLN W 149 -46.26 27.61 -7.46
C GLN W 149 -44.80 27.90 -7.13
N ARG W 150 -44.53 28.10 -5.84
CA ARG W 150 -43.14 28.26 -5.42
C ARG W 150 -42.50 26.89 -5.48
N ASN W 151 -41.86 26.61 -6.62
CA ASN W 151 -41.43 25.27 -7.00
C ASN W 151 -40.15 25.44 -7.80
N PHE W 152 -39.04 25.07 -7.19
CA PHE W 152 -37.72 25.45 -7.63
C PHE W 152 -36.88 24.22 -7.94
N SER W 153 -35.81 24.44 -8.69
CA SER W 153 -34.92 23.37 -9.11
C SER W 153 -33.52 23.93 -9.15
N VAL W 154 -32.54 23.09 -8.78
CA VAL W 154 -31.13 23.45 -8.83
C VAL W 154 -30.48 22.61 -9.91
N TRP W 155 -29.85 23.30 -10.85
CA TRP W 155 -29.12 22.72 -11.97
C TRP W 155 -27.63 22.84 -11.71
N MET W 156 -26.91 21.74 -11.86
CA MET W 156 -25.46 21.75 -11.80
C MET W 156 -24.95 21.09 -13.06
N ARG W 157 -23.86 21.62 -13.61
CA ARG W 157 -23.31 21.08 -14.84
C ARG W 157 -21.81 21.31 -14.81
N TRP W 158 -21.03 20.29 -15.17
CA TRP W 158 -19.60 20.40 -14.93
C TRP W 158 -18.85 19.46 -15.86
N GLY W 159 -17.59 19.79 -16.09
CA GLY W 159 -16.80 18.98 -17.01
C GLY W 159 -15.54 19.71 -17.46
N ARG W 160 -14.82 19.07 -18.38
CA ARG W 160 -13.72 19.74 -19.05
C ARG W 160 -14.27 20.81 -19.98
N VAL W 161 -13.55 21.94 -20.05
CA VAL W 161 -14.02 23.12 -20.77
C VAL W 161 -14.46 22.76 -22.18
N GLY W 162 -15.65 23.26 -22.54
CA GLY W 162 -16.26 23.04 -23.86
C GLY W 162 -17.24 21.88 -23.91
N LYS W 163 -16.87 20.78 -23.29
CA LYS W 163 -17.69 19.57 -23.28
C LYS W 163 -18.69 19.61 -22.14
N MET W 164 -19.92 19.14 -22.43
CA MET W 164 -20.98 19.17 -21.42
C MET W 164 -20.63 18.33 -20.21
N GLY W 165 -19.80 17.31 -20.36
CA GLY W 165 -19.52 16.39 -19.28
C GLY W 165 -20.73 15.81 -18.57
N GLN W 166 -20.86 16.09 -17.27
CA GLN W 166 -21.95 15.58 -16.47
C GLN W 166 -22.79 16.72 -15.90
N HIS W 167 -23.97 16.36 -15.38
CA HIS W 167 -24.86 17.34 -14.80
C HIS W 167 -25.80 16.64 -13.82
N SER W 168 -26.36 17.43 -12.91
CA SER W 168 -27.28 16.93 -11.90
C SER W 168 -28.43 17.91 -11.69
N LEU W 169 -29.63 17.37 -11.53
CA LEU W 169 -30.81 18.15 -11.18
C LEU W 169 -31.30 17.77 -9.80
N VAL W 170 -31.23 18.70 -8.86
CA VAL W 170 -31.77 18.51 -7.52
C VAL W 170 -33.04 19.35 -7.43
N ALA W 171 -34.19 18.70 -7.31
CA ALA W 171 -35.44 19.42 -7.30
C ALA W 171 -35.79 19.86 -5.88
N CYS W 172 -36.28 21.10 -5.78
CA CYS W 172 -36.58 21.74 -4.50
C CYS W 172 -37.97 22.36 -4.53
N SER W 173 -38.95 21.62 -5.04
CA SER W 173 -40.33 22.06 -4.97
C SER W 173 -40.78 22.37 -3.56
N GLY W 174 -40.15 21.79 -2.56
CA GLY W 174 -40.45 22.07 -1.17
C GLY W 174 -40.39 23.53 -0.79
N ASN W 175 -39.21 24.12 -0.83
CA ASN W 175 -39.05 25.54 -0.50
C ASN W 175 -37.80 26.10 -1.15
N LEU W 176 -37.93 27.30 -1.71
CA LEU W 176 -36.79 28.02 -2.29
C LEU W 176 -35.63 28.18 -1.32
N ASN W 177 -35.91 28.28 -0.01
CA ASN W 177 -34.84 28.45 0.95
C ASN W 177 -33.93 27.22 0.97
N LYS W 178 -34.52 26.03 0.91
CA LYS W 178 -33.72 24.83 0.70
C LYS W 178 -32.80 25.00 -0.50
N ALA W 179 -33.33 25.55 -1.59
CA ALA W 179 -32.52 25.74 -2.80
C ALA W 179 -31.35 26.68 -2.53
N LYS W 180 -31.60 27.78 -1.79
CA LYS W 180 -30.50 28.66 -1.43
C LYS W 180 -29.48 27.92 -0.56
N GLU W 181 -29.96 27.06 0.33
CA GLU W 181 -29.05 26.30 1.18
C GLU W 181 -28.12 25.45 0.35
N ILE W 182 -28.70 24.61 -0.52
CA ILE W 182 -27.91 23.78 -1.43
C ILE W 182 -26.92 24.63 -2.20
N PHE W 183 -27.40 25.71 -2.83
CA PHE W 183 -26.57 26.56 -3.67
C PHE W 183 -25.38 27.13 -2.90
N GLN W 184 -25.67 27.82 -1.79
CA GLN W 184 -24.63 28.53 -1.05
C GLN W 184 -23.67 27.55 -0.38
N LYS W 185 -24.20 26.47 0.20
CA LYS W 185 -23.36 25.46 0.81
C LYS W 185 -22.42 24.85 -0.21
N LYS W 186 -22.96 24.46 -1.37
CA LYS W 186 -22.13 23.89 -2.42
C LYS W 186 -21.08 24.89 -2.90
N PHE W 187 -21.45 26.17 -3.05
CA PHE W 187 -20.46 27.17 -3.44
C PHE W 187 -19.33 27.25 -2.43
N LEU W 188 -19.66 27.20 -1.14
CA LEU W 188 -18.61 27.23 -0.13
C LEU W 188 -17.74 25.99 -0.22
N ASP W 189 -18.37 24.82 -0.27
CA ASP W 189 -17.65 23.56 -0.42
C ASP W 189 -16.67 23.61 -1.58
N LYS W 190 -17.09 24.20 -2.70
CA LYS W 190 -16.34 24.14 -3.94
C LYS W 190 -15.32 25.26 -4.07
N THR W 191 -15.49 26.36 -3.35
CA THR W 191 -14.62 27.51 -3.45
C THR W 191 -13.91 27.89 -2.16
N LYS W 192 -14.45 27.50 -1.00
CA LYS W 192 -14.02 27.96 0.32
C LYS W 192 -14.34 29.43 0.55
N ASN W 193 -15.27 29.97 -0.23
CA ASN W 193 -15.74 31.33 -0.09
C ASN W 193 -17.25 31.27 0.16
N ASN W 194 -17.73 32.08 1.09
CA ASN W 194 -19.16 32.15 1.34
C ASN W 194 -19.88 32.88 0.22
N TRP W 195 -21.17 32.59 0.08
CA TRP W 195 -21.94 33.23 -0.98
C TRP W 195 -22.24 34.69 -0.67
N GLU W 196 -22.64 34.97 0.57
CA GLU W 196 -22.79 36.36 1.01
C GLU W 196 -21.51 37.17 0.85
N ASP W 197 -20.35 36.58 1.13
CA ASP W 197 -19.07 37.26 0.93
C ASP W 197 -18.43 36.98 -0.42
N ARG W 198 -19.22 36.56 -1.42
CA ARG W 198 -18.66 36.17 -2.71
C ARG W 198 -17.91 37.32 -3.37
N GLU W 199 -18.28 38.56 -3.02
CA GLU W 199 -17.71 39.73 -3.68
C GLU W 199 -16.18 39.77 -3.50
N LYS W 200 -15.71 39.47 -2.30
CA LYS W 200 -14.28 39.48 -2.01
C LYS W 200 -13.72 38.07 -2.22
N PHE W 201 -13.62 37.70 -3.48
CA PHE W 201 -13.11 36.38 -3.83
C PHE W 201 -11.59 36.36 -3.87
N GLU W 202 -11.01 35.35 -3.22
CA GLU W 202 -9.57 35.14 -3.21
C GLU W 202 -9.31 33.72 -3.69
N LYS W 203 -8.70 33.59 -4.87
CA LYS W 203 -8.43 32.27 -5.41
C LYS W 203 -7.47 31.46 -4.56
N VAL W 204 -8.00 30.49 -3.84
CA VAL W 204 -7.20 29.56 -3.04
C VAL W 204 -6.80 28.49 -4.05
N PRO W 205 -5.63 27.86 -3.92
CA PRO W 205 -5.27 26.83 -4.91
C PRO W 205 -6.21 25.63 -4.89
N GLY W 206 -6.48 25.11 -6.09
CA GLY W 206 -7.40 24.01 -6.30
C GLY W 206 -8.85 24.24 -5.96
N LYS W 207 -9.38 25.45 -6.16
CA LYS W 207 -10.80 25.70 -6.00
C LYS W 207 -11.29 26.63 -7.10
N TYR W 208 -12.58 26.59 -7.37
CA TYR W 208 -13.15 27.34 -8.48
C TYR W 208 -13.13 28.84 -8.27
N ASP W 209 -12.86 29.56 -9.36
CA ASP W 209 -13.10 30.98 -9.50
C ASP W 209 -14.23 31.15 -10.50
N MET W 210 -14.90 32.30 -10.46
CA MET W 210 -16.02 32.50 -11.36
C MET W 210 -15.58 33.32 -12.56
N LEU W 211 -16.53 33.57 -13.45
CA LEU W 211 -16.30 34.40 -14.63
C LEU W 211 -16.69 35.84 -14.31
N GLN W 212 -15.72 36.73 -14.39
CA GLN W 212 -15.92 38.14 -14.12
C GLN W 212 -16.91 38.77 -15.10
#